data_6LCQ
# 
_entry.id   6LCQ 
# 
_audit_conform.dict_name       mmcif_pdbx.dic 
_audit_conform.dict_version    5.397 
_audit_conform.dict_location   http://mmcif.pdb.org/dictionaries/ascii/mmcif_pdbx.dic 
# 
loop_
_database_2.database_id 
_database_2.database_code 
_database_2.pdbx_database_accession 
_database_2.pdbx_DOI 
PDB   6LCQ         pdb_00006lcq 10.2210/pdb6lcq/pdb 
WWPDB D_1300014565 ?            ?                   
# 
loop_
_pdbx_audit_revision_history.ordinal 
_pdbx_audit_revision_history.data_content_type 
_pdbx_audit_revision_history.major_revision 
_pdbx_audit_revision_history.minor_revision 
_pdbx_audit_revision_history.revision_date 
1 'Structure model' 1 0 2020-04-01 
2 'Structure model' 1 1 2020-07-01 
3 'Structure model' 1 2 2023-11-22 
4 'Structure model' 1 3 2024-10-16 
# 
_pdbx_audit_revision_details.ordinal             1 
_pdbx_audit_revision_details.revision_ordinal    1 
_pdbx_audit_revision_details.data_content_type   'Structure model' 
_pdbx_audit_revision_details.provider            repository 
_pdbx_audit_revision_details.type                'Initial release' 
_pdbx_audit_revision_details.description         ? 
_pdbx_audit_revision_details.details             ? 
# 
loop_
_pdbx_audit_revision_group.ordinal 
_pdbx_audit_revision_group.revision_ordinal 
_pdbx_audit_revision_group.data_content_type 
_pdbx_audit_revision_group.group 
1 2 'Structure model' 'Database references'    
2 3 'Structure model' 'Data collection'        
3 3 'Structure model' 'Database references'    
4 3 'Structure model' 'Refinement description' 
5 4 'Structure model' 'Structure summary'      
# 
loop_
_pdbx_audit_revision_category.ordinal 
_pdbx_audit_revision_category.revision_ordinal 
_pdbx_audit_revision_category.data_content_type 
_pdbx_audit_revision_category.category 
1 2 'Structure model' citation                      
2 3 'Structure model' chem_comp_atom                
3 3 'Structure model' chem_comp_bond                
4 3 'Structure model' database_2                    
5 3 'Structure model' pdbx_initial_refinement_model 
6 4 'Structure model' pdbx_entry_details            
7 4 'Structure model' pdbx_modification_feature     
# 
loop_
_pdbx_audit_revision_item.ordinal 
_pdbx_audit_revision_item.revision_ordinal 
_pdbx_audit_revision_item.data_content_type 
_pdbx_audit_revision_item.item 
1 2 'Structure model' '_citation.journal_volume'                     
2 2 'Structure model' '_citation.page_first'                         
3 2 'Structure model' '_citation.page_last'                          
4 3 'Structure model' '_database_2.pdbx_DOI'                         
5 3 'Structure model' '_database_2.pdbx_database_accession'          
6 4 'Structure model' '_pdbx_entry_details.has_protein_modification' 
# 
_pdbx_database_status.status_code                     REL 
_pdbx_database_status.status_code_sf                  REL 
_pdbx_database_status.status_code_mr                  ? 
_pdbx_database_status.entry_id                        6LCQ 
_pdbx_database_status.recvd_initial_deposition_date   2019-11-19 
_pdbx_database_status.SG_entry                        N 
_pdbx_database_status.deposit_site                    PDBJ 
_pdbx_database_status.process_site                    PDBJ 
_pdbx_database_status.status_code_cs                  ? 
_pdbx_database_status.methods_development_category    ? 
_pdbx_database_status.pdb_format_compatible           Y 
_pdbx_database_status.status_code_nmr_data            ? 
# 
loop_
_audit_author.name 
_audit_author.pdbx_ordinal 
_audit_author.identifier_ORCID 
'Ochiai, A.'    1 ? 
'Ogawa, K.'     2 ? 
'Fukuda, M.'    3 ? 
'Suzuki, M.'    4 ? 
'Ito, K.'       5 ? 
'Tanaka, T.'    6 ? 
'Sagehashi, Y.' 7 ? 
'Taniguchi, M.' 8 ? 
# 
_citation.abstract                  ? 
_citation.abstract_id_CAS           ? 
_citation.book_id_ISBN              ? 
_citation.book_publisher            ? 
_citation.book_publisher_city       ? 
_citation.book_title                ? 
_citation.coordinate_linkage        ? 
_citation.country                   JA 
_citation.database_id_Medline       ? 
_citation.details                   ? 
_citation.id                        primary 
_citation.journal_abbrev            J.Biosci.Bioeng. 
_citation.journal_id_ASTM           ? 
_citation.journal_id_CSD            ? 
_citation.journal_id_ISSN           1389-1723 
_citation.journal_full              ? 
_citation.journal_issue             ? 
_citation.journal_volume            130 
_citation.language                  ? 
_citation.page_first                6 
_citation.page_last                 13 
_citation.title                     'Crystal structure of rice defensin OsAFP1 and molecular insight into lipid-binding.' 
_citation.year                      2020 
_citation.database_id_CSD           ? 
_citation.pdbx_database_id_DOI      10.1016/j.jbiosc.2020.02.011 
_citation.pdbx_database_id_PubMed   32192842 
_citation.unpublished_flag          ? 
# 
loop_
_citation_author.citation_id 
_citation_author.name 
_citation_author.ordinal 
_citation_author.identifier_ORCID 
primary 'Ochiai, A.'    1 ? 
primary 'Ogawa, K.'     2 ? 
primary 'Fukuda, M.'    3 ? 
primary 'Suzuki, M.'    4 ? 
primary 'Ito, K.'       5 ? 
primary 'Tanaka, T.'    6 ? 
primary 'Sagehashi, Y.' 7 ? 
primary 'Taniguchi, M.' 8 ? 
# 
loop_
_entity.id 
_entity.type 
_entity.src_method 
_entity.pdbx_description 
_entity.formula_weight 
_entity.pdbx_number_of_molecules 
_entity.pdbx_ec 
_entity.pdbx_mutation 
_entity.pdbx_fragment 
_entity.details 
1 polymer     man 'Defensin-like protein CAL1' 5975.935 2   ? ? ? ? 
2 non-polymer syn 'PHOSPHATE ION'              94.971   2   ? ? ? ? 
3 water       nat water                        18.015   127 ? ? ? ? 
# 
_entity_name_com.entity_id   1 
_entity_name_com.name        'OsCPT1,Pathogen-related protein 12,OsPR12,Protein CADMIUM ACCUMULATION IN LEAF 1' 
# 
_entity_poly.entity_id                      1 
_entity_poly.type                           'polypeptide(L)' 
_entity_poly.nstd_linkage                   no 
_entity_poly.nstd_monomer                   no 
_entity_poly.pdbx_seq_one_letter_code       GPLGSRHCLSQSHRFKGMCVSSNNCANVCRTESFPDGECKSHGLERKCFCKKVC 
_entity_poly.pdbx_seq_one_letter_code_can   GPLGSRHCLSQSHRFKGMCVSSNNCANVCRTESFPDGECKSHGLERKCFCKKVC 
_entity_poly.pdbx_strand_id                 A,B 
_entity_poly.pdbx_target_identifier         ? 
# 
loop_
_pdbx_entity_nonpoly.entity_id 
_pdbx_entity_nonpoly.name 
_pdbx_entity_nonpoly.comp_id 
2 'PHOSPHATE ION' PO4 
3 water           HOH 
# 
loop_
_entity_poly_seq.entity_id 
_entity_poly_seq.num 
_entity_poly_seq.mon_id 
_entity_poly_seq.hetero 
1 1  GLY n 
1 2  PRO n 
1 3  LEU n 
1 4  GLY n 
1 5  SER n 
1 6  ARG n 
1 7  HIS n 
1 8  CYS n 
1 9  LEU n 
1 10 SER n 
1 11 GLN n 
1 12 SER n 
1 13 HIS n 
1 14 ARG n 
1 15 PHE n 
1 16 LYS n 
1 17 GLY n 
1 18 MET n 
1 19 CYS n 
1 20 VAL n 
1 21 SER n 
1 22 SER n 
1 23 ASN n 
1 24 ASN n 
1 25 CYS n 
1 26 ALA n 
1 27 ASN n 
1 28 VAL n 
1 29 CYS n 
1 30 ARG n 
1 31 THR n 
1 32 GLU n 
1 33 SER n 
1 34 PHE n 
1 35 PRO n 
1 36 ASP n 
1 37 GLY n 
1 38 GLU n 
1 39 CYS n 
1 40 LYS n 
1 41 SER n 
1 42 HIS n 
1 43 GLY n 
1 44 LEU n 
1 45 GLU n 
1 46 ARG n 
1 47 LYS n 
1 48 CYS n 
1 49 PHE n 
1 50 CYS n 
1 51 LYS n 
1 52 LYS n 
1 53 VAL n 
1 54 CYS n 
# 
_entity_src_gen.entity_id                          1 
_entity_src_gen.pdbx_src_id                        1 
_entity_src_gen.pdbx_alt_source_flag               sample 
_entity_src_gen.pdbx_seq_type                      'Biological sequence' 
_entity_src_gen.pdbx_beg_seq_num                   1 
_entity_src_gen.pdbx_end_seq_num                   54 
_entity_src_gen.gene_src_common_name               Rice 
_entity_src_gen.gene_src_genus                     ? 
_entity_src_gen.pdbx_gene_src_gene                 'CAL1, CPT1, PR12, Os02g0629800, LOC_Os02g41904, B1469H02.30, OsJ_07607' 
_entity_src_gen.gene_src_species                   ? 
_entity_src_gen.gene_src_strain                    ? 
_entity_src_gen.gene_src_tissue                    ? 
_entity_src_gen.gene_src_tissue_fraction           ? 
_entity_src_gen.gene_src_details                   ? 
_entity_src_gen.pdbx_gene_src_fragment             ? 
_entity_src_gen.pdbx_gene_src_scientific_name      'Oryza sativa' 
_entity_src_gen.pdbx_gene_src_ncbi_taxonomy_id     4530 
_entity_src_gen.pdbx_gene_src_variant              ? 
_entity_src_gen.pdbx_gene_src_cell_line            ? 
_entity_src_gen.pdbx_gene_src_atcc                 ? 
_entity_src_gen.pdbx_gene_src_organ                ? 
_entity_src_gen.pdbx_gene_src_organelle            ? 
_entity_src_gen.pdbx_gene_src_cell                 ? 
_entity_src_gen.pdbx_gene_src_cellular_location    ? 
_entity_src_gen.host_org_common_name               ? 
_entity_src_gen.pdbx_host_org_scientific_name      'Escherichia coli' 
_entity_src_gen.pdbx_host_org_ncbi_taxonomy_id     562 
_entity_src_gen.host_org_genus                     ? 
_entity_src_gen.pdbx_host_org_gene                 ? 
_entity_src_gen.pdbx_host_org_organ                ? 
_entity_src_gen.host_org_species                   ? 
_entity_src_gen.pdbx_host_org_tissue               ? 
_entity_src_gen.pdbx_host_org_tissue_fraction      ? 
_entity_src_gen.pdbx_host_org_strain               'Rosetta-gami B (DE3) pLysS' 
_entity_src_gen.pdbx_host_org_variant              ? 
_entity_src_gen.pdbx_host_org_cell_line            ? 
_entity_src_gen.pdbx_host_org_atcc                 ? 
_entity_src_gen.pdbx_host_org_culture_collection   ? 
_entity_src_gen.pdbx_host_org_cell                 ? 
_entity_src_gen.pdbx_host_org_organelle            ? 
_entity_src_gen.pdbx_host_org_cellular_location    ? 
_entity_src_gen.pdbx_host_org_vector_type          plasmid 
_entity_src_gen.pdbx_host_org_vector               ? 
_entity_src_gen.host_org_details                   ? 
_entity_src_gen.expression_system_id               ? 
_entity_src_gen.plasmid_name                       pGEX-6p-1 
_entity_src_gen.plasmid_details                    ? 
_entity_src_gen.pdbx_description                   ? 
# 
loop_
_chem_comp.id 
_chem_comp.type 
_chem_comp.mon_nstd_flag 
_chem_comp.name 
_chem_comp.pdbx_synonyms 
_chem_comp.formula 
_chem_comp.formula_weight 
ALA 'L-peptide linking' y ALANINE         ? 'C3 H7 N O2'     89.093  
ARG 'L-peptide linking' y ARGININE        ? 'C6 H15 N4 O2 1' 175.209 
ASN 'L-peptide linking' y ASPARAGINE      ? 'C4 H8 N2 O3'    132.118 
ASP 'L-peptide linking' y 'ASPARTIC ACID' ? 'C4 H7 N O4'     133.103 
CYS 'L-peptide linking' y CYSTEINE        ? 'C3 H7 N O2 S'   121.158 
GLN 'L-peptide linking' y GLUTAMINE       ? 'C5 H10 N2 O3'   146.144 
GLU 'L-peptide linking' y 'GLUTAMIC ACID' ? 'C5 H9 N O4'     147.129 
GLY 'peptide linking'   y GLYCINE         ? 'C2 H5 N O2'     75.067  
HIS 'L-peptide linking' y HISTIDINE       ? 'C6 H10 N3 O2 1' 156.162 
HOH non-polymer         . WATER           ? 'H2 O'           18.015  
LEU 'L-peptide linking' y LEUCINE         ? 'C6 H13 N O2'    131.173 
LYS 'L-peptide linking' y LYSINE          ? 'C6 H15 N2 O2 1' 147.195 
MET 'L-peptide linking' y METHIONINE      ? 'C5 H11 N O2 S'  149.211 
PHE 'L-peptide linking' y PHENYLALANINE   ? 'C9 H11 N O2'    165.189 
PO4 non-polymer         . 'PHOSPHATE ION' ? 'O4 P -3'        94.971  
PRO 'L-peptide linking' y PROLINE         ? 'C5 H9 N O2'     115.130 
SER 'L-peptide linking' y SERINE          ? 'C3 H7 N O3'     105.093 
THR 'L-peptide linking' y THREONINE       ? 'C4 H9 N O3'     119.119 
VAL 'L-peptide linking' y VALINE          ? 'C5 H11 N O2'    117.146 
# 
loop_
_pdbx_poly_seq_scheme.asym_id 
_pdbx_poly_seq_scheme.entity_id 
_pdbx_poly_seq_scheme.seq_id 
_pdbx_poly_seq_scheme.mon_id 
_pdbx_poly_seq_scheme.ndb_seq_num 
_pdbx_poly_seq_scheme.pdb_seq_num 
_pdbx_poly_seq_scheme.auth_seq_num 
_pdbx_poly_seq_scheme.pdb_mon_id 
_pdbx_poly_seq_scheme.auth_mon_id 
_pdbx_poly_seq_scheme.pdb_strand_id 
_pdbx_poly_seq_scheme.pdb_ins_code 
_pdbx_poly_seq_scheme.hetero 
A 1 1  GLY 1  -4 -4 GLY GLY A . n 
A 1 2  PRO 2  -3 -3 PRO PRO A . n 
A 1 3  LEU 3  -2 -2 LEU LEU A . n 
A 1 4  GLY 4  -1 -1 GLY GLY A . n 
A 1 5  SER 5  0  0  SER SER A . n 
A 1 6  ARG 6  1  1  ARG ARG A . n 
A 1 7  HIS 7  2  2  HIS HIS A . n 
A 1 8  CYS 8  3  3  CYS CYS A . n 
A 1 9  LEU 9  4  4  LEU LEU A . n 
A 1 10 SER 10 5  5  SER SER A . n 
A 1 11 GLN 11 6  6  GLN GLN A . n 
A 1 12 SER 12 7  7  SER SER A . n 
A 1 13 HIS 13 8  8  HIS HIS A . n 
A 1 14 ARG 14 9  9  ARG ARG A . n 
A 1 15 PHE 15 10 10 PHE PHE A . n 
A 1 16 LYS 16 11 11 LYS LYS A . n 
A 1 17 GLY 17 12 12 GLY GLY A . n 
A 1 18 MET 18 13 13 MET MET A . n 
A 1 19 CYS 19 14 14 CYS CYS A . n 
A 1 20 VAL 20 15 15 VAL VAL A . n 
A 1 21 SER 21 16 16 SER SER A . n 
A 1 22 SER 22 17 17 SER SER A . n 
A 1 23 ASN 23 18 18 ASN ASN A . n 
A 1 24 ASN 24 19 19 ASN ASN A . n 
A 1 25 CYS 25 20 20 CYS CYS A . n 
A 1 26 ALA 26 21 21 ALA ALA A . n 
A 1 27 ASN 27 22 22 ASN ASN A . n 
A 1 28 VAL 28 23 23 VAL VAL A . n 
A 1 29 CYS 29 24 24 CYS CYS A . n 
A 1 30 ARG 30 25 25 ARG ARG A . n 
A 1 31 THR 31 26 26 THR THR A . n 
A 1 32 GLU 32 27 27 GLU GLU A . n 
A 1 33 SER 33 28 28 SER SER A . n 
A 1 34 PHE 34 29 29 PHE PHE A . n 
A 1 35 PRO 35 30 30 PRO PRO A . n 
A 1 36 ASP 36 31 31 ASP ASP A . n 
A 1 37 GLY 37 32 32 GLY GLY A . n 
A 1 38 GLU 38 33 33 GLU GLU A . n 
A 1 39 CYS 39 34 34 CYS CYS A . n 
A 1 40 LYS 40 35 35 LYS LYS A . n 
A 1 41 SER 41 36 36 SER SER A . n 
A 1 42 HIS 42 37 37 HIS HIS A . n 
A 1 43 GLY 43 38 38 GLY GLY A . n 
A 1 44 LEU 44 39 39 LEU LEU A . n 
A 1 45 GLU 45 40 40 GLU GLU A . n 
A 1 46 ARG 46 41 41 ARG ARG A . n 
A 1 47 LYS 47 42 42 LYS LYS A . n 
A 1 48 CYS 48 43 43 CYS CYS A . n 
A 1 49 PHE 49 44 44 PHE PHE A . n 
A 1 50 CYS 50 45 45 CYS CYS A . n 
A 1 51 LYS 51 46 46 LYS LYS A . n 
A 1 52 LYS 52 47 47 LYS LYS A . n 
A 1 53 VAL 53 48 48 VAL VAL A . n 
A 1 54 CYS 54 49 49 CYS CYS A . n 
B 1 1  GLY 1  -4 -4 GLY GLY B . n 
B 1 2  PRO 2  -3 -3 PRO PRO B . n 
B 1 3  LEU 3  -2 -2 LEU LEU B . n 
B 1 4  GLY 4  -1 -1 GLY GLY B . n 
B 1 5  SER 5  0  0  SER SER B . n 
B 1 6  ARG 6  1  1  ARG ARG B . n 
B 1 7  HIS 7  2  2  HIS HIS B . n 
B 1 8  CYS 8  3  3  CYS CYS B . n 
B 1 9  LEU 9  4  4  LEU LEU B . n 
B 1 10 SER 10 5  5  SER SER B . n 
B 1 11 GLN 11 6  6  GLN GLN B . n 
B 1 12 SER 12 7  7  SER SER B . n 
B 1 13 HIS 13 8  8  HIS HIS B . n 
B 1 14 ARG 14 9  9  ARG ARG B . n 
B 1 15 PHE 15 10 10 PHE PHE B . n 
B 1 16 LYS 16 11 11 LYS LYS B . n 
B 1 17 GLY 17 12 12 GLY GLY B . n 
B 1 18 MET 18 13 13 MET MET B . n 
B 1 19 CYS 19 14 14 CYS CYS B . n 
B 1 20 VAL 20 15 15 VAL VAL B . n 
B 1 21 SER 21 16 16 SER SER B . n 
B 1 22 SER 22 17 17 SER SER B . n 
B 1 23 ASN 23 18 18 ASN ASN B . n 
B 1 24 ASN 24 19 19 ASN ASN B . n 
B 1 25 CYS 25 20 20 CYS CYS B . n 
B 1 26 ALA 26 21 21 ALA ALA B . n 
B 1 27 ASN 27 22 22 ASN ASN B . n 
B 1 28 VAL 28 23 23 VAL VAL B . n 
B 1 29 CYS 29 24 24 CYS CYS B . n 
B 1 30 ARG 30 25 25 ARG ARG B . n 
B 1 31 THR 31 26 26 THR THR B . n 
B 1 32 GLU 32 27 27 GLU GLU B . n 
B 1 33 SER 33 28 28 SER SER B . n 
B 1 34 PHE 34 29 29 PHE PHE B . n 
B 1 35 PRO 35 30 30 PRO PRO B . n 
B 1 36 ASP 36 31 31 ASP ASP B . n 
B 1 37 GLY 37 32 32 GLY GLY B . n 
B 1 38 GLU 38 33 33 GLU GLU B . n 
B 1 39 CYS 39 34 34 CYS CYS B . n 
B 1 40 LYS 40 35 35 LYS LYS B . n 
B 1 41 SER 41 36 36 SER SER B . n 
B 1 42 HIS 42 37 37 HIS HIS B . n 
B 1 43 GLY 43 38 38 GLY GLY B . n 
B 1 44 LEU 44 39 39 LEU LEU B . n 
B 1 45 GLU 45 40 40 GLU GLU B . n 
B 1 46 ARG 46 41 41 ARG ARG B . n 
B 1 47 LYS 47 42 42 LYS LYS B . n 
B 1 48 CYS 48 43 43 CYS CYS B . n 
B 1 49 PHE 49 44 44 PHE PHE B . n 
B 1 50 CYS 50 45 45 CYS CYS B . n 
B 1 51 LYS 51 46 46 LYS LYS B . n 
B 1 52 LYS 52 47 47 LYS LYS B . n 
B 1 53 VAL 53 48 48 VAL VAL B . n 
B 1 54 CYS 54 49 49 CYS CYS B . n 
# 
_pdbx_entity_instance_feature.ordinal        1 
_pdbx_entity_instance_feature.comp_id        PO4 
_pdbx_entity_instance_feature.asym_id        ? 
_pdbx_entity_instance_feature.seq_num        ? 
_pdbx_entity_instance_feature.auth_comp_id   PO4 
_pdbx_entity_instance_feature.auth_asym_id   ? 
_pdbx_entity_instance_feature.auth_seq_num   ? 
_pdbx_entity_instance_feature.feature_type   'SUBJECT OF INVESTIGATION' 
_pdbx_entity_instance_feature.details        ? 
# 
loop_
_pdbx_nonpoly_scheme.asym_id 
_pdbx_nonpoly_scheme.entity_id 
_pdbx_nonpoly_scheme.mon_id 
_pdbx_nonpoly_scheme.ndb_seq_num 
_pdbx_nonpoly_scheme.pdb_seq_num 
_pdbx_nonpoly_scheme.auth_seq_num 
_pdbx_nonpoly_scheme.pdb_mon_id 
_pdbx_nonpoly_scheme.auth_mon_id 
_pdbx_nonpoly_scheme.pdb_strand_id 
_pdbx_nonpoly_scheme.pdb_ins_code 
C 2 PO4 1  101 1   PO4 PO4 A . 
D 2 PO4 1  102 2   PO4 PO4 A . 
E 3 HOH 1  201 104 HOH HOH A . 
E 3 HOH 2  202 97  HOH HOH A . 
E 3 HOH 3  203 66  HOH HOH A . 
E 3 HOH 4  204 48  HOH HOH A . 
E 3 HOH 5  205 31  HOH HOH A . 
E 3 HOH 6  206 93  HOH HOH A . 
E 3 HOH 7  207 88  HOH HOH A . 
E 3 HOH 8  208 101 HOH HOH A . 
E 3 HOH 9  209 49  HOH HOH A . 
E 3 HOH 10 210 76  HOH HOH A . 
E 3 HOH 11 211 69  HOH HOH A . 
E 3 HOH 12 212 28  HOH HOH A . 
E 3 HOH 13 213 74  HOH HOH A . 
E 3 HOH 14 214 65  HOH HOH A . 
E 3 HOH 15 215 61  HOH HOH A . 
E 3 HOH 16 216 108 HOH HOH A . 
E 3 HOH 17 217 27  HOH HOH A . 
E 3 HOH 18 218 72  HOH HOH A . 
E 3 HOH 19 219 87  HOH HOH A . 
E 3 HOH 20 220 4   HOH HOH A . 
E 3 HOH 21 221 10  HOH HOH A . 
E 3 HOH 22 222 30  HOH HOH A . 
E 3 HOH 23 223 115 HOH HOH A . 
E 3 HOH 24 224 8   HOH HOH A . 
E 3 HOH 25 225 109 HOH HOH A . 
E 3 HOH 26 226 112 HOH HOH A . 
E 3 HOH 27 227 106 HOH HOH A . 
E 3 HOH 28 228 15  HOH HOH A . 
E 3 HOH 29 229 39  HOH HOH A . 
E 3 HOH 30 230 16  HOH HOH A . 
E 3 HOH 31 231 11  HOH HOH A . 
E 3 HOH 32 232 40  HOH HOH A . 
E 3 HOH 33 233 41  HOH HOH A . 
E 3 HOH 34 234 46  HOH HOH A . 
E 3 HOH 35 235 51  HOH HOH A . 
E 3 HOH 36 236 37  HOH HOH A . 
E 3 HOH 37 237 57  HOH HOH A . 
E 3 HOH 38 238 34  HOH HOH A . 
E 3 HOH 39 239 71  HOH HOH A . 
E 3 HOH 40 240 67  HOH HOH A . 
E 3 HOH 41 241 7   HOH HOH A . 
E 3 HOH 42 242 138 HOH HOH A . 
E 3 HOH 43 243 92  HOH HOH A . 
E 3 HOH 44 244 12  HOH HOH A . 
E 3 HOH 45 245 77  HOH HOH A . 
E 3 HOH 46 246 53  HOH HOH A . 
E 3 HOH 47 247 73  HOH HOH A . 
E 3 HOH 48 248 52  HOH HOH A . 
E 3 HOH 49 249 86  HOH HOH A . 
E 3 HOH 50 250 1   HOH HOH A . 
E 3 HOH 51 251 124 HOH HOH A . 
E 3 HOH 52 252 117 HOH HOH A . 
E 3 HOH 53 253 59  HOH HOH A . 
E 3 HOH 54 254 100 HOH HOH A . 
E 3 HOH 55 255 99  HOH HOH A . 
E 3 HOH 56 256 56  HOH HOH A . 
E 3 HOH 57 257 118 HOH HOH A . 
F 3 HOH 1  101 142 HOH HOH B . 
F 3 HOH 2  102 90  HOH HOH B . 
F 3 HOH 3  103 79  HOH HOH B . 
F 3 HOH 4  104 68  HOH HOH B . 
F 3 HOH 5  105 64  HOH HOH B . 
F 3 HOH 6  106 107 HOH HOH B . 
F 3 HOH 7  107 36  HOH HOH B . 
F 3 HOH 8  108 18  HOH HOH B . 
F 3 HOH 9  109 44  HOH HOH B . 
F 3 HOH 10 110 120 HOH HOH B . 
F 3 HOH 11 111 35  HOH HOH B . 
F 3 HOH 12 112 110 HOH HOH B . 
F 3 HOH 13 113 102 HOH HOH B . 
F 3 HOH 14 114 91  HOH HOH B . 
F 3 HOH 15 115 45  HOH HOH B . 
F 3 HOH 16 116 54  HOH HOH B . 
F 3 HOH 17 117 47  HOH HOH B . 
F 3 HOH 18 118 19  HOH HOH B . 
F 3 HOH 19 119 89  HOH HOH B . 
F 3 HOH 20 120 81  HOH HOH B . 
F 3 HOH 21 121 25  HOH HOH B . 
F 3 HOH 22 122 95  HOH HOH B . 
F 3 HOH 23 123 21  HOH HOH B . 
F 3 HOH 24 124 63  HOH HOH B . 
F 3 HOH 25 125 38  HOH HOH B . 
F 3 HOH 26 126 5   HOH HOH B . 
F 3 HOH 27 127 6   HOH HOH B . 
F 3 HOH 28 128 17  HOH HOH B . 
F 3 HOH 29 129 96  HOH HOH B . 
F 3 HOH 30 130 85  HOH HOH B . 
F 3 HOH 31 131 119 HOH HOH B . 
F 3 HOH 32 132 70  HOH HOH B . 
F 3 HOH 33 133 94  HOH HOH B . 
F 3 HOH 34 134 42  HOH HOH B . 
F 3 HOH 35 135 33  HOH HOH B . 
F 3 HOH 36 136 78  HOH HOH B . 
F 3 HOH 37 137 43  HOH HOH B . 
F 3 HOH 38 138 84  HOH HOH B . 
F 3 HOH 39 139 29  HOH HOH B . 
F 3 HOH 40 140 23  HOH HOH B . 
F 3 HOH 41 141 9   HOH HOH B . 
F 3 HOH 42 142 24  HOH HOH B . 
F 3 HOH 43 143 14  HOH HOH B . 
F 3 HOH 44 144 50  HOH HOH B . 
F 3 HOH 45 145 60  HOH HOH B . 
F 3 HOH 46 146 80  HOH HOH B . 
F 3 HOH 47 147 75  HOH HOH B . 
F 3 HOH 48 148 13  HOH HOH B . 
F 3 HOH 49 149 22  HOH HOH B . 
F 3 HOH 50 150 55  HOH HOH B . 
F 3 HOH 51 151 83  HOH HOH B . 
F 3 HOH 52 152 32  HOH HOH B . 
F 3 HOH 53 153 20  HOH HOH B . 
F 3 HOH 54 154 26  HOH HOH B . 
F 3 HOH 55 155 82  HOH HOH B . 
F 3 HOH 56 156 128 HOH HOH B . 
F 3 HOH 57 157 58  HOH HOH B . 
F 3 HOH 58 158 126 HOH HOH B . 
F 3 HOH 59 159 143 HOH HOH B . 
F 3 HOH 60 160 62  HOH HOH B . 
F 3 HOH 61 161 105 HOH HOH B . 
F 3 HOH 62 162 98  HOH HOH B . 
F 3 HOH 63 163 103 HOH HOH B . 
F 3 HOH 64 164 122 HOH HOH B . 
F 3 HOH 65 165 132 HOH HOH B . 
F 3 HOH 66 166 140 HOH HOH B . 
F 3 HOH 67 167 127 HOH HOH B . 
F 3 HOH 68 168 139 HOH HOH B . 
F 3 HOH 69 169 135 HOH HOH B . 
F 3 HOH 70 170 136 HOH HOH B . 
# 
loop_
_software.citation_id 
_software.classification 
_software.compiler_name 
_software.compiler_version 
_software.contact_author 
_software.contact_author_email 
_software.date 
_software.description 
_software.dependencies 
_software.hardware 
_software.language 
_software.location 
_software.mods 
_software.name 
_software.os 
_software.os_version 
_software.type 
_software.version 
_software.pdbx_ordinal 
? refinement        ? ? ? ? ? ? ? ? ? ? ? REFMAC      ? ? ? 5.7.0029 1 
? 'data extraction' ? ? ? ? ? ? ? ? ? ? ? PDB_EXTRACT ? ? ? 3.25     2 
? 'data reduction'  ? ? ? ? ? ? ? ? ? ? ? HKL-2000    ? ? ? .        3 
? 'data scaling'    ? ? ? ? ? ? ? ? ? ? ? HKL-2000    ? ? ? .        4 
? phasing           ? ? ? ? ? ? ? ? ? ? ? MOLREP      ? ? ? .        5 
# 
_cell.angle_alpha                  90.000 
_cell.angle_alpha_esd              ? 
_cell.angle_beta                   90.000 
_cell.angle_beta_esd               ? 
_cell.angle_gamma                  90.000 
_cell.angle_gamma_esd              ? 
_cell.entry_id                     6LCQ 
_cell.details                      ? 
_cell.formula_units_Z              ? 
_cell.length_a                     38.139 
_cell.length_a_esd                 ? 
_cell.length_b                     41.713 
_cell.length_b_esd                 ? 
_cell.length_c                     59.154 
_cell.length_c_esd                 ? 
_cell.volume                       ? 
_cell.volume_esd                   ? 
_cell.Z_PDB                        8 
_cell.reciprocal_angle_alpha       ? 
_cell.reciprocal_angle_beta        ? 
_cell.reciprocal_angle_gamma       ? 
_cell.reciprocal_angle_alpha_esd   ? 
_cell.reciprocal_angle_beta_esd    ? 
_cell.reciprocal_angle_gamma_esd   ? 
_cell.reciprocal_length_a          ? 
_cell.reciprocal_length_b          ? 
_cell.reciprocal_length_c          ? 
_cell.reciprocal_length_a_esd      ? 
_cell.reciprocal_length_b_esd      ? 
_cell.reciprocal_length_c_esd      ? 
_cell.pdbx_unique_axis             ? 
# 
_symmetry.entry_id                         6LCQ 
_symmetry.cell_setting                     ? 
_symmetry.Int_Tables_number                19 
_symmetry.space_group_name_Hall            ? 
_symmetry.space_group_name_H-M             'P 21 21 21' 
_symmetry.pdbx_full_space_group_name_H-M   ? 
# 
_exptl.absorpt_coefficient_mu     ? 
_exptl.absorpt_correction_T_max   ? 
_exptl.absorpt_correction_T_min   ? 
_exptl.absorpt_correction_type    ? 
_exptl.absorpt_process_details    ? 
_exptl.entry_id                   6LCQ 
_exptl.crystals_number            1 
_exptl.details                    ? 
_exptl.method                     'X-RAY DIFFRACTION' 
_exptl.method_details             ? 
# 
_exptl_crystal.colour                      ? 
_exptl_crystal.density_diffrn              ? 
_exptl_crystal.density_Matthews            1.97 
_exptl_crystal.density_method              ? 
_exptl_crystal.density_percent_sol         37.51 
_exptl_crystal.description                 ? 
_exptl_crystal.F_000                       ? 
_exptl_crystal.id                          1 
_exptl_crystal.preparation                 ? 
_exptl_crystal.size_max                    ? 
_exptl_crystal.size_mid                    ? 
_exptl_crystal.size_min                    ? 
_exptl_crystal.size_rad                    ? 
_exptl_crystal.colour_lustre               ? 
_exptl_crystal.colour_modifier             ? 
_exptl_crystal.colour_primary              ? 
_exptl_crystal.density_meas                ? 
_exptl_crystal.density_meas_esd            ? 
_exptl_crystal.density_meas_gt             ? 
_exptl_crystal.density_meas_lt             ? 
_exptl_crystal.density_meas_temp           ? 
_exptl_crystal.density_meas_temp_esd       ? 
_exptl_crystal.density_meas_temp_gt        ? 
_exptl_crystal.density_meas_temp_lt        ? 
_exptl_crystal.pdbx_crystal_image_url      ? 
_exptl_crystal.pdbx_crystal_image_format   ? 
_exptl_crystal.pdbx_mosaicity              ? 
_exptl_crystal.pdbx_mosaicity_esd          ? 
# 
_exptl_crystal_grow.apparatus       ? 
_exptl_crystal_grow.atmosphere      ? 
_exptl_crystal_grow.crystal_id      1 
_exptl_crystal_grow.details         ? 
_exptl_crystal_grow.method          'VAPOR DIFFUSION, SITTING DROP' 
_exptl_crystal_grow.method_ref      ? 
_exptl_crystal_grow.pH              4.8 
_exptl_crystal_grow.pressure        ? 
_exptl_crystal_grow.pressure_esd    ? 
_exptl_crystal_grow.seeding         ? 
_exptl_crystal_grow.seeding_ref     ? 
_exptl_crystal_grow.temp            293 
_exptl_crystal_grow.temp_details    ? 
_exptl_crystal_grow.temp_esd        ? 
_exptl_crystal_grow.time            ? 
_exptl_crystal_grow.pdbx_details    '20% w/v polyethylene glycol 3350, 0.1 M potassium phosphate monobasic' 
_exptl_crystal_grow.pdbx_pH_range   ? 
# 
_diffrn.ambient_environment              ? 
_diffrn.ambient_temp                     95 
_diffrn.ambient_temp_details             ? 
_diffrn.ambient_temp_esd                 ? 
_diffrn.crystal_id                       1 
_diffrn.crystal_support                  ? 
_diffrn.crystal_treatment                ? 
_diffrn.details                          ? 
_diffrn.id                               1 
_diffrn.ambient_pressure                 ? 
_diffrn.ambient_pressure_esd             ? 
_diffrn.ambient_pressure_gt              ? 
_diffrn.ambient_pressure_lt              ? 
_diffrn.ambient_temp_gt                  ? 
_diffrn.ambient_temp_lt                  ? 
_diffrn.pdbx_serial_crystal_experiment   N 
# 
_diffrn_detector.details                      ? 
_diffrn_detector.detector                     PIXEL 
_diffrn_detector.diffrn_id                    1 
_diffrn_detector.type                         'DECTRIS PILATUS3 S 2M' 
_diffrn_detector.area_resol_mean              ? 
_diffrn_detector.dtime                        ? 
_diffrn_detector.pdbx_frames_total            ? 
_diffrn_detector.pdbx_collection_time_total   ? 
_diffrn_detector.pdbx_collection_date         2018-12-14 
_diffrn_detector.pdbx_frequency               ? 
# 
_diffrn_radiation.collimation                      ? 
_diffrn_radiation.diffrn_id                        1 
_diffrn_radiation.filter_edge                      ? 
_diffrn_radiation.inhomogeneity                    ? 
_diffrn_radiation.monochromator                    ? 
_diffrn_radiation.polarisn_norm                    ? 
_diffrn_radiation.polarisn_ratio                   ? 
_diffrn_radiation.probe                            ? 
_diffrn_radiation.type                             ? 
_diffrn_radiation.xray_symbol                      ? 
_diffrn_radiation.wavelength_id                    1 
_diffrn_radiation.pdbx_monochromatic_or_laue_m_l   M 
_diffrn_radiation.pdbx_wavelength_list             ? 
_diffrn_radiation.pdbx_wavelength                  ? 
_diffrn_radiation.pdbx_diffrn_protocol             'SINGLE WAVELENGTH' 
_diffrn_radiation.pdbx_analyzer                    ? 
_diffrn_radiation.pdbx_scattering_type             x-ray 
# 
_diffrn_radiation_wavelength.id           1 
_diffrn_radiation_wavelength.wavelength   1.000 
_diffrn_radiation_wavelength.wt           1.0 
# 
_diffrn_source.current                     ? 
_diffrn_source.details                     ? 
_diffrn_source.diffrn_id                   1 
_diffrn_source.power                       ? 
_diffrn_source.size                        ? 
_diffrn_source.source                      SYNCHROTRON 
_diffrn_source.target                      ? 
_diffrn_source.type                        'PHOTON FACTORY BEAMLINE AR-NW12A' 
_diffrn_source.voltage                     ? 
_diffrn_source.take-off_angle              ? 
_diffrn_source.pdbx_wavelength_list        1.000 
_diffrn_source.pdbx_wavelength             ? 
_diffrn_source.pdbx_synchrotron_beamline   AR-NW12A 
_diffrn_source.pdbx_synchrotron_site       'Photon Factory' 
# 
_reflns.B_iso_Wilson_estimate            ? 
_reflns.entry_id                         6LCQ 
_reflns.data_reduction_details           ? 
_reflns.data_reduction_method            ? 
_reflns.d_resolution_high                1.62 
_reflns.d_resolution_low                 50.00 
_reflns.details                          ? 
_reflns.limit_h_max                      ? 
_reflns.limit_h_min                      ? 
_reflns.limit_k_max                      ? 
_reflns.limit_k_min                      ? 
_reflns.limit_l_max                      ? 
_reflns.limit_l_min                      ? 
_reflns.number_all                       ? 
_reflns.number_obs                       12570 
_reflns.observed_criterion               ? 
_reflns.observed_criterion_F_max         ? 
_reflns.observed_criterion_F_min         ? 
_reflns.observed_criterion_I_max         ? 
_reflns.observed_criterion_I_min         ? 
_reflns.observed_criterion_sigma_F       ? 
_reflns.observed_criterion_sigma_I       ? 
_reflns.percent_possible_obs             99.7 
_reflns.R_free_details                   ? 
_reflns.Rmerge_F_all                     ? 
_reflns.Rmerge_F_obs                     ? 
_reflns.Friedel_coverage                 ? 
_reflns.number_gt                        ? 
_reflns.threshold_expression             ? 
_reflns.pdbx_redundancy                  11.7 
_reflns.pdbx_Rmerge_I_obs                0.096 
_reflns.pdbx_Rmerge_I_all                ? 
_reflns.pdbx_Rsym_value                  ? 
_reflns.pdbx_netI_over_av_sigmaI         ? 
_reflns.pdbx_netI_over_sigmaI            39.8 
_reflns.pdbx_res_netI_over_av_sigmaI_2   ? 
_reflns.pdbx_res_netI_over_sigmaI_2      ? 
_reflns.pdbx_chi_squared                 ? 
_reflns.pdbx_scaling_rejects             ? 
_reflns.pdbx_d_res_high_opt              ? 
_reflns.pdbx_d_res_low_opt               ? 
_reflns.pdbx_d_res_opt_method            ? 
_reflns.phase_calculation_details        ? 
_reflns.pdbx_Rrim_I_all                  ? 
_reflns.pdbx_Rpim_I_all                  ? 
_reflns.pdbx_d_opt                       ? 
_reflns.pdbx_number_measured_all         ? 
_reflns.pdbx_diffrn_id                   1 
_reflns.pdbx_ordinal                     1 
_reflns.pdbx_CC_half                     ? 
_reflns.pdbx_CC_star                     ? 
_reflns.pdbx_R_split                     ? 
# 
_reflns_shell.d_res_high                  1.62 
_reflns_shell.d_res_low                   1.65 
_reflns_shell.meanI_over_sigI_all         ? 
_reflns_shell.meanI_over_sigI_obs         4.8 
_reflns_shell.number_measured_all         ? 
_reflns_shell.number_measured_obs         ? 
_reflns_shell.number_possible             ? 
_reflns_shell.number_unique_all           ? 
_reflns_shell.number_unique_obs           12570 
_reflns_shell.percent_possible_all        96.7 
_reflns_shell.percent_possible_obs        ? 
_reflns_shell.Rmerge_F_all                ? 
_reflns_shell.Rmerge_F_obs                ? 
_reflns_shell.Rmerge_I_all                ? 
_reflns_shell.Rmerge_I_obs                0.365 
_reflns_shell.meanI_over_sigI_gt          ? 
_reflns_shell.meanI_over_uI_all           ? 
_reflns_shell.meanI_over_uI_gt            ? 
_reflns_shell.number_measured_gt          ? 
_reflns_shell.number_unique_gt            ? 
_reflns_shell.percent_possible_gt         ? 
_reflns_shell.Rmerge_F_gt                 ? 
_reflns_shell.Rmerge_I_gt                 ? 
_reflns_shell.pdbx_redundancy             9.3 
_reflns_shell.pdbx_Rsym_value             ? 
_reflns_shell.pdbx_chi_squared            ? 
_reflns_shell.pdbx_netI_over_sigmaI_all   ? 
_reflns_shell.pdbx_netI_over_sigmaI_obs   ? 
_reflns_shell.pdbx_Rrim_I_all             ? 
_reflns_shell.pdbx_Rpim_I_all             ? 
_reflns_shell.pdbx_rejects                ? 
_reflns_shell.pdbx_ordinal                1 
_reflns_shell.pdbx_diffrn_id              1 
_reflns_shell.pdbx_CC_half                ? 
_reflns_shell.pdbx_CC_star                ? 
_reflns_shell.pdbx_R_split                ? 
# 
_refine.aniso_B[1][1]                            -0.1000 
_refine.aniso_B[1][2]                            0.0000 
_refine.aniso_B[1][3]                            0.0000 
_refine.aniso_B[2][2]                            -0.0000 
_refine.aniso_B[2][3]                            -0.0000 
_refine.aniso_B[3][3]                            0.1000 
_refine.B_iso_max                                51.170 
_refine.B_iso_mean                               19.0210 
_refine.B_iso_min                                5.980 
_refine.correlation_coeff_Fo_to_Fc               0.9520 
_refine.correlation_coeff_Fo_to_Fc_free          0.9410 
_refine.details                                  
'HYDROGENS HAVE BEEN ADDED IN THE RIDING POSITIONS U VALUES      : REFINED INDIVIDUALLY' 
_refine.diff_density_max                         ? 
_refine.diff_density_max_esd                     ? 
_refine.diff_density_min                         ? 
_refine.diff_density_min_esd                     ? 
_refine.diff_density_rms                         ? 
_refine.diff_density_rms_esd                     ? 
_refine.entry_id                                 6LCQ 
_refine.pdbx_refine_id                           'X-RAY DIFFRACTION' 
_refine.ls_abs_structure_details                 ? 
_refine.ls_abs_structure_Flack                   ? 
_refine.ls_abs_structure_Flack_esd               ? 
_refine.ls_abs_structure_Rogers                  ? 
_refine.ls_abs_structure_Rogers_esd              ? 
_refine.ls_d_res_high                            1.6200 
_refine.ls_d_res_low                             19.6700 
_refine.ls_extinction_coef                       ? 
_refine.ls_extinction_coef_esd                   ? 
_refine.ls_extinction_expression                 ? 
_refine.ls_extinction_method                     ? 
_refine.ls_goodness_of_fit_all                   ? 
_refine.ls_goodness_of_fit_all_esd               ? 
_refine.ls_goodness_of_fit_obs                   ? 
_refine.ls_goodness_of_fit_obs_esd               ? 
_refine.ls_hydrogen_treatment                    ? 
_refine.ls_matrix_type                           ? 
_refine.ls_number_constraints                    ? 
_refine.ls_number_parameters                     ? 
_refine.ls_number_reflns_all                     ? 
_refine.ls_number_reflns_obs                     11876 
_refine.ls_number_reflns_R_free                  642 
_refine.ls_number_reflns_R_work                  ? 
_refine.ls_number_restraints                     ? 
_refine.ls_percent_reflns_obs                    99.4000 
_refine.ls_percent_reflns_R_free                 5.1000 
_refine.ls_R_factor_all                          ? 
_refine.ls_R_factor_obs                          0.2019 
_refine.ls_R_factor_R_free                       0.2418 
_refine.ls_R_factor_R_free_error                 ? 
_refine.ls_R_factor_R_free_error_details         ? 
_refine.ls_R_factor_R_work                       0.1998 
_refine.ls_R_Fsqd_factor_obs                     ? 
_refine.ls_R_I_factor_obs                        ? 
_refine.ls_redundancy_reflns_all                 ? 
_refine.ls_redundancy_reflns_obs                 ? 
_refine.ls_restrained_S_all                      ? 
_refine.ls_restrained_S_obs                      ? 
_refine.ls_shift_over_esd_max                    ? 
_refine.ls_shift_over_esd_mean                   ? 
_refine.ls_structure_factor_coef                 ? 
_refine.ls_weighting_details                     ? 
_refine.ls_weighting_scheme                      ? 
_refine.ls_wR_factor_all                         ? 
_refine.ls_wR_factor_obs                         ? 
_refine.ls_wR_factor_R_free                      ? 
_refine.ls_wR_factor_R_work                      ? 
_refine.occupancy_max                            ? 
_refine.occupancy_min                            ? 
_refine.solvent_model_details                    ? 
_refine.solvent_model_param_bsol                 ? 
_refine.solvent_model_param_ksol                 ? 
_refine.pdbx_R_complete                          ? 
_refine.ls_R_factor_gt                           ? 
_refine.ls_goodness_of_fit_gt                    ? 
_refine.ls_goodness_of_fit_ref                   ? 
_refine.ls_shift_over_su_max                     ? 
_refine.ls_shift_over_su_max_lt                  ? 
_refine.ls_shift_over_su_mean                    ? 
_refine.ls_shift_over_su_mean_lt                 ? 
_refine.pdbx_ls_sigma_I                          ? 
_refine.pdbx_ls_sigma_F                          0.000 
_refine.pdbx_ls_sigma_Fsqd                       ? 
_refine.pdbx_data_cutoff_high_absF               ? 
_refine.pdbx_data_cutoff_high_rms_absF           ? 
_refine.pdbx_data_cutoff_low_absF                ? 
_refine.pdbx_isotropic_thermal_model             ? 
_refine.pdbx_ls_cross_valid_method               THROUGHOUT 
_refine.pdbx_method_to_determine_struct          'MOLECULAR REPLACEMENT' 
_refine.pdbx_starting_model                      2LR3 
_refine.pdbx_stereochemistry_target_values       ? 
_refine.pdbx_R_Free_selection_details            RANDOM 
_refine.pdbx_stereochem_target_val_spec_case     ? 
_refine.pdbx_overall_ESU_R                       0.1140 
_refine.pdbx_overall_ESU_R_Free                  0.1130 
_refine.pdbx_solvent_vdw_probe_radii             1.2000 
_refine.pdbx_solvent_ion_probe_radii             0.8000 
_refine.pdbx_solvent_shrinkage_radii             0.8000 
_refine.pdbx_real_space_R                        ? 
_refine.pdbx_density_correlation                 ? 
_refine.pdbx_pd_number_of_powder_patterns        ? 
_refine.pdbx_pd_number_of_points                 ? 
_refine.pdbx_pd_meas_number_of_points            ? 
_refine.pdbx_pd_proc_ls_prof_R_factor            ? 
_refine.pdbx_pd_proc_ls_prof_wR_factor           ? 
_refine.pdbx_pd_Marquardt_correlation_coeff      ? 
_refine.pdbx_pd_Fsqrd_R_factor                   ? 
_refine.pdbx_pd_ls_matrix_band_width             ? 
_refine.pdbx_overall_phase_error                 ? 
_refine.pdbx_overall_SU_R_free_Cruickshank_DPI   ? 
_refine.pdbx_overall_SU_R_free_Blow_DPI          ? 
_refine.pdbx_overall_SU_R_Blow_DPI               ? 
_refine.pdbx_TLS_residual_ADP_flag               ? 
_refine.pdbx_diffrn_id                           1 
_refine.overall_SU_B                             1.7890 
_refine.overall_SU_ML                            0.0640 
_refine.overall_SU_R_Cruickshank_DPI             ? 
_refine.overall_SU_R_free                        ? 
_refine.overall_FOM_free_R_set                   ? 
_refine.overall_FOM_work_R_set                   ? 
_refine.pdbx_average_fsc_overall                 ? 
_refine.pdbx_average_fsc_work                    ? 
_refine.pdbx_average_fsc_free                    ? 
# 
_refine_hist.pdbx_refine_id                   'X-RAY DIFFRACTION' 
_refine_hist.cycle_id                         final 
_refine_hist.details                          ? 
_refine_hist.d_res_high                       1.6200 
_refine_hist.d_res_low                        19.6700 
_refine_hist.number_atoms_solvent             127 
_refine_hist.number_atoms_total               957 
_refine_hist.number_reflns_all                ? 
_refine_hist.number_reflns_obs                ? 
_refine_hist.number_reflns_R_free             ? 
_refine_hist.number_reflns_R_work             ? 
_refine_hist.R_factor_all                     ? 
_refine_hist.R_factor_obs                     ? 
_refine_hist.R_factor_R_free                  ? 
_refine_hist.R_factor_R_work                  ? 
_refine_hist.pdbx_number_residues_total       108 
_refine_hist.pdbx_B_iso_mean_ligand           38.29 
_refine_hist.pdbx_B_iso_mean_solvent          30.52 
_refine_hist.pdbx_number_atoms_protein        820 
_refine_hist.pdbx_number_atoms_nucleic_acid   0 
_refine_hist.pdbx_number_atoms_ligand         10 
_refine_hist.pdbx_number_atoms_lipid          ? 
_refine_hist.pdbx_number_atoms_carb           ? 
_refine_hist.pdbx_pseudo_atom_details         ? 
# 
loop_
_refine_ls_restr.pdbx_refine_id 
_refine_ls_restr.criterion 
_refine_ls_restr.dev_ideal 
_refine_ls_restr.dev_ideal_target 
_refine_ls_restr.number 
_refine_ls_restr.rejects 
_refine_ls_restr.type 
_refine_ls_restr.weight 
_refine_ls_restr.pdbx_restraint_function 
'X-RAY DIFFRACTION' ? 0.008  0.019  850  ? r_bond_refined_d       ? ? 
'X-RAY DIFFRACTION' ? 0.001  0.020  790  ? r_bond_other_d         ? ? 
'X-RAY DIFFRACTION' ? 1.713  1.957  1136 ? r_angle_refined_deg    ? ? 
'X-RAY DIFFRACTION' ? 0.713  3.018  1814 ? r_angle_other_deg      ? ? 
'X-RAY DIFFRACTION' ? 6.160  5.000  106  ? r_dihedral_angle_1_deg ? ? 
'X-RAY DIFFRACTION' ? 29.386 22.222 36   ? r_dihedral_angle_2_deg ? ? 
'X-RAY DIFFRACTION' ? 13.104 15.000 156  ? r_dihedral_angle_3_deg ? ? 
'X-RAY DIFFRACTION' ? 17.709 15.000 8    ? r_dihedral_angle_4_deg ? ? 
'X-RAY DIFFRACTION' ? 0.080  0.200  112  ? r_chiral_restr         ? ? 
'X-RAY DIFFRACTION' ? 0.005  0.021  952  ? r_gen_planes_refined   ? ? 
'X-RAY DIFFRACTION' ? 0.001  0.020  204  ? r_gen_planes_other     ? ? 
# 
_refine_ls_shell.pdbx_refine_id                   'X-RAY DIFFRACTION' 
_refine_ls_shell.d_res_high                       1.62 
_refine_ls_shell.d_res_low                        1.65 
_refine_ls_shell.number_reflns_all                ? 
_refine_ls_shell.number_reflns_obs                ? 
_refine_ls_shell.number_reflns_R_free             39 
_refine_ls_shell.number_reflns_R_work             800 
_refine_ls_shell.percent_reflns_obs               93.3300 
_refine_ls_shell.percent_reflns_R_free            ? 
_refine_ls_shell.R_factor_all                     ? 
_refine_ls_shell.R_factor_obs                     ? 
_refine_ls_shell.R_factor_R_free                  0.2630 
_refine_ls_shell.R_factor_R_free_error            0.0000 
_refine_ls_shell.R_factor_R_work                  0.2430 
_refine_ls_shell.redundancy_reflns_all            ? 
_refine_ls_shell.redundancy_reflns_obs            ? 
_refine_ls_shell.wR_factor_all                    ? 
_refine_ls_shell.wR_factor_obs                    ? 
_refine_ls_shell.wR_factor_R_free                 ? 
_refine_ls_shell.wR_factor_R_work                 ? 
_refine_ls_shell.pdbx_R_complete                  ? 
_refine_ls_shell.pdbx_total_number_of_bins_used   ? 
_refine_ls_shell.pdbx_phase_error                 ? 
_refine_ls_shell.pdbx_fsc_work                    ? 
_refine_ls_shell.pdbx_fsc_free                    ? 
# 
_struct.entry_id                     6LCQ 
_struct.title                        'Crystal structure of rice defensin OsAFP1' 
_struct.pdbx_model_details           ? 
_struct.pdbx_formula_weight          ? 
_struct.pdbx_formula_weight_method   ? 
_struct.pdbx_model_type_details      ? 
_struct.pdbx_CASP_flag               N 
# 
_struct_keywords.entry_id        6LCQ 
_struct_keywords.text            
'Rice, Oryza sativa, Defensin, Antifungal, Cysteine-stabilized alpha/beta structure, ANTIFUNGAL PROTEIN' 
_struct_keywords.pdbx_keywords   'ANTIFUNGAL PROTEIN' 
# 
loop_
_struct_asym.id 
_struct_asym.pdbx_blank_PDB_chainid_flag 
_struct_asym.pdbx_modified 
_struct_asym.entity_id 
_struct_asym.details 
A N N 1 ? 
B N N 1 ? 
C N N 2 ? 
D N N 2 ? 
E N N 3 ? 
F N N 3 ? 
# 
_struct_ref.id                         1 
_struct_ref.db_name                    UNP 
_struct_ref.db_code                    CAL1_ORYSJ 
_struct_ref.pdbx_db_accession          Q6K209 
_struct_ref.pdbx_db_isoform            ? 
_struct_ref.entity_id                  1 
_struct_ref.pdbx_seq_one_letter_code   RHCLSQSHRFKGMCVSSNNCANVCRTESFPDGECKSHGLERKCFCKKVC 
_struct_ref.pdbx_align_begin           32 
# 
loop_
_struct_ref_seq.align_id 
_struct_ref_seq.ref_id 
_struct_ref_seq.pdbx_PDB_id_code 
_struct_ref_seq.pdbx_strand_id 
_struct_ref_seq.seq_align_beg 
_struct_ref_seq.pdbx_seq_align_beg_ins_code 
_struct_ref_seq.seq_align_end 
_struct_ref_seq.pdbx_seq_align_end_ins_code 
_struct_ref_seq.pdbx_db_accession 
_struct_ref_seq.db_align_beg 
_struct_ref_seq.pdbx_db_align_beg_ins_code 
_struct_ref_seq.db_align_end 
_struct_ref_seq.pdbx_db_align_end_ins_code 
_struct_ref_seq.pdbx_auth_seq_align_beg 
_struct_ref_seq.pdbx_auth_seq_align_end 
1 1 6LCQ A 6 ? 54 ? Q6K209 32 ? 80 ? 1 49 
2 1 6LCQ B 6 ? 54 ? Q6K209 32 ? 80 ? 1 49 
# 
loop_
_struct_ref_seq_dif.align_id 
_struct_ref_seq_dif.pdbx_pdb_id_code 
_struct_ref_seq_dif.mon_id 
_struct_ref_seq_dif.pdbx_pdb_strand_id 
_struct_ref_seq_dif.seq_num 
_struct_ref_seq_dif.pdbx_pdb_ins_code 
_struct_ref_seq_dif.pdbx_seq_db_name 
_struct_ref_seq_dif.pdbx_seq_db_accession_code 
_struct_ref_seq_dif.db_mon_id 
_struct_ref_seq_dif.pdbx_seq_db_seq_num 
_struct_ref_seq_dif.details 
_struct_ref_seq_dif.pdbx_auth_seq_num 
_struct_ref_seq_dif.pdbx_ordinal 
1 6LCQ GLY A 1 ? UNP Q6K209 ? ? 'expression tag' -4 1  
1 6LCQ PRO A 2 ? UNP Q6K209 ? ? 'expression tag' -3 2  
1 6LCQ LEU A 3 ? UNP Q6K209 ? ? 'expression tag' -2 3  
1 6LCQ GLY A 4 ? UNP Q6K209 ? ? 'expression tag' -1 4  
1 6LCQ SER A 5 ? UNP Q6K209 ? ? 'expression tag' 0  5  
2 6LCQ GLY B 1 ? UNP Q6K209 ? ? 'expression tag' -4 6  
2 6LCQ PRO B 2 ? UNP Q6K209 ? ? 'expression tag' -3 7  
2 6LCQ LEU B 3 ? UNP Q6K209 ? ? 'expression tag' -2 8  
2 6LCQ GLY B 4 ? UNP Q6K209 ? ? 'expression tag' -1 9  
2 6LCQ SER B 5 ? UNP Q6K209 ? ? 'expression tag' 0  10 
# 
_pdbx_struct_assembly.id                   1 
_pdbx_struct_assembly.details              author_and_software_defined_assembly 
_pdbx_struct_assembly.method_details       PISA 
_pdbx_struct_assembly.oligomeric_details   dimeric 
_pdbx_struct_assembly.oligomeric_count     2 
# 
loop_
_pdbx_struct_assembly_prop.biol_id 
_pdbx_struct_assembly_prop.type 
_pdbx_struct_assembly_prop.value 
_pdbx_struct_assembly_prop.details 
1 'ABSA (A^2)' 1380 ? 
1 MORE         -12  ? 
1 'SSA (A^2)'  7120 ? 
# 
_pdbx_struct_assembly_gen.assembly_id       1 
_pdbx_struct_assembly_gen.oper_expression   1 
_pdbx_struct_assembly_gen.asym_id_list      A,B,C,D,E,F 
# 
_pdbx_struct_assembly_auth_evidence.id                     1 
_pdbx_struct_assembly_auth_evidence.assembly_id            1 
_pdbx_struct_assembly_auth_evidence.experimental_support   cross-linking 
_pdbx_struct_assembly_auth_evidence.details                ? 
# 
_pdbx_struct_oper_list.id                   1 
_pdbx_struct_oper_list.type                 'identity operation' 
_pdbx_struct_oper_list.name                 1_555 
_pdbx_struct_oper_list.symmetry_operation   x,y,z 
_pdbx_struct_oper_list.matrix[1][1]         1.0000000000 
_pdbx_struct_oper_list.matrix[1][2]         0.0000000000 
_pdbx_struct_oper_list.matrix[1][3]         0.0000000000 
_pdbx_struct_oper_list.vector[1]            0.0000000000 
_pdbx_struct_oper_list.matrix[2][1]         0.0000000000 
_pdbx_struct_oper_list.matrix[2][2]         1.0000000000 
_pdbx_struct_oper_list.matrix[2][3]         0.0000000000 
_pdbx_struct_oper_list.vector[2]            0.0000000000 
_pdbx_struct_oper_list.matrix[3][1]         0.0000000000 
_pdbx_struct_oper_list.matrix[3][2]         0.0000000000 
_pdbx_struct_oper_list.matrix[3][3]         1.0000000000 
_pdbx_struct_oper_list.vector[3]            0.0000000000 
# 
loop_
_struct_conf.conf_type_id 
_struct_conf.id 
_struct_conf.pdbx_PDB_helix_id 
_struct_conf.beg_label_comp_id 
_struct_conf.beg_label_asym_id 
_struct_conf.beg_label_seq_id 
_struct_conf.pdbx_beg_PDB_ins_code 
_struct_conf.end_label_comp_id 
_struct_conf.end_label_asym_id 
_struct_conf.end_label_seq_id 
_struct_conf.pdbx_end_PDB_ins_code 
_struct_conf.beg_auth_comp_id 
_struct_conf.beg_auth_asym_id 
_struct_conf.beg_auth_seq_id 
_struct_conf.end_auth_comp_id 
_struct_conf.end_auth_asym_id 
_struct_conf.end_auth_seq_id 
_struct_conf.pdbx_PDB_helix_class 
_struct_conf.details 
_struct_conf.pdbx_PDB_helix_length 
HELX_P HELX_P1 AA1 SER A 21 ? GLU A 32 ? SER A 16 GLU A 27 1 ? 12 
HELX_P HELX_P2 AA2 SER B 21 ? THR B 31 ? SER B 16 THR B 26 1 ? 11 
# 
_struct_conf_type.id          HELX_P 
_struct_conf_type.criteria    ? 
_struct_conf_type.reference   ? 
# 
loop_
_struct_conn.id 
_struct_conn.conn_type_id 
_struct_conn.pdbx_leaving_atom_flag 
_struct_conn.pdbx_PDB_id 
_struct_conn.ptnr1_label_asym_id 
_struct_conn.ptnr1_label_comp_id 
_struct_conn.ptnr1_label_seq_id 
_struct_conn.ptnr1_label_atom_id 
_struct_conn.pdbx_ptnr1_label_alt_id 
_struct_conn.pdbx_ptnr1_PDB_ins_code 
_struct_conn.pdbx_ptnr1_standard_comp_id 
_struct_conn.ptnr1_symmetry 
_struct_conn.ptnr2_label_asym_id 
_struct_conn.ptnr2_label_comp_id 
_struct_conn.ptnr2_label_seq_id 
_struct_conn.ptnr2_label_atom_id 
_struct_conn.pdbx_ptnr2_label_alt_id 
_struct_conn.pdbx_ptnr2_PDB_ins_code 
_struct_conn.ptnr1_auth_asym_id 
_struct_conn.ptnr1_auth_comp_id 
_struct_conn.ptnr1_auth_seq_id 
_struct_conn.ptnr2_auth_asym_id 
_struct_conn.ptnr2_auth_comp_id 
_struct_conn.ptnr2_auth_seq_id 
_struct_conn.ptnr2_symmetry 
_struct_conn.pdbx_ptnr3_label_atom_id 
_struct_conn.pdbx_ptnr3_label_seq_id 
_struct_conn.pdbx_ptnr3_label_comp_id 
_struct_conn.pdbx_ptnr3_label_asym_id 
_struct_conn.pdbx_ptnr3_label_alt_id 
_struct_conn.pdbx_ptnr3_PDB_ins_code 
_struct_conn.details 
_struct_conn.pdbx_dist_value 
_struct_conn.pdbx_value_order 
_struct_conn.pdbx_role 
disulf1 disulf ? ? A CYS 8  SG ? ? ? 1_555 A CYS 54 SG ? ? A CYS 3  A CYS 49 1_555 ? ? ? ? ? ? ? 2.053 ? ? 
disulf2 disulf ? ? A CYS 19 SG ? ? ? 1_555 A CYS 39 SG ? ? A CYS 14 A CYS 34 1_555 ? ? ? ? ? ? ? 2.029 ? ? 
disulf3 disulf ? ? A CYS 25 SG ? ? ? 1_555 A CYS 48 SG ? ? A CYS 20 A CYS 43 1_555 ? ? ? ? ? ? ? 2.006 ? ? 
disulf4 disulf ? ? A CYS 29 SG ? ? ? 1_555 A CYS 50 SG ? ? A CYS 24 A CYS 45 1_555 ? ? ? ? ? ? ? 2.056 ? ? 
disulf5 disulf ? ? B CYS 8  SG ? ? ? 1_555 B CYS 54 SG ? ? B CYS 3  B CYS 49 1_555 ? ? ? ? ? ? ? 2.062 ? ? 
disulf6 disulf ? ? B CYS 19 SG ? ? ? 1_555 B CYS 39 SG ? ? B CYS 14 B CYS 34 1_555 ? ? ? ? ? ? ? 2.038 ? ? 
disulf7 disulf ? ? B CYS 25 SG ? ? ? 1_555 B CYS 48 SG ? ? B CYS 20 B CYS 43 1_555 ? ? ? ? ? ? ? 2.015 ? ? 
disulf8 disulf ? ? B CYS 29 SG ? ? ? 1_555 B CYS 50 SG ? ? B CYS 24 B CYS 45 1_555 ? ? ? ? ? ? ? 2.049 ? ? 
# 
_struct_conn_type.id          disulf 
_struct_conn_type.criteria    ? 
_struct_conn_type.reference   ? 
# 
loop_
_pdbx_modification_feature.ordinal 
_pdbx_modification_feature.label_comp_id 
_pdbx_modification_feature.label_asym_id 
_pdbx_modification_feature.label_seq_id 
_pdbx_modification_feature.label_alt_id 
_pdbx_modification_feature.modified_residue_label_comp_id 
_pdbx_modification_feature.modified_residue_label_asym_id 
_pdbx_modification_feature.modified_residue_label_seq_id 
_pdbx_modification_feature.modified_residue_label_alt_id 
_pdbx_modification_feature.auth_comp_id 
_pdbx_modification_feature.auth_asym_id 
_pdbx_modification_feature.auth_seq_id 
_pdbx_modification_feature.PDB_ins_code 
_pdbx_modification_feature.symmetry 
_pdbx_modification_feature.modified_residue_auth_comp_id 
_pdbx_modification_feature.modified_residue_auth_asym_id 
_pdbx_modification_feature.modified_residue_auth_seq_id 
_pdbx_modification_feature.modified_residue_PDB_ins_code 
_pdbx_modification_feature.modified_residue_symmetry 
_pdbx_modification_feature.comp_id_linking_atom 
_pdbx_modification_feature.modified_residue_id_linking_atom 
_pdbx_modification_feature.modified_residue_id 
_pdbx_modification_feature.ref_pcm_id 
_pdbx_modification_feature.ref_comp_id 
_pdbx_modification_feature.type 
_pdbx_modification_feature.category 
1 CYS A 8  ? CYS A 54 ? CYS A 3  ? 1_555 CYS A 49 ? 1_555 SG SG . . . None 'Disulfide bridge' 
2 CYS A 19 ? CYS A 39 ? CYS A 14 ? 1_555 CYS A 34 ? 1_555 SG SG . . . None 'Disulfide bridge' 
3 CYS A 25 ? CYS A 48 ? CYS A 20 ? 1_555 CYS A 43 ? 1_555 SG SG . . . None 'Disulfide bridge' 
4 CYS A 29 ? CYS A 50 ? CYS A 24 ? 1_555 CYS A 45 ? 1_555 SG SG . . . None 'Disulfide bridge' 
5 CYS B 8  ? CYS B 54 ? CYS B 3  ? 1_555 CYS B 49 ? 1_555 SG SG . . . None 'Disulfide bridge' 
6 CYS B 19 ? CYS B 39 ? CYS B 14 ? 1_555 CYS B 34 ? 1_555 SG SG . . . None 'Disulfide bridge' 
7 CYS B 25 ? CYS B 48 ? CYS B 20 ? 1_555 CYS B 43 ? 1_555 SG SG . . . None 'Disulfide bridge' 
8 CYS B 29 ? CYS B 50 ? CYS B 24 ? 1_555 CYS B 45 ? 1_555 SG SG . . . None 'Disulfide bridge' 
# 
loop_
_struct_sheet.id 
_struct_sheet.type 
_struct_sheet.number_strands 
_struct_sheet.details 
AA1 ? 3 ? 
AA2 ? 3 ? 
# 
loop_
_struct_sheet_order.sheet_id 
_struct_sheet_order.range_id_1 
_struct_sheet_order.range_id_2 
_struct_sheet_order.offset 
_struct_sheet_order.sense 
AA1 1 2 ? anti-parallel 
AA1 2 3 ? anti-parallel 
AA2 1 2 ? anti-parallel 
AA2 2 3 ? anti-parallel 
# 
loop_
_struct_sheet_range.sheet_id 
_struct_sheet_range.id 
_struct_sheet_range.beg_label_comp_id 
_struct_sheet_range.beg_label_asym_id 
_struct_sheet_range.beg_label_seq_id 
_struct_sheet_range.pdbx_beg_PDB_ins_code 
_struct_sheet_range.end_label_comp_id 
_struct_sheet_range.end_label_asym_id 
_struct_sheet_range.end_label_seq_id 
_struct_sheet_range.pdbx_end_PDB_ins_code 
_struct_sheet_range.beg_auth_comp_id 
_struct_sheet_range.beg_auth_asym_id 
_struct_sheet_range.beg_auth_seq_id 
_struct_sheet_range.end_auth_comp_id 
_struct_sheet_range.end_auth_asym_id 
_struct_sheet_range.end_auth_seq_id 
AA1 1 HIS A 7  ? GLN A 11 ? HIS A 2  GLN A 6  
AA1 2 GLU A 45 ? VAL A 53 ? GLU A 40 VAL A 48 
AA1 3 ASP A 36 ? HIS A 42 ? ASP A 31 HIS A 37 
AA2 1 HIS B 7  ? GLN B 11 ? HIS B 2  GLN B 6  
AA2 2 GLU B 45 ? VAL B 53 ? GLU B 40 VAL B 48 
AA2 3 ASP B 36 ? HIS B 42 ? ASP B 31 HIS B 37 
# 
loop_
_pdbx_struct_sheet_hbond.sheet_id 
_pdbx_struct_sheet_hbond.range_id_1 
_pdbx_struct_sheet_hbond.range_id_2 
_pdbx_struct_sheet_hbond.range_1_label_atom_id 
_pdbx_struct_sheet_hbond.range_1_label_comp_id 
_pdbx_struct_sheet_hbond.range_1_label_asym_id 
_pdbx_struct_sheet_hbond.range_1_label_seq_id 
_pdbx_struct_sheet_hbond.range_1_PDB_ins_code 
_pdbx_struct_sheet_hbond.range_1_auth_atom_id 
_pdbx_struct_sheet_hbond.range_1_auth_comp_id 
_pdbx_struct_sheet_hbond.range_1_auth_asym_id 
_pdbx_struct_sheet_hbond.range_1_auth_seq_id 
_pdbx_struct_sheet_hbond.range_2_label_atom_id 
_pdbx_struct_sheet_hbond.range_2_label_comp_id 
_pdbx_struct_sheet_hbond.range_2_label_asym_id 
_pdbx_struct_sheet_hbond.range_2_label_seq_id 
_pdbx_struct_sheet_hbond.range_2_PDB_ins_code 
_pdbx_struct_sheet_hbond.range_2_auth_atom_id 
_pdbx_struct_sheet_hbond.range_2_auth_comp_id 
_pdbx_struct_sheet_hbond.range_2_auth_asym_id 
_pdbx_struct_sheet_hbond.range_2_auth_seq_id 
AA1 1 2 N SER A 10 ? N SER A 5  O CYS A 50 ? O CYS A 45 
AA1 2 3 O PHE A 49 ? O PHE A 44 N GLU A 38 ? N GLU A 33 
AA2 1 2 N CYS B 8  ? N CYS B 3  O LYS B 52 ? O LYS B 47 
AA2 2 3 O PHE B 49 ? O PHE B 44 N GLU B 38 ? N GLU B 33 
# 
loop_
_struct_site.id 
_struct_site.pdbx_evidence_code 
_struct_site.pdbx_auth_asym_id 
_struct_site.pdbx_auth_comp_id 
_struct_site.pdbx_auth_seq_id 
_struct_site.pdbx_auth_ins_code 
_struct_site.pdbx_num_residues 
_struct_site.details 
AC1 Software A PO4 101 ? 6  'binding site for residue PO4 A 101' 
AC2 Software A PO4 102 ? 10 'binding site for residue PO4 A 102' 
# 
loop_
_struct_site_gen.id 
_struct_site_gen.site_id 
_struct_site_gen.pdbx_num_res 
_struct_site_gen.label_comp_id 
_struct_site_gen.label_asym_id 
_struct_site_gen.label_seq_id 
_struct_site_gen.pdbx_auth_ins_code 
_struct_site_gen.auth_comp_id 
_struct_site_gen.auth_asym_id 
_struct_site_gen.auth_seq_id 
_struct_site_gen.label_atom_id 
_struct_site_gen.label_alt_id 
_struct_site_gen.symmetry 
_struct_site_gen.details 
1  AC1 6  GLY A 1  ? GLY A -4  . ? 1_555 ? 
2  AC1 6  SER A 5  ? SER A 0   . ? 1_555 ? 
3  AC1 6  HIS A 7  ? HIS A 2   . ? 1_555 ? 
4  AC1 6  LYS A 51 ? LYS A 46  . ? 1_555 ? 
5  AC1 6  HOH E .  ? HOH A 221 . ? 1_555 ? 
6  AC1 6  HOH E .  ? HOH A 227 . ? 1_555 ? 
7  AC2 10 HIS A 42 ? HIS A 37  . ? 1_555 ? 
8  AC2 10 GLY A 43 ? GLY A 38  . ? 1_555 ? 
9  AC2 10 LYS A 52 ? LYS A 47  . ? 2_565 ? 
10 AC2 10 CYS A 54 ? CYS A 49  . ? 2_565 ? 
11 AC2 10 HOH E .  ? HOH A 209 . ? 1_555 ? 
12 AC2 10 HIS B 42 ? HIS B 37  . ? 1_555 ? 
13 AC2 10 GLY B 43 ? GLY B 38  . ? 1_555 ? 
14 AC2 10 LYS B 52 ? LYS B 47  . ? 2_565 ? 
15 AC2 10 CYS B 54 ? CYS B 49  . ? 2_565 ? 
16 AC2 10 HOH F .  ? HOH B 115 . ? 2_565 ? 
# 
_pdbx_entry_details.entry_id                   6LCQ 
_pdbx_entry_details.nonpolymer_details         ? 
_pdbx_entry_details.sequence_details           ? 
_pdbx_entry_details.compound_details           ? 
_pdbx_entry_details.source_details             ? 
_pdbx_entry_details.has_ligand_of_interest     Y 
_pdbx_entry_details.has_protein_modification   Y 
# 
_pdbx_validate_rmsd_angle.id                         1 
_pdbx_validate_rmsd_angle.PDB_model_num              1 
_pdbx_validate_rmsd_angle.auth_atom_id_1             C 
_pdbx_validate_rmsd_angle.auth_asym_id_1             A 
_pdbx_validate_rmsd_angle.auth_comp_id_1             GLY 
_pdbx_validate_rmsd_angle.auth_seq_id_1              -4 
_pdbx_validate_rmsd_angle.PDB_ins_code_1             ? 
_pdbx_validate_rmsd_angle.label_alt_id_1             ? 
_pdbx_validate_rmsd_angle.auth_atom_id_2             N 
_pdbx_validate_rmsd_angle.auth_asym_id_2             A 
_pdbx_validate_rmsd_angle.auth_comp_id_2             PRO 
_pdbx_validate_rmsd_angle.auth_seq_id_2              -3 
_pdbx_validate_rmsd_angle.PDB_ins_code_2             ? 
_pdbx_validate_rmsd_angle.label_alt_id_2             ? 
_pdbx_validate_rmsd_angle.auth_atom_id_3             CA 
_pdbx_validate_rmsd_angle.auth_asym_id_3             A 
_pdbx_validate_rmsd_angle.auth_comp_id_3             PRO 
_pdbx_validate_rmsd_angle.auth_seq_id_3              -3 
_pdbx_validate_rmsd_angle.PDB_ins_code_3             ? 
_pdbx_validate_rmsd_angle.label_alt_id_3             ? 
_pdbx_validate_rmsd_angle.angle_value                129.43 
_pdbx_validate_rmsd_angle.angle_target_value         119.30 
_pdbx_validate_rmsd_angle.angle_deviation            10.13 
_pdbx_validate_rmsd_angle.angle_standard_deviation   1.50 
_pdbx_validate_rmsd_angle.linker_flag                Y 
# 
loop_
_chem_comp_atom.comp_id 
_chem_comp_atom.atom_id 
_chem_comp_atom.type_symbol 
_chem_comp_atom.pdbx_aromatic_flag 
_chem_comp_atom.pdbx_stereo_config 
_chem_comp_atom.pdbx_ordinal 
ALA N    N N N 1   
ALA CA   C N S 2   
ALA C    C N N 3   
ALA O    O N N 4   
ALA CB   C N N 5   
ALA OXT  O N N 6   
ALA H    H N N 7   
ALA H2   H N N 8   
ALA HA   H N N 9   
ALA HB1  H N N 10  
ALA HB2  H N N 11  
ALA HB3  H N N 12  
ALA HXT  H N N 13  
ARG N    N N N 14  
ARG CA   C N S 15  
ARG C    C N N 16  
ARG O    O N N 17  
ARG CB   C N N 18  
ARG CG   C N N 19  
ARG CD   C N N 20  
ARG NE   N N N 21  
ARG CZ   C N N 22  
ARG NH1  N N N 23  
ARG NH2  N N N 24  
ARG OXT  O N N 25  
ARG H    H N N 26  
ARG H2   H N N 27  
ARG HA   H N N 28  
ARG HB2  H N N 29  
ARG HB3  H N N 30  
ARG HG2  H N N 31  
ARG HG3  H N N 32  
ARG HD2  H N N 33  
ARG HD3  H N N 34  
ARG HE   H N N 35  
ARG HH11 H N N 36  
ARG HH12 H N N 37  
ARG HH21 H N N 38  
ARG HH22 H N N 39  
ARG HXT  H N N 40  
ASN N    N N N 41  
ASN CA   C N S 42  
ASN C    C N N 43  
ASN O    O N N 44  
ASN CB   C N N 45  
ASN CG   C N N 46  
ASN OD1  O N N 47  
ASN ND2  N N N 48  
ASN OXT  O N N 49  
ASN H    H N N 50  
ASN H2   H N N 51  
ASN HA   H N N 52  
ASN HB2  H N N 53  
ASN HB3  H N N 54  
ASN HD21 H N N 55  
ASN HD22 H N N 56  
ASN HXT  H N N 57  
ASP N    N N N 58  
ASP CA   C N S 59  
ASP C    C N N 60  
ASP O    O N N 61  
ASP CB   C N N 62  
ASP CG   C N N 63  
ASP OD1  O N N 64  
ASP OD2  O N N 65  
ASP OXT  O N N 66  
ASP H    H N N 67  
ASP H2   H N N 68  
ASP HA   H N N 69  
ASP HB2  H N N 70  
ASP HB3  H N N 71  
ASP HD2  H N N 72  
ASP HXT  H N N 73  
CYS N    N N N 74  
CYS CA   C N R 75  
CYS C    C N N 76  
CYS O    O N N 77  
CYS CB   C N N 78  
CYS SG   S N N 79  
CYS OXT  O N N 80  
CYS H    H N N 81  
CYS H2   H N N 82  
CYS HA   H N N 83  
CYS HB2  H N N 84  
CYS HB3  H N N 85  
CYS HG   H N N 86  
CYS HXT  H N N 87  
GLN N    N N N 88  
GLN CA   C N S 89  
GLN C    C N N 90  
GLN O    O N N 91  
GLN CB   C N N 92  
GLN CG   C N N 93  
GLN CD   C N N 94  
GLN OE1  O N N 95  
GLN NE2  N N N 96  
GLN OXT  O N N 97  
GLN H    H N N 98  
GLN H2   H N N 99  
GLN HA   H N N 100 
GLN HB2  H N N 101 
GLN HB3  H N N 102 
GLN HG2  H N N 103 
GLN HG3  H N N 104 
GLN HE21 H N N 105 
GLN HE22 H N N 106 
GLN HXT  H N N 107 
GLU N    N N N 108 
GLU CA   C N S 109 
GLU C    C N N 110 
GLU O    O N N 111 
GLU CB   C N N 112 
GLU CG   C N N 113 
GLU CD   C N N 114 
GLU OE1  O N N 115 
GLU OE2  O N N 116 
GLU OXT  O N N 117 
GLU H    H N N 118 
GLU H2   H N N 119 
GLU HA   H N N 120 
GLU HB2  H N N 121 
GLU HB3  H N N 122 
GLU HG2  H N N 123 
GLU HG3  H N N 124 
GLU HE2  H N N 125 
GLU HXT  H N N 126 
GLY N    N N N 127 
GLY CA   C N N 128 
GLY C    C N N 129 
GLY O    O N N 130 
GLY OXT  O N N 131 
GLY H    H N N 132 
GLY H2   H N N 133 
GLY HA2  H N N 134 
GLY HA3  H N N 135 
GLY HXT  H N N 136 
HIS N    N N N 137 
HIS CA   C N S 138 
HIS C    C N N 139 
HIS O    O N N 140 
HIS CB   C N N 141 
HIS CG   C Y N 142 
HIS ND1  N Y N 143 
HIS CD2  C Y N 144 
HIS CE1  C Y N 145 
HIS NE2  N Y N 146 
HIS OXT  O N N 147 
HIS H    H N N 148 
HIS H2   H N N 149 
HIS HA   H N N 150 
HIS HB2  H N N 151 
HIS HB3  H N N 152 
HIS HD1  H N N 153 
HIS HD2  H N N 154 
HIS HE1  H N N 155 
HIS HE2  H N N 156 
HIS HXT  H N N 157 
HOH O    O N N 158 
HOH H1   H N N 159 
HOH H2   H N N 160 
LEU N    N N N 161 
LEU CA   C N S 162 
LEU C    C N N 163 
LEU O    O N N 164 
LEU CB   C N N 165 
LEU CG   C N N 166 
LEU CD1  C N N 167 
LEU CD2  C N N 168 
LEU OXT  O N N 169 
LEU H    H N N 170 
LEU H2   H N N 171 
LEU HA   H N N 172 
LEU HB2  H N N 173 
LEU HB3  H N N 174 
LEU HG   H N N 175 
LEU HD11 H N N 176 
LEU HD12 H N N 177 
LEU HD13 H N N 178 
LEU HD21 H N N 179 
LEU HD22 H N N 180 
LEU HD23 H N N 181 
LEU HXT  H N N 182 
LYS N    N N N 183 
LYS CA   C N S 184 
LYS C    C N N 185 
LYS O    O N N 186 
LYS CB   C N N 187 
LYS CG   C N N 188 
LYS CD   C N N 189 
LYS CE   C N N 190 
LYS NZ   N N N 191 
LYS OXT  O N N 192 
LYS H    H N N 193 
LYS H2   H N N 194 
LYS HA   H N N 195 
LYS HB2  H N N 196 
LYS HB3  H N N 197 
LYS HG2  H N N 198 
LYS HG3  H N N 199 
LYS HD2  H N N 200 
LYS HD3  H N N 201 
LYS HE2  H N N 202 
LYS HE3  H N N 203 
LYS HZ1  H N N 204 
LYS HZ2  H N N 205 
LYS HZ3  H N N 206 
LYS HXT  H N N 207 
MET N    N N N 208 
MET CA   C N S 209 
MET C    C N N 210 
MET O    O N N 211 
MET CB   C N N 212 
MET CG   C N N 213 
MET SD   S N N 214 
MET CE   C N N 215 
MET OXT  O N N 216 
MET H    H N N 217 
MET H2   H N N 218 
MET HA   H N N 219 
MET HB2  H N N 220 
MET HB3  H N N 221 
MET HG2  H N N 222 
MET HG3  H N N 223 
MET HE1  H N N 224 
MET HE2  H N N 225 
MET HE3  H N N 226 
MET HXT  H N N 227 
PHE N    N N N 228 
PHE CA   C N S 229 
PHE C    C N N 230 
PHE O    O N N 231 
PHE CB   C N N 232 
PHE CG   C Y N 233 
PHE CD1  C Y N 234 
PHE CD2  C Y N 235 
PHE CE1  C Y N 236 
PHE CE2  C Y N 237 
PHE CZ   C Y N 238 
PHE OXT  O N N 239 
PHE H    H N N 240 
PHE H2   H N N 241 
PHE HA   H N N 242 
PHE HB2  H N N 243 
PHE HB3  H N N 244 
PHE HD1  H N N 245 
PHE HD2  H N N 246 
PHE HE1  H N N 247 
PHE HE2  H N N 248 
PHE HZ   H N N 249 
PHE HXT  H N N 250 
PO4 P    P N N 251 
PO4 O1   O N N 252 
PO4 O2   O N N 253 
PO4 O3   O N N 254 
PO4 O4   O N N 255 
PRO N    N N N 256 
PRO CA   C N S 257 
PRO C    C N N 258 
PRO O    O N N 259 
PRO CB   C N N 260 
PRO CG   C N N 261 
PRO CD   C N N 262 
PRO OXT  O N N 263 
PRO H    H N N 264 
PRO HA   H N N 265 
PRO HB2  H N N 266 
PRO HB3  H N N 267 
PRO HG2  H N N 268 
PRO HG3  H N N 269 
PRO HD2  H N N 270 
PRO HD3  H N N 271 
PRO HXT  H N N 272 
SER N    N N N 273 
SER CA   C N S 274 
SER C    C N N 275 
SER O    O N N 276 
SER CB   C N N 277 
SER OG   O N N 278 
SER OXT  O N N 279 
SER H    H N N 280 
SER H2   H N N 281 
SER HA   H N N 282 
SER HB2  H N N 283 
SER HB3  H N N 284 
SER HG   H N N 285 
SER HXT  H N N 286 
THR N    N N N 287 
THR CA   C N S 288 
THR C    C N N 289 
THR O    O N N 290 
THR CB   C N R 291 
THR OG1  O N N 292 
THR CG2  C N N 293 
THR OXT  O N N 294 
THR H    H N N 295 
THR H2   H N N 296 
THR HA   H N N 297 
THR HB   H N N 298 
THR HG1  H N N 299 
THR HG21 H N N 300 
THR HG22 H N N 301 
THR HG23 H N N 302 
THR HXT  H N N 303 
VAL N    N N N 304 
VAL CA   C N S 305 
VAL C    C N N 306 
VAL O    O N N 307 
VAL CB   C N N 308 
VAL CG1  C N N 309 
VAL CG2  C N N 310 
VAL OXT  O N N 311 
VAL H    H N N 312 
VAL H2   H N N 313 
VAL HA   H N N 314 
VAL HB   H N N 315 
VAL HG11 H N N 316 
VAL HG12 H N N 317 
VAL HG13 H N N 318 
VAL HG21 H N N 319 
VAL HG22 H N N 320 
VAL HG23 H N N 321 
VAL HXT  H N N 322 
# 
loop_
_chem_comp_bond.comp_id 
_chem_comp_bond.atom_id_1 
_chem_comp_bond.atom_id_2 
_chem_comp_bond.value_order 
_chem_comp_bond.pdbx_aromatic_flag 
_chem_comp_bond.pdbx_stereo_config 
_chem_comp_bond.pdbx_ordinal 
ALA N   CA   sing N N 1   
ALA N   H    sing N N 2   
ALA N   H2   sing N N 3   
ALA CA  C    sing N N 4   
ALA CA  CB   sing N N 5   
ALA CA  HA   sing N N 6   
ALA C   O    doub N N 7   
ALA C   OXT  sing N N 8   
ALA CB  HB1  sing N N 9   
ALA CB  HB2  sing N N 10  
ALA CB  HB3  sing N N 11  
ALA OXT HXT  sing N N 12  
ARG N   CA   sing N N 13  
ARG N   H    sing N N 14  
ARG N   H2   sing N N 15  
ARG CA  C    sing N N 16  
ARG CA  CB   sing N N 17  
ARG CA  HA   sing N N 18  
ARG C   O    doub N N 19  
ARG C   OXT  sing N N 20  
ARG CB  CG   sing N N 21  
ARG CB  HB2  sing N N 22  
ARG CB  HB3  sing N N 23  
ARG CG  CD   sing N N 24  
ARG CG  HG2  sing N N 25  
ARG CG  HG3  sing N N 26  
ARG CD  NE   sing N N 27  
ARG CD  HD2  sing N N 28  
ARG CD  HD3  sing N N 29  
ARG NE  CZ   sing N N 30  
ARG NE  HE   sing N N 31  
ARG CZ  NH1  sing N N 32  
ARG CZ  NH2  doub N N 33  
ARG NH1 HH11 sing N N 34  
ARG NH1 HH12 sing N N 35  
ARG NH2 HH21 sing N N 36  
ARG NH2 HH22 sing N N 37  
ARG OXT HXT  sing N N 38  
ASN N   CA   sing N N 39  
ASN N   H    sing N N 40  
ASN N   H2   sing N N 41  
ASN CA  C    sing N N 42  
ASN CA  CB   sing N N 43  
ASN CA  HA   sing N N 44  
ASN C   O    doub N N 45  
ASN C   OXT  sing N N 46  
ASN CB  CG   sing N N 47  
ASN CB  HB2  sing N N 48  
ASN CB  HB3  sing N N 49  
ASN CG  OD1  doub N N 50  
ASN CG  ND2  sing N N 51  
ASN ND2 HD21 sing N N 52  
ASN ND2 HD22 sing N N 53  
ASN OXT HXT  sing N N 54  
ASP N   CA   sing N N 55  
ASP N   H    sing N N 56  
ASP N   H2   sing N N 57  
ASP CA  C    sing N N 58  
ASP CA  CB   sing N N 59  
ASP CA  HA   sing N N 60  
ASP C   O    doub N N 61  
ASP C   OXT  sing N N 62  
ASP CB  CG   sing N N 63  
ASP CB  HB2  sing N N 64  
ASP CB  HB3  sing N N 65  
ASP CG  OD1  doub N N 66  
ASP CG  OD2  sing N N 67  
ASP OD2 HD2  sing N N 68  
ASP OXT HXT  sing N N 69  
CYS N   CA   sing N N 70  
CYS N   H    sing N N 71  
CYS N   H2   sing N N 72  
CYS CA  C    sing N N 73  
CYS CA  CB   sing N N 74  
CYS CA  HA   sing N N 75  
CYS C   O    doub N N 76  
CYS C   OXT  sing N N 77  
CYS CB  SG   sing N N 78  
CYS CB  HB2  sing N N 79  
CYS CB  HB3  sing N N 80  
CYS SG  HG   sing N N 81  
CYS OXT HXT  sing N N 82  
GLN N   CA   sing N N 83  
GLN N   H    sing N N 84  
GLN N   H2   sing N N 85  
GLN CA  C    sing N N 86  
GLN CA  CB   sing N N 87  
GLN CA  HA   sing N N 88  
GLN C   O    doub N N 89  
GLN C   OXT  sing N N 90  
GLN CB  CG   sing N N 91  
GLN CB  HB2  sing N N 92  
GLN CB  HB3  sing N N 93  
GLN CG  CD   sing N N 94  
GLN CG  HG2  sing N N 95  
GLN CG  HG3  sing N N 96  
GLN CD  OE1  doub N N 97  
GLN CD  NE2  sing N N 98  
GLN NE2 HE21 sing N N 99  
GLN NE2 HE22 sing N N 100 
GLN OXT HXT  sing N N 101 
GLU N   CA   sing N N 102 
GLU N   H    sing N N 103 
GLU N   H2   sing N N 104 
GLU CA  C    sing N N 105 
GLU CA  CB   sing N N 106 
GLU CA  HA   sing N N 107 
GLU C   O    doub N N 108 
GLU C   OXT  sing N N 109 
GLU CB  CG   sing N N 110 
GLU CB  HB2  sing N N 111 
GLU CB  HB3  sing N N 112 
GLU CG  CD   sing N N 113 
GLU CG  HG2  sing N N 114 
GLU CG  HG3  sing N N 115 
GLU CD  OE1  doub N N 116 
GLU CD  OE2  sing N N 117 
GLU OE2 HE2  sing N N 118 
GLU OXT HXT  sing N N 119 
GLY N   CA   sing N N 120 
GLY N   H    sing N N 121 
GLY N   H2   sing N N 122 
GLY CA  C    sing N N 123 
GLY CA  HA2  sing N N 124 
GLY CA  HA3  sing N N 125 
GLY C   O    doub N N 126 
GLY C   OXT  sing N N 127 
GLY OXT HXT  sing N N 128 
HIS N   CA   sing N N 129 
HIS N   H    sing N N 130 
HIS N   H2   sing N N 131 
HIS CA  C    sing N N 132 
HIS CA  CB   sing N N 133 
HIS CA  HA   sing N N 134 
HIS C   O    doub N N 135 
HIS C   OXT  sing N N 136 
HIS CB  CG   sing N N 137 
HIS CB  HB2  sing N N 138 
HIS CB  HB3  sing N N 139 
HIS CG  ND1  sing Y N 140 
HIS CG  CD2  doub Y N 141 
HIS ND1 CE1  doub Y N 142 
HIS ND1 HD1  sing N N 143 
HIS CD2 NE2  sing Y N 144 
HIS CD2 HD2  sing N N 145 
HIS CE1 NE2  sing Y N 146 
HIS CE1 HE1  sing N N 147 
HIS NE2 HE2  sing N N 148 
HIS OXT HXT  sing N N 149 
HOH O   H1   sing N N 150 
HOH O   H2   sing N N 151 
LEU N   CA   sing N N 152 
LEU N   H    sing N N 153 
LEU N   H2   sing N N 154 
LEU CA  C    sing N N 155 
LEU CA  CB   sing N N 156 
LEU CA  HA   sing N N 157 
LEU C   O    doub N N 158 
LEU C   OXT  sing N N 159 
LEU CB  CG   sing N N 160 
LEU CB  HB2  sing N N 161 
LEU CB  HB3  sing N N 162 
LEU CG  CD1  sing N N 163 
LEU CG  CD2  sing N N 164 
LEU CG  HG   sing N N 165 
LEU CD1 HD11 sing N N 166 
LEU CD1 HD12 sing N N 167 
LEU CD1 HD13 sing N N 168 
LEU CD2 HD21 sing N N 169 
LEU CD2 HD22 sing N N 170 
LEU CD2 HD23 sing N N 171 
LEU OXT HXT  sing N N 172 
LYS N   CA   sing N N 173 
LYS N   H    sing N N 174 
LYS N   H2   sing N N 175 
LYS CA  C    sing N N 176 
LYS CA  CB   sing N N 177 
LYS CA  HA   sing N N 178 
LYS C   O    doub N N 179 
LYS C   OXT  sing N N 180 
LYS CB  CG   sing N N 181 
LYS CB  HB2  sing N N 182 
LYS CB  HB3  sing N N 183 
LYS CG  CD   sing N N 184 
LYS CG  HG2  sing N N 185 
LYS CG  HG3  sing N N 186 
LYS CD  CE   sing N N 187 
LYS CD  HD2  sing N N 188 
LYS CD  HD3  sing N N 189 
LYS CE  NZ   sing N N 190 
LYS CE  HE2  sing N N 191 
LYS CE  HE3  sing N N 192 
LYS NZ  HZ1  sing N N 193 
LYS NZ  HZ2  sing N N 194 
LYS NZ  HZ3  sing N N 195 
LYS OXT HXT  sing N N 196 
MET N   CA   sing N N 197 
MET N   H    sing N N 198 
MET N   H2   sing N N 199 
MET CA  C    sing N N 200 
MET CA  CB   sing N N 201 
MET CA  HA   sing N N 202 
MET C   O    doub N N 203 
MET C   OXT  sing N N 204 
MET CB  CG   sing N N 205 
MET CB  HB2  sing N N 206 
MET CB  HB3  sing N N 207 
MET CG  SD   sing N N 208 
MET CG  HG2  sing N N 209 
MET CG  HG3  sing N N 210 
MET SD  CE   sing N N 211 
MET CE  HE1  sing N N 212 
MET CE  HE2  sing N N 213 
MET CE  HE3  sing N N 214 
MET OXT HXT  sing N N 215 
PHE N   CA   sing N N 216 
PHE N   H    sing N N 217 
PHE N   H2   sing N N 218 
PHE CA  C    sing N N 219 
PHE CA  CB   sing N N 220 
PHE CA  HA   sing N N 221 
PHE C   O    doub N N 222 
PHE C   OXT  sing N N 223 
PHE CB  CG   sing N N 224 
PHE CB  HB2  sing N N 225 
PHE CB  HB3  sing N N 226 
PHE CG  CD1  doub Y N 227 
PHE CG  CD2  sing Y N 228 
PHE CD1 CE1  sing Y N 229 
PHE CD1 HD1  sing N N 230 
PHE CD2 CE2  doub Y N 231 
PHE CD2 HD2  sing N N 232 
PHE CE1 CZ   doub Y N 233 
PHE CE1 HE1  sing N N 234 
PHE CE2 CZ   sing Y N 235 
PHE CE2 HE2  sing N N 236 
PHE CZ  HZ   sing N N 237 
PHE OXT HXT  sing N N 238 
PO4 P   O1   doub N N 239 
PO4 P   O2   sing N N 240 
PO4 P   O3   sing N N 241 
PO4 P   O4   sing N N 242 
PRO N   CA   sing N N 243 
PRO N   CD   sing N N 244 
PRO N   H    sing N N 245 
PRO CA  C    sing N N 246 
PRO CA  CB   sing N N 247 
PRO CA  HA   sing N N 248 
PRO C   O    doub N N 249 
PRO C   OXT  sing N N 250 
PRO CB  CG   sing N N 251 
PRO CB  HB2  sing N N 252 
PRO CB  HB3  sing N N 253 
PRO CG  CD   sing N N 254 
PRO CG  HG2  sing N N 255 
PRO CG  HG3  sing N N 256 
PRO CD  HD2  sing N N 257 
PRO CD  HD3  sing N N 258 
PRO OXT HXT  sing N N 259 
SER N   CA   sing N N 260 
SER N   H    sing N N 261 
SER N   H2   sing N N 262 
SER CA  C    sing N N 263 
SER CA  CB   sing N N 264 
SER CA  HA   sing N N 265 
SER C   O    doub N N 266 
SER C   OXT  sing N N 267 
SER CB  OG   sing N N 268 
SER CB  HB2  sing N N 269 
SER CB  HB3  sing N N 270 
SER OG  HG   sing N N 271 
SER OXT HXT  sing N N 272 
THR N   CA   sing N N 273 
THR N   H    sing N N 274 
THR N   H2   sing N N 275 
THR CA  C    sing N N 276 
THR CA  CB   sing N N 277 
THR CA  HA   sing N N 278 
THR C   O    doub N N 279 
THR C   OXT  sing N N 280 
THR CB  OG1  sing N N 281 
THR CB  CG2  sing N N 282 
THR CB  HB   sing N N 283 
THR OG1 HG1  sing N N 284 
THR CG2 HG21 sing N N 285 
THR CG2 HG22 sing N N 286 
THR CG2 HG23 sing N N 287 
THR OXT HXT  sing N N 288 
VAL N   CA   sing N N 289 
VAL N   H    sing N N 290 
VAL N   H2   sing N N 291 
VAL CA  C    sing N N 292 
VAL CA  CB   sing N N 293 
VAL CA  HA   sing N N 294 
VAL C   O    doub N N 295 
VAL C   OXT  sing N N 296 
VAL CB  CG1  sing N N 297 
VAL CB  CG2  sing N N 298 
VAL CB  HB   sing N N 299 
VAL CG1 HG11 sing N N 300 
VAL CG1 HG12 sing N N 301 
VAL CG1 HG13 sing N N 302 
VAL CG2 HG21 sing N N 303 
VAL CG2 HG22 sing N N 304 
VAL CG2 HG23 sing N N 305 
VAL OXT HXT  sing N N 306 
# 
loop_
_pdbx_audit_support.funding_organization 
_pdbx_audit_support.country 
_pdbx_audit_support.grant_number 
_pdbx_audit_support.ordinal 
'Japan Society for the Promotion of Science' Japan 'KAKENHI 26850077' 1 
'Japan Society for the Promotion of Science' Japan 'KAKENHI 17K01944' 2 
# 
_pdbx_initial_refinement_model.id               1 
_pdbx_initial_refinement_model.entity_id_list   ? 
_pdbx_initial_refinement_model.type             'experimental model' 
_pdbx_initial_refinement_model.source_name      PDB 
_pdbx_initial_refinement_model.accession_code   2LR3 
_pdbx_initial_refinement_model.details          ? 
# 
_atom_sites.entry_id                    6LCQ 
_atom_sites.Cartn_transf_matrix[1][1]   ? 
_atom_sites.Cartn_transf_matrix[1][2]   ? 
_atom_sites.Cartn_transf_matrix[1][3]   ? 
_atom_sites.Cartn_transf_matrix[2][1]   ? 
_atom_sites.Cartn_transf_matrix[2][2]   ? 
_atom_sites.Cartn_transf_matrix[2][3]   ? 
_atom_sites.Cartn_transf_matrix[3][1]   ? 
_atom_sites.Cartn_transf_matrix[3][2]   ? 
_atom_sites.Cartn_transf_matrix[3][3]   ? 
_atom_sites.Cartn_transf_vector[1]      ? 
_atom_sites.Cartn_transf_vector[2]      ? 
_atom_sites.Cartn_transf_vector[3]      ? 
_atom_sites.fract_transf_matrix[1][1]   0.01731178 
_atom_sites.fract_transf_matrix[1][2]   0.01951893 
_atom_sites.fract_transf_matrix[1][3]   0.00260808 
_atom_sites.fract_transf_matrix[2][1]   -0.01304620 
_atom_sites.fract_transf_matrix[2][2]   0.00917988 
_atom_sites.fract_transf_matrix[2][3]   0.01789501 
_atom_sites.fract_transf_matrix[3][1]   0.00875005 
_atom_sites.fract_transf_matrix[3][2]   -0.00924679 
_atom_sites.fract_transf_matrix[3][3]   0.01112262 
_atom_sites.fract_transf_vector[1]      0.246715 
_atom_sites.fract_transf_vector[2]      0.502667 
_atom_sites.fract_transf_vector[3]      0.172253 
_atom_sites.solution_primary            ? 
_atom_sites.solution_secondary          ? 
_atom_sites.solution_hydrogens          ? 
_atom_sites.special_details             ? 
# 
loop_
_atom_type.symbol 
C 
N 
O 
P 
S 
# 
loop_
_atom_site.group_PDB 
_atom_site.id 
_atom_site.type_symbol 
_atom_site.label_atom_id 
_atom_site.label_alt_id 
_atom_site.label_comp_id 
_atom_site.label_asym_id 
_atom_site.label_entity_id 
_atom_site.label_seq_id 
_atom_site.pdbx_PDB_ins_code 
_atom_site.Cartn_x 
_atom_site.Cartn_y 
_atom_site.Cartn_z 
_atom_site.occupancy 
_atom_site.B_iso_or_equiv 
_atom_site.pdbx_formal_charge 
_atom_site.auth_seq_id 
_atom_site.auth_comp_id 
_atom_site.auth_asym_id 
_atom_site.auth_atom_id 
_atom_site.pdbx_PDB_model_num 
ATOM   1   N N   . GLY A 1 1  ? 4.986   -1.193  -12.619 1.00 27.51 ? -4  GLY A N   1 
ATOM   2   C CA  . GLY A 1 1  ? 6.463   -0.931  -12.525 1.00 27.97 ? -4  GLY A CA  1 
ATOM   3   C C   . GLY A 1 1  ? 6.938   0.199   -13.440 1.00 28.11 ? -4  GLY A C   1 
ATOM   4   O O   . GLY A 1 1  ? 6.118   0.841   -14.070 1.00 26.48 ? -4  GLY A O   1 
ATOM   5   N N   . PRO A 1 2  ? 8.273   0.434   -13.523 1.00 28.64 ? -3  PRO A N   1 
ATOM   6   C CA  . PRO A 1 2  ? 8.998   1.586   -14.141 1.00 28.92 ? -3  PRO A CA  1 
ATOM   7   C C   . PRO A 1 2  ? 8.575   2.064   -15.559 1.00 27.05 ? -3  PRO A C   1 
ATOM   8   O O   . PRO A 1 2  ? 8.473   3.282   -15.823 1.00 30.65 ? -3  PRO A O   1 
ATOM   9   C CB  . PRO A 1 2  ? 10.440  1.092   -14.190 1.00 29.88 ? -3  PRO A CB  1 
ATOM   10  C CG  . PRO A 1 2  ? 10.546  0.121   -13.071 1.00 30.43 ? -3  PRO A CG  1 
ATOM   11  C CD  . PRO A 1 2  ? 9.211   -0.531  -12.910 1.00 30.45 ? -3  PRO A CD  1 
ATOM   12  N N   . LEU A 1 3  ? 8.380   1.112   -16.458 1.00 22.73 ? -2  LEU A N   1 
ATOM   13  C CA  . LEU A 1 3  ? 7.874   1.372   -17.802 1.00 20.04 ? -2  LEU A CA  1 
ATOM   14  C C   . LEU A 1 3  ? 6.426   0.901   -17.915 1.00 19.24 ? -2  LEU A C   1 
ATOM   15  O O   . LEU A 1 3  ? 5.916   0.647   -18.998 1.00 18.92 ? -2  LEU A O   1 
ATOM   16  C CB  . LEU A 1 3  ? 8.742   0.660   -18.826 1.00 20.06 ? -2  LEU A CB  1 
ATOM   17  C CG  . LEU A 1 3  ? 10.210  1.094   -18.797 1.00 19.40 ? -2  LEU A CG  1 
ATOM   18  C CD1 . LEU A 1 3  ? 11.056  0.057   -19.531 1.00 19.84 ? -2  LEU A CD1 1 
ATOM   19  C CD2 . LEU A 1 3  ? 10.374  2.495   -19.365 1.00 19.44 ? -2  LEU A CD2 1 
ATOM   20  N N   . GLY A 1 4  ? 5.766   0.768   -16.779 1.00 19.85 ? -1  GLY A N   1 
ATOM   21  C CA  . GLY A 1 4  ? 4.367   0.414   -16.749 1.00 19.72 ? -1  GLY A CA  1 
ATOM   22  C C   . GLY A 1 4  ? 3.623   1.349   -15.821 1.00 19.69 ? -1  GLY A C   1 
ATOM   23  O O   . GLY A 1 4  ? 4.089   2.458   -15.513 1.00 19.29 ? -1  GLY A O   1 
ATOM   24  N N   . SER A 1 5  ? 2.468   0.883   -15.357 1.00 18.60 ? 0   SER A N   1 
ATOM   25  C CA  . SER A 1 5  ? 1.658   1.648   -14.427 1.00 17.68 ? 0   SER A CA  1 
ATOM   26  C C   . SER A 1 5  ? 2.222   1.563   -13.018 1.00 16.15 ? 0   SER A C   1 
ATOM   27  O O   . SER A 1 5  ? 2.812   0.558   -12.624 1.00 15.79 ? 0   SER A O   1 
ATOM   28  C CB  . SER A 1 5  ? 0.225   1.136   -14.428 1.00 19.10 ? 0   SER A CB  1 
ATOM   29  O OG  . SER A 1 5  ? -0.326  1.178   -15.728 1.00 20.77 ? 0   SER A OG  1 
ATOM   30  N N   . ARG A 1 6  ? 2.064   2.642   -12.275 1.00 14.60 ? 1   ARG A N   1 
ATOM   31  C CA  . ARG A 1 6  ? 2.407   2.628   -10.856 1.00 14.37 ? 1   ARG A CA  1 
ATOM   32  C C   . ARG A 1 6  ? 1.175   2.150   -10.101 1.00 14.61 ? 1   ARG A C   1 
ATOM   33  O O   . ARG A 1 6  ? 0.077   2.647   -10.348 1.00 13.77 ? 1   ARG A O   1 
ATOM   34  C CB  . ARG A 1 6  ? 2.786   4.013   -10.376 1.00 14.36 ? 1   ARG A CB  1 
ATOM   35  C CG  . ARG A 1 6  ? 3.197   4.037   -8.919  1.00 14.19 ? 1   ARG A CG  1 
ATOM   36  C CD  . ARG A 1 6  ? 3.818   5.356   -8.554  1.00 14.60 ? 1   ARG A CD  1 
ATOM   37  N NE  . ARG A 1 6  ? 4.272   5.354   -7.165  1.00 14.88 ? 1   ARG A NE  1 
ATOM   38  C CZ  . ARG A 1 6  ? 5.110   6.244   -6.641  1.00 15.08 ? 1   ARG A CZ  1 
ATOM   39  N NH1 . ARG A 1 6  ? 5.594   7.239   -7.379  1.00 15.57 ? 1   ARG A NH1 1 
ATOM   40  N NH2 . ARG A 1 6  ? 5.458   6.143   -5.368  1.00 15.24 ? 1   ARG A NH2 1 
ATOM   41  N N   . HIS A 1 7  ? 1.362   1.186   -9.203  1.00 14.16 ? 2   HIS A N   1 
ATOM   42  C CA  . HIS A 1 7  ? 0.241   0.569   -8.497  1.00 14.67 ? 2   HIS A CA  1 
ATOM   43  C C   . HIS A 1 7  ? 0.234   0.953   -7.038  1.00 14.55 ? 2   HIS A C   1 
ATOM   44  O O   . HIS A 1 7  ? 1.279   1.247   -6.452  1.00 14.80 ? 2   HIS A O   1 
ATOM   45  C CB  . HIS A 1 7  ? 0.262   -0.952  -8.635  1.00 14.88 ? 2   HIS A CB  1 
ATOM   46  C CG  . HIS A 1 7  ? -0.014  -1.418  -10.027 1.00 15.18 ? 2   HIS A CG  1 
ATOM   47  N ND1 . HIS A 1 7  ? 0.988   -1.791  -10.895 1.00 15.95 ? 2   HIS A ND1 1 
ATOM   48  C CD2 . HIS A 1 7  ? -1.172  -1.528  -10.719 1.00 15.34 ? 2   HIS A CD2 1 
ATOM   49  C CE1 . HIS A 1 7  ? 0.456   -2.131  -12.056 1.00 16.00 ? 2   HIS A CE1 1 
ATOM   50  N NE2 . HIS A 1 7  ? -0.853  -1.992  -11.974 1.00 15.92 ? 2   HIS A NE2 1 
ATOM   51  N N   . CYS A 1 8  ? -0.973  0.952   -6.484  1.00 14.65 ? 3   CYS A N   1 
ATOM   52  C CA  . CYS A 1 8  ? -1.243  1.366   -5.126  1.00 15.65 ? 3   CYS A CA  1 
ATOM   53  C C   . CYS A 1 8  ? -1.958  0.213   -4.426  1.00 14.64 ? 3   CYS A C   1 
ATOM   54  O O   . CYS A 1 8  ? -2.758  -0.499  -5.055  1.00 13.69 ? 3   CYS A O   1 
ATOM   55  C CB  . CYS A 1 8  ? -2.136  2.600   -5.174  1.00 18.15 ? 3   CYS A CB  1 
ATOM   56  S SG  . CYS A 1 8  ? -1.250  4.182   -5.234  1.00 21.17 ? 3   CYS A SG  1 
ATOM   57  N N   . LEU A 1 9  ? -1.704  0.068   -3.128  1.00 12.86 ? 4   LEU A N   1 
ATOM   58  C CA  . LEU A 1 9  ? -2.246  -1.030  -2.326  1.00 12.98 ? 4   LEU A CA  1 
ATOM   59  C C   . LEU A 1 9  ? -3.051  -0.516  -1.152  1.00 12.21 ? 4   LEU A C   1 
ATOM   60  O O   . LEU A 1 9  ? -2.670  0.453   -0.509  1.00 11.57 ? 4   LEU A O   1 
ATOM   61  C CB  . LEU A 1 9  ? -1.121  -1.893  -1.762  1.00 13.79 ? 4   LEU A CB  1 
ATOM   62  C CG  . LEU A 1 9  ? -0.299  -2.719  -2.742  1.00 14.59 ? 4   LEU A CG  1 
ATOM   63  C CD1 . LEU A 1 9  ? 0.817   -3.443  -2.013  1.00 15.34 ? 4   LEU A CD1 1 
ATOM   64  C CD2 . LEU A 1 9  ? -1.203  -3.714  -3.448  1.00 15.30 ? 4   LEU A CD2 1 
ATOM   65  N N   . SER A 1 10 ? -4.140  -1.216  -0.845  1.00 12.06 ? 5   SER A N   1 
ATOM   66  C CA  . SER A 1 10 ? -4.995  -0.854  0.279   1.00 12.88 ? 5   SER A CA  1 
ATOM   67  C C   . SER A 1 10 ? -5.472  -2.148  0.927   1.00 13.05 ? 5   SER A C   1 
ATOM   68  O O   . SER A 1 10 ? -6.082  -2.993  0.272   1.00 12.09 ? 5   SER A O   1 
ATOM   69  C CB  . SER A 1 10 ? -6.175  -0.009  -0.202  1.00 13.88 ? 5   SER A CB  1 
ATOM   70  O OG  . SER A 1 10 ? -7.050  0.309   0.870   1.00 15.02 ? 5   SER A OG  1 
ATOM   71  N N   . GLN A 1 11 ? -5.205  -2.308  2.213   1.00 14.22 ? 6   GLN A N   1 
ATOM   72  C CA  . GLN A 1 11 ? -5.616  -3.509  2.909   1.00 15.45 ? 6   GLN A CA  1 
ATOM   73  C C   . GLN A 1 11 ? -7.121  -3.716  2.774   1.00 15.79 ? 6   GLN A C   1 
ATOM   74  O O   . GLN A 1 11 ? -7.923  -2.774  2.926   1.00 15.62 ? 6   GLN A O   1 
ATOM   75  C CB  . GLN A 1 11 ? -5.204  -3.449  4.375   1.00 17.22 ? 6   GLN A CB  1 
ATOM   76  C CG  . GLN A 1 11 ? -5.361  -4.778  5.073   1.00 18.91 ? 6   GLN A CG  1 
ATOM   77  C CD  . GLN A 1 11 ? -4.656  -4.837  6.419   1.00 21.91 ? 6   GLN A CD  1 
ATOM   78  O OE1 . GLN A 1 11 ? -3.631  -4.181  6.638   1.00 25.34 ? 6   GLN A OE1 1 
ATOM   79  N NE2 . GLN A 1 11 ? -5.182  -5.651  7.310   1.00 23.78 ? 6   GLN A NE2 1 
ATOM   80  N N   . SER A 1 12 ? -7.505  -4.956  2.506   1.00 15.13 ? 7   SER A N   1 
ATOM   81  C CA  . SER A 1 12 ? -8.903  -5.301  2.243   1.00 16.63 ? 7   SER A CA  1 
ATOM   82  C C   . SER A 1 12 ? -9.816  -5.040  3.429   1.00 18.19 ? 7   SER A C   1 
ATOM   83  O O   . SER A 1 12 ? -9.470  -5.355  4.569   1.00 17.63 ? 7   SER A O   1 
ATOM   84  C CB  . SER A 1 12 ? -9.014  -6.765  1.835   1.00 16.05 ? 7   SER A CB  1 
ATOM   85  O OG  . SER A 1 12 ? -10.365 -7.181  1.822   1.00 15.89 ? 7   SER A OG  1 
ATOM   86  N N   . HIS A 1 13 ? -11.002 -4.505  3.139   1.00 20.86 ? 8   HIS A N   1 
ATOM   87  C CA  . HIS A 1 13 ? -12.027 -4.297  4.154   1.00 22.47 ? 8   HIS A CA  1 
ATOM   88  C C   . HIS A 1 13 ? -12.789 -5.587  4.507   1.00 21.94 ? 8   HIS A C   1 
ATOM   89  O O   . HIS A 1 13 ? -13.219 -5.762  5.660   1.00 24.56 ? 8   HIS A O   1 
ATOM   90  C CB  . HIS A 1 13 ? -12.993 -3.204  3.691   1.00 23.65 ? 8   HIS A CB  1 
ATOM   91  C CG  . HIS A 1 13 ? -12.401 -1.826  3.736   1.00 24.98 ? 8   HIS A CG  1 
ATOM   92  N ND1 . HIS A 1 13 ? -13.172 -0.685  3.744   1.00 26.76 ? 8   HIS A ND1 1 
ATOM   93  C CD2 . HIS A 1 13 ? -11.112 -1.409  3.793   1.00 25.84 ? 8   HIS A CD2 1 
ATOM   94  C CE1 . HIS A 1 13 ? -12.387 0.377   3.788   1.00 26.61 ? 8   HIS A CE1 1 
ATOM   95  N NE2 . HIS A 1 13 ? -11.134 -0.035  3.826   1.00 27.21 ? 8   HIS A NE2 1 
ATOM   96  N N   . ARG A 1 14 ? -12.957 -6.467  3.523   1.00 20.30 ? 9   ARG A N   1 
ATOM   97  C CA  . ARG A 1 14 ? -13.858 -7.623  3.638   1.00 18.24 ? 9   ARG A CA  1 
ATOM   98  C C   . ARG A 1 14 ? -13.158 -8.940  3.891   1.00 15.40 ? 9   ARG A C   1 
ATOM   99  O O   . ARG A 1 14 ? -13.783 -9.893  4.361   1.00 13.97 ? 9   ARG A O   1 
ATOM   100 C CB  . ARG A 1 14 ? -14.676 -7.779  2.357   1.00 21.33 ? 9   ARG A CB  1 
ATOM   101 C CG  . ARG A 1 14 ? -15.503 -6.577  1.973   1.00 23.92 ? 9   ARG A CG  1 
ATOM   102 C CD  . ARG A 1 14 ? -16.441 -6.991  0.865   1.00 26.39 ? 9   ARG A CD  1 
ATOM   103 N NE  . ARG A 1 14 ? -17.184 -5.873  0.312   1.00 29.89 ? 9   ARG A NE  1 
ATOM   104 C CZ  . ARG A 1 14 ? -18.098 -5.988  -0.645  1.00 32.14 ? 9   ARG A CZ  1 
ATOM   105 N NH1 . ARG A 1 14 ? -18.403 -7.188  -1.137  1.00 34.45 ? 9   ARG A NH1 1 
ATOM   106 N NH2 . ARG A 1 14 ? -18.732 -4.908  -1.098  1.00 34.11 ? 9   ARG A NH2 1 
ATOM   107 N N   . PHE A 1 15 ? -11.885 -9.035  3.522   1.00 13.67 ? 10  PHE A N   1 
ATOM   108 C CA  . PHE A 1 15 ? -11.194 -10.314 3.576   1.00 13.00 ? 10  PHE A CA  1 
ATOM   109 C C   . PHE A 1 15 ? -11.021 -10.762 5.027   1.00 13.65 ? 10  PHE A C   1 
ATOM   110 O O   . PHE A 1 15 ? -10.569 -9.979  5.860   1.00 13.64 ? 10  PHE A O   1 
ATOM   111 C CB  . PHE A 1 15 ? -9.833  -10.221 2.902   1.00 12.70 ? 10  PHE A CB  1 
ATOM   112 C CG  . PHE A 1 15 ? -9.188  -11.549 2.649   1.00 12.41 ? 10  PHE A CG  1 
ATOM   113 C CD1 . PHE A 1 15 ? -9.326  -12.177 1.427   1.00 11.92 ? 10  PHE A CD1 1 
ATOM   114 C CD2 . PHE A 1 15 ? -8.454  -12.184 3.642   1.00 12.01 ? 10  PHE A CD2 1 
ATOM   115 C CE1 . PHE A 1 15 ? -8.747  -13.415 1.193   1.00 12.27 ? 10  PHE A CE1 1 
ATOM   116 C CE2 . PHE A 1 15 ? -7.858  -13.410 3.407   1.00 12.31 ? 10  PHE A CE2 1 
ATOM   117 C CZ  . PHE A 1 15 ? -8.004  -14.030 2.188   1.00 12.70 ? 10  PHE A CZ  1 
ATOM   118 N N   . LYS A 1 16 ? -11.332 -12.027 5.296   1.00 14.80 ? 11  LYS A N   1 
ATOM   119 C CA  . LYS A 1 16 ? -11.310 -12.575 6.661   1.00 15.91 ? 11  LYS A CA  1 
ATOM   120 C C   . LYS A 1 16 ? -10.197 -13.591 6.836   1.00 15.70 ? 11  LYS A C   1 
ATOM   121 O O   . LYS A 1 16 ? -9.966  -14.427 5.975   1.00 15.54 ? 11  LYS A O   1 
ATOM   122 C CB  . LYS A 1 16 ? -12.647 -13.246 6.983   1.00 17.67 ? 11  LYS A CB  1 
ATOM   123 C CG  . LYS A 1 16 ? -13.844 -12.312 6.956   1.00 19.26 ? 11  LYS A CG  1 
ATOM   124 C CD  . LYS A 1 16 ? -13.812 -11.317 8.110   1.00 21.68 ? 11  LYS A CD  1 
ATOM   125 C CE  . LYS A 1 16 ? -14.898 -10.273 7.983   1.00 24.31 ? 11  LYS A CE  1 
ATOM   126 N NZ  . LYS A 1 16 ? -14.797 -9.272  9.083   1.00 26.86 ? 11  LYS A NZ  1 
ATOM   127 N N   . GLY A 1 17 ? -9.517  -13.516 7.983   1.00 16.02 ? 12  GLY A N   1 
ATOM   128 C CA  . GLY A 1 17 ? -8.492  -14.485 8.344   1.00 16.45 ? 12  GLY A CA  1 
ATOM   129 C C   . GLY A 1 17 ? -7.196  -14.296 7.597   1.00 16.56 ? 12  GLY A C   1 
ATOM   130 O O   . GLY A 1 17 ? -6.981  -13.274 6.943   1.00 16.83 ? 12  GLY A O   1 
ATOM   131 N N   . MET A 1 18 ? -6.337  -15.305 7.660   1.00 16.38 ? 13  MET A N   1 
ATOM   132 C CA  . MET A 1 18 ? -5.043  -15.229 6.997   1.00 17.70 ? 13  MET A CA  1 
ATOM   133 C C   . MET A 1 18 ? -5.199  -15.359 5.481   1.00 16.45 ? 13  MET A C   1 
ATOM   134 O O   . MET A 1 18 ? -5.963  -16.188 4.990   1.00 15.95 ? 13  MET A O   1 
ATOM   135 C CB  . MET A 1 18 ? -4.106  -16.321 7.515   1.00 19.26 ? 13  MET A CB  1 
ATOM   136 C CG  . MET A 1 18 ? -3.773  -16.211 8.981   1.00 22.03 ? 13  MET A CG  1 
ATOM   137 S SD  . MET A 1 18 ? -2.654  -14.842 9.311   1.00 27.23 ? 13  MET A SD  1 
ATOM   138 C CE  . MET A 1 18 ? -2.426  -15.071 11.084  1.00 26.15 ? 13  MET A CE  1 
ATOM   139 N N   . CYS A 1 19 ? -4.460  -14.538 4.757   1.00 15.69 ? 14  CYS A N   1 
ATOM   140 C CA  . CYS A 1 19 ? -4.445  -14.572 3.307   1.00 15.09 ? 14  CYS A CA  1 
ATOM   141 C C   . CYS A 1 19 ? -3.487  -15.658 2.845   1.00 15.92 ? 14  CYS A C   1 
ATOM   142 O O   . CYS A 1 19 ? -2.272  -15.538 3.047   1.00 17.05 ? 14  CYS A O   1 
ATOM   143 C CB  . CYS A 1 19 ? -4.004  -13.203 2.778   1.00 14.92 ? 14  CYS A CB  1 
ATOM   144 S SG  . CYS A 1 19 ? -4.343  -12.902 1.033   1.00 14.84 ? 14  CYS A SG  1 
ATOM   145 N N   . VAL A 1 20 ? -4.026  -16.698 2.211   1.00 15.40 ? 15  VAL A N   1 
ATOM   146 C CA  . VAL A 1 20 ? -3.234  -17.817 1.681   1.00 15.19 ? 15  VAL A CA  1 
ATOM   147 C C   . VAL A 1 20 ? -3.076  -17.722 0.176   1.00 15.72 ? 15  VAL A C   1 
ATOM   148 O O   . VAL A 1 20 ? -1.978  -17.833 -0.342  1.00 16.24 ? 15  VAL A O   1 
ATOM   149 C CB  . VAL A 1 20 ? -3.886  -19.164 2.029   1.00 15.53 ? 15  VAL A CB  1 
ATOM   150 C CG1 . VAL A 1 20 ? -3.034  -20.320 1.523   1.00 16.22 ? 15  VAL A CG1 1 
ATOM   151 C CG2 . VAL A 1 20 ? -4.124  -19.280 3.529   1.00 15.88 ? 15  VAL A CG2 1 
ATOM   152 N N   . SER A 1 21 ? -4.193  -17.514 -0.520  1.00 15.07 ? 16  SER A N   1 
ATOM   153 C CA  . SER A 1 21 ? -4.224  -17.461 -1.973  1.00 15.00 ? 16  SER A CA  1 
ATOM   154 C C   . SER A 1 21 ? -4.409  -16.035 -2.463  1.00 14.57 ? 16  SER A C   1 
ATOM   155 O O   . SER A 1 21 ? -5.426  -15.394 -2.173  1.00 14.47 ? 16  SER A O   1 
ATOM   156 C CB  . SER A 1 21 ? -5.381  -18.297 -2.505  1.00 15.38 ? 16  SER A CB  1 
ATOM   157 O OG  . SER A 1 21 ? -5.575  -18.078 -3.899  1.00 17.16 ? 16  SER A OG  1 
ATOM   158 N N   . SER A 1 22 ? -3.460  -15.550 -3.248  1.00 14.55 ? 17  SER A N   1 
ATOM   159 C CA  . SER A 1 22 ? -3.615  -14.235 -3.851  1.00 14.16 ? 17  SER A CA  1 
ATOM   160 C C   . SER A 1 22 ? -4.792  -14.167 -4.828  1.00 13.96 ? 17  SER A C   1 
ATOM   161 O O   . SER A 1 22 ? -5.380  -13.102 -5.014  1.00 13.74 ? 17  SER A O   1 
ATOM   162 C CB  . SER A 1 22 ? -2.315  -13.753 -4.510  1.00 14.73 ? 17  SER A CB  1 
ATOM   163 O OG  . SER A 1 22 ? -1.355  -13.371 -3.528  1.00 15.63 ? 17  SER A OG  1 
ATOM   164 N N   . ASN A 1 23 ? -5.143  -15.292 -5.451  1.00 13.97 ? 18  ASN A N   1 
ATOM   165 C CA  . ASN A 1 23 ? -6.326  -15.333 -6.315  1.00 14.54 ? 18  ASN A CA  1 
ATOM   166 C C   . ASN A 1 23 ? -7.582  -15.052 -5.510  1.00 12.92 ? 18  ASN A C   1 
ATOM   167 O O   . ASN A 1 23 ? -8.454  -14.277 -5.920  1.00 12.04 ? 18  ASN A O   1 
ATOM   168 C CB  . ASN A 1 23 ? -6.481  -16.695 -6.979  1.00 16.84 ? 18  ASN A CB  1 
ATOM   169 C CG  . ASN A 1 23 ? -5.551  -16.887 -8.158  1.00 19.35 ? 18  ASN A CG  1 
ATOM   170 O OD1 . ASN A 1 23 ? -4.480  -16.282 -8.223  1.00 24.17 ? 18  ASN A OD1 1 
ATOM   171 N ND2 . ASN A 1 23 ? -5.961  -17.723 -9.109  1.00 21.79 ? 18  ASN A ND2 1 
ATOM   172 N N   . ASN A 1 24 ? -7.707  -15.725 -4.375  1.00 11.99 ? 19  ASN A N   1 
ATOM   173 C CA  . ASN A 1 24 ? -8.852  -15.462 -3.507  1.00 11.56 ? 19  ASN A CA  1 
ATOM   174 C C   . ASN A 1 24 ? -8.881  -13.982 -3.057  1.00 11.00 ? 19  ASN A C   1 
ATOM   175 O O   . ASN A 1 24 ? -9.944  -13.324 -3.063  1.00 10.27 ? 19  ASN A O   1 
ATOM   176 C CB  . ASN A 1 24 ? -8.840  -16.375 -2.279  1.00 11.85 ? 19  ASN A CB  1 
ATOM   177 C CG  . ASN A 1 24 ? -9.020  -17.846 -2.619  1.00 12.49 ? 19  ASN A CG  1 
ATOM   178 O OD1 . ASN A 1 24 ? -9.389  -18.214 -3.732  1.00 12.22 ? 19  ASN A OD1 1 
ATOM   179 N ND2 . ASN A 1 24 ? -8.788  -18.692 -1.625  1.00 13.66 ? 19  ASN A ND2 1 
ATOM   180 N N   . CYS A 1 25 ? -7.740  -13.444 -2.649  1.00 10.70 ? 20  CYS A N   1 
ATOM   181 C CA  . CYS A 1 25 ? -7.658  -12.024 -2.279  1.00 10.81 ? 20  CYS A CA  1 
ATOM   182 C C   . CYS A 1 25 ? -8.100  -11.108 -3.422  1.00 10.33 ? 20  CYS A C   1 
ATOM   183 O O   . CYS A 1 25 ? -8.896  -10.187 -3.210  1.00 10.49 ? 20  CYS A O   1 
ATOM   184 C CB  . CYS A 1 25 ? -6.229  -11.674 -1.863  1.00 11.06 ? 20  CYS A CB  1 
ATOM   185 S SG  . CYS A 1 25 ? -5.936  -9.930  -1.523  1.00 11.56 ? 20  CYS A SG  1 
ATOM   186 N N   . ALA A 1 26 ? -7.604  -11.354 -4.639  1.00 10.09 ? 21  ALA A N   1 
ATOM   187 C CA  . ALA A 1 26 ? -7.968  -10.518 -5.768  1.00 10.07 ? 21  ALA A CA  1 
ATOM   188 C C   . ALA A 1 26 ? -9.466  -10.563 -6.008  1.00 10.38 ? 21  ALA A C   1 
ATOM   189 O O   . ALA A 1 26 ? -10.079 -9.522  -6.274  1.00 10.35 ? 21  ALA A O   1 
ATOM   190 C CB  . ALA A 1 26 ? -7.201  -10.921 -7.007  1.00 10.23 ? 21  ALA A CB  1 
ATOM   191 N N   . ASN A 1 27 ? -10.076 -11.740 -5.900  1.00 10.13 ? 22  ASN A N   1 
ATOM   192 C CA  . ASN A 1 27 ? -11.527 -11.834 -6.115  1.00 10.64 ? 22  ASN A CA  1 
ATOM   193 C C   . ASN A 1 27 ? -12.331 -11.109 -5.053  1.00 10.67 ? 22  ASN A C   1 
ATOM   194 O O   . ASN A 1 27 ? -13.304 -10.407 -5.360  1.00 10.91 ? 22  ASN A O   1 
ATOM   195 C CB  . ASN A 1 27 ? -11.970 -13.283 -6.316  1.00 11.25 ? 22  ASN A CB  1 
ATOM   196 C CG  . ASN A 1 27 ? -11.619 -13.795 -7.707  1.00 11.70 ? 22  ASN A CG  1 
ATOM   197 O OD1 . ASN A 1 27 ? -11.849 -13.113 -8.693  1.00 13.42 ? 22  ASN A OD1 1 
ATOM   198 N ND2 . ASN A 1 27 ? -11.015 -14.980 -7.782  1.00 12.46 ? 22  ASN A ND2 1 
ATOM   199 N N   . VAL A 1 28 ? -11.913 -11.230 -3.794  1.00 10.07 ? 23  VAL A N   1 
ATOM   200 C CA  . VAL A 1 28 ? -12.573 -10.456 -2.747  1.00 10.28 ? 23  VAL A CA  1 
ATOM   201 C C   . VAL A 1 28 ? -12.394 -8.971  -3.028  1.00 10.36 ? 23  VAL A C   1 
ATOM   202 O O   . VAL A 1 28 ? -13.336 -8.189  -2.892  1.00 10.10 ? 23  VAL A O   1 
ATOM   203 C CB  . VAL A 1 28 ? -12.038 -10.817 -1.343  1.00 10.28 ? 23  VAL A CB  1 
ATOM   204 C CG1 . VAL A 1 28 ? -12.617 -9.892  -0.275  1.00 10.72 ? 23  VAL A CG1 1 
ATOM   205 C CG2 . VAL A 1 28 ? -12.338 -12.275 -1.025  1.00 10.27 ? 23  VAL A CG2 1 
ATOM   206 N N   . CYS A 1 29 ? -11.202 -8.567  -3.447  1.00 10.31 ? 24  CYS A N   1 
ATOM   207 C CA  . CYS A 1 29 ? -10.939 -7.159  -3.765  1.00 10.57 ? 24  CYS A CA  1 
ATOM   208 C C   . CYS A 1 29 ? -11.814 -6.652  -4.909  1.00 10.82 ? 24  CYS A C   1 
ATOM   209 O O   . CYS A 1 29 ? -12.175 -5.485  -4.920  1.00 10.68 ? 24  CYS A O   1 
ATOM   210 C CB  . CYS A 1 29 ? -9.474  -6.943  -4.078  1.00 10.51 ? 24  CYS A CB  1 
ATOM   211 S SG  . CYS A 1 29 ? -8.493  -7.047  -2.564  1.00 10.85 ? 24  CYS A SG  1 
ATOM   212 N N   . ARG A 1 30 ? -12.164 -7.517  -5.852  1.00 11.79 ? 25  ARG A N   1 
ATOM   213 C CA  . ARG A 1 30 ? -13.053 -7.134  -6.958  1.00 12.86 ? 25  ARG A CA  1 
ATOM   214 C C   . ARG A 1 30 ? -14.454 -6.766  -6.470  1.00 13.27 ? 25  ARG A C   1 
ATOM   215 O O   . ARG A 1 30 ? -15.102 -5.877  -7.033  1.00 14.61 ? 25  ARG A O   1 
ATOM   216 C CB  . ARG A 1 30 ? -13.092 -8.226  -8.031  1.00 13.20 ? 25  ARG A CB  1 
ATOM   217 C CG  . ARG A 1 30 ? -11.789 -8.311  -8.801  1.00 14.21 ? 25  ARG A CG  1 
ATOM   218 C CD  . ARG A 1 30 ? -11.686 -9.480  -9.768  1.00 14.73 ? 25  ARG A CD  1 
ATOM   219 N NE  . ARG A 1 30 ? -10.349 -9.396  -10.321 1.00 15.84 ? 25  ARG A NE  1 
ATOM   220 C CZ  . ARG A 1 30 ? -9.396  -10.309 -10.227 1.00 15.52 ? 25  ARG A CZ  1 
ATOM   221 N NH1 . ARG A 1 30 ? -9.621  -11.517 -9.724  1.00 16.14 ? 25  ARG A NH1 1 
ATOM   222 N NH2 . ARG A 1 30 ? -8.204  -10.018 -10.716 1.00 16.56 ? 25  ARG A NH2 1 
ATOM   223 N N   . THR A 1 31 ? -14.904 -7.410  -5.398  1.00 13.33 ? 26  THR A N   1 
ATOM   224 C CA  . THR A 1 31 ? -16.177 -7.049  -4.757  1.00 13.97 ? 26  THR A CA  1 
ATOM   225 C C   . THR A 1 31 ? -16.088 -5.714  -4.021  1.00 14.56 ? 26  THR A C   1 
ATOM   226 O O   . THR A 1 31 ? -17.118 -5.137  -3.683  1.00 15.55 ? 26  THR A O   1 
ATOM   227 C CB  . THR A 1 31 ? -16.699 -8.135  -3.787  1.00 13.68 ? 26  THR A CB  1 
ATOM   228 O OG1 . THR A 1 31 ? -15.976 -8.094  -2.557  1.00 13.28 ? 26  THR A OG1 1 
ATOM   229 C CG2 . THR A 1 31 ? -16.640 -9.499  -4.405  1.00 14.03 ? 26  THR A CG2 1 
ATOM   230 N N   . GLU A 1 32 ? -14.858 -5.248  -3.786  1.00 13.93 ? 27  GLU A N   1 
ATOM   231 C CA  . GLU A 1 32 ? -14.557 -3.954  -3.163  1.00 15.04 ? 27  GLU A CA  1 
ATOM   232 C C   . GLU A 1 32 ? -14.239 -2.881  -4.200  1.00 14.91 ? 27  GLU A C   1 
ATOM   233 O O   . GLU A 1 32 ? -13.802 -1.790  -3.839  1.00 15.28 ? 27  GLU A O   1 
ATOM   234 C CB  . GLU A 1 32 ? -13.370 -4.094  -2.194  1.00 15.36 ? 27  GLU A CB  1 
ATOM   235 C CG  . GLU A 1 32 ? -13.624 -5.039  -1.039  1.00 16.17 ? 27  GLU A CG  1 
ATOM   236 C CD  . GLU A 1 32 ? -12.480 -5.128  -0.045  1.00 16.87 ? 27  GLU A CD  1 
ATOM   237 O OE1 . GLU A 1 32 ? -11.930 -4.082  0.380   1.00 17.01 ? 27  GLU A OE1 1 
ATOM   238 O OE2 . GLU A 1 32 ? -12.115 -6.270  0.296   1.00 17.80 ? 27  GLU A OE2 1 
ATOM   239 N N   . SER A 1 33 ? -14.408 -3.226  -5.477  1.00 15.60 ? 28  SER A N   1 
ATOM   240 C CA  . SER A 1 33 ? -14.224 -2.318  -6.622  1.00 16.05 ? 28  SER A CA  1 
ATOM   241 C C   . SER A 1 33 ? -12.760 -2.011  -6.941  1.00 14.46 ? 28  SER A C   1 
ATOM   242 O O   . SER A 1 33 ? -12.444 -0.961  -7.529  1.00 15.58 ? 28  SER A O   1 
ATOM   243 C CB  . SER A 1 33 ? -15.038 -1.025  -6.448  1.00 18.14 ? 28  SER A CB  1 
ATOM   244 O OG  . SER A 1 33 ? -16.389 -1.357  -6.218  1.00 21.64 ? 28  SER A OG  1 
ATOM   245 N N   . PHE A 1 34 ? -11.866 -2.930  -6.557  1.00 13.19 ? 29  PHE A N   1 
ATOM   246 C CA  . PHE A 1 34 ? -10.482 -2.931  -7.025  1.00 12.90 ? 29  PHE A CA  1 
ATOM   247 C C   . PHE A 1 34 ? -10.330 -4.000  -8.090  1.00 13.44 ? 29  PHE A C   1 
ATOM   248 O O   . PHE A 1 34 ? -10.969 -5.034  -8.010  1.00 13.85 ? 29  PHE A O   1 
ATOM   249 C CB  . PHE A 1 34 ? -9.482  -3.253  -5.903  1.00 12.61 ? 29  PHE A CB  1 
ATOM   250 C CG  . PHE A 1 34 ? -9.281  -2.150  -4.912  1.00 12.32 ? 29  PHE A CG  1 
ATOM   251 C CD1 . PHE A 1 34 ? -8.115  -1.392  -4.909  1.00 12.17 ? 29  PHE A CD1 1 
ATOM   252 C CD2 . PHE A 1 34 ? -10.235 -1.904  -3.948  1.00 12.65 ? 29  PHE A CD2 1 
ATOM   253 C CE1 . PHE A 1 34 ? -7.915  -0.386  -3.971  1.00 12.56 ? 29  PHE A CE1 1 
ATOM   254 C CE2 . PHE A 1 34 ? -10.045 -0.908  -3.012  1.00 12.95 ? 29  PHE A CE2 1 
ATOM   255 C CZ  . PHE A 1 34 ? -8.883  -0.157  -3.020  1.00 12.69 ? 29  PHE A CZ  1 
ATOM   256 N N   . PRO A 1 35 ? -9.461  -3.760  -9.080  1.00 14.09 ? 30  PRO A N   1 
ATOM   257 C CA  . PRO A 1 35 ? -9.295  -4.715  -10.178 1.00 14.65 ? 30  PRO A CA  1 
ATOM   258 C C   . PRO A 1 35 ? -8.444  -5.943  -9.839  1.00 14.06 ? 30  PRO A C   1 
ATOM   259 O O   . PRO A 1 35 ? -8.463  -6.932  -10.587 1.00 14.40 ? 30  PRO A O   1 
ATOM   260 C CB  . PRO A 1 35 ? -8.640  -3.867  -11.269 1.00 15.16 ? 30  PRO A CB  1 
ATOM   261 C CG  . PRO A 1 35 ? -7.933  -2.767  -10.551 1.00 15.58 ? 30  PRO A CG  1 
ATOM   262 C CD  . PRO A 1 35 ? -8.743  -2.489  -9.318  1.00 14.78 ? 30  PRO A CD  1 
ATOM   263 N N   . ASP A 1 36 ? -7.712  -5.890  -8.730  1.00 13.86 ? 31  ASP A N   1 
ATOM   264 C CA  . ASP A 1 36 ? -6.730  -6.916  -8.391  1.00 14.15 ? 31  ASP A CA  1 
ATOM   265 C C   . ASP A 1 36 ? -6.460  -6.877  -6.881  1.00 13.04 ? 31  ASP A C   1 
ATOM   266 O O   . ASP A 1 36 ? -6.956  -6.018  -6.161  1.00 11.74 ? 31  ASP A O   1 
ATOM   267 C CB  . ASP A 1 36 ? -5.440  -6.666  -9.171  1.00 15.50 ? 31  ASP A CB  1 
ATOM   268 C CG  . ASP A 1 36 ? -4.571  -7.907  -9.347  1.00 17.94 ? 31  ASP A CG  1 
ATOM   269 O OD1 . ASP A 1 36 ? -4.917  -9.010  -8.865  1.00 18.64 ? 31  ASP A OD1 1 
ATOM   270 O OD2 . ASP A 1 36 ? -3.501  -7.757  -9.978  1.00 21.18 ? 31  ASP A OD2 1 
ATOM   271 N N   . GLY A 1 37 ? -5.669  -7.838  -6.438  1.00 12.68 ? 32  GLY A N   1 
ATOM   272 C CA  . GLY A 1 37 ? -5.282  -7.933  -5.027  1.00 12.42 ? 32  GLY A CA  1 
ATOM   273 C C   . GLY A 1 37 ? -4.238  -9.004  -4.837  1.00 13.12 ? 32  GLY A C   1 
ATOM   274 O O   . GLY A 1 37 ? -4.049  -9.880  -5.695  1.00 12.66 ? 32  GLY A O   1 
ATOM   275 N N   . GLU A 1 38 ? -3.552  -8.961  -3.703  1.00 13.28 ? 33  GLU A N   1 
ATOM   276 C CA  . GLU A 1 38 ? -2.493  -9.926  -3.432  1.00 14.68 ? 33  GLU A CA  1 
ATOM   277 C C   . GLU A 1 38 ? -2.234  -10.039 -1.935  1.00 14.12 ? 33  GLU A C   1 
ATOM   278 O O   . GLU A 1 38 ? -2.452  -9.088  -1.180  1.00 12.50 ? 33  GLU A O   1 
ATOM   279 C CB  . GLU A 1 38 ? -1.219  -9.513  -4.169  1.00 16.11 ? 33  GLU A CB  1 
ATOM   280 C CG  . GLU A 1 38 ? -0.601  -8.208  -3.693  1.00 17.87 ? 33  GLU A CG  1 
ATOM   281 C CD  . GLU A 1 38 ? 0.386   -7.588  -4.680  1.00 19.94 ? 33  GLU A CD  1 
ATOM   282 O OE1 . GLU A 1 38 ? 0.371   -7.920  -5.877  1.00 22.22 ? 33  GLU A OE1 1 
ATOM   283 O OE2 . GLU A 1 38 ? 1.168   -6.735  -4.249  1.00 22.74 ? 33  GLU A OE2 1 
ATOM   284 N N   . CYS A 1 39 ? -1.810  -11.222 -1.509  1.00 14.00 ? 34  CYS A N   1 
ATOM   285 C CA  . CYS A 1 39 ? -1.437  -11.435 -0.112  1.00 14.77 ? 34  CYS A CA  1 
ATOM   286 C C   . CYS A 1 39 ? -0.066  -10.839 0.152   1.00 15.70 ? 34  CYS A C   1 
ATOM   287 O O   . CYS A 1 39 ? 0.806   -10.915 -0.705  1.00 16.91 ? 34  CYS A O   1 
ATOM   288 C CB  . CYS A 1 39 ? -1.391  -12.916 0.244   1.00 15.35 ? 34  CYS A CB  1 
ATOM   289 S SG  . CYS A 1 39 ? -2.900  -13.872 -0.012  1.00 16.41 ? 34  CYS A SG  1 
ATOM   290 N N   . LYS A 1 40 ? 0.112   -10.273 1.339   1.00 15.93 ? 35  LYS A N   1 
ATOM   291 C CA  . LYS A 1 40 ? 1.407   -9.768  1.803   1.00 18.23 ? 35  LYS A CA  1 
ATOM   292 C C   . LYS A 1 40 ? 1.573   -10.088 3.271   1.00 18.92 ? 35  LYS A C   1 
ATOM   293 O O   . LYS A 1 40 ? 0.607   -10.064 4.033   1.00 17.06 ? 35  LYS A O   1 
ATOM   294 C CB  . LYS A 1 40 ? 1.523   -8.264  1.590   1.00 20.47 ? 35  LYS A CB  1 
ATOM   295 C CG  . LYS A 1 40 ? 1.456   -7.841  0.135   1.00 23.46 ? 35  LYS A CG  1 
ATOM   296 C CD  . LYS A 1 40 ? 2.476   -6.761  -0.182  1.00 27.28 ? 35  LYS A CD  1 
ATOM   297 C CE  . LYS A 1 40 ? 2.822   -6.736  -1.655  1.00 29.76 ? 35  LYS A CE  1 
ATOM   298 N NZ  . LYS A 1 40 ? 4.291   -6.707  -1.859  1.00 31.60 ? 35  LYS A NZ  1 
ATOM   299 N N   . SER A 1 41 ? 2.812   -10.379 3.676   1.00 21.28 ? 36  SER A N   1 
ATOM   300 C CA  . SER A 1 41 ? 3.103   -10.706 5.077   1.00 23.26 ? 36  SER A CA  1 
ATOM   301 C C   . SER A 1 41 ? 3.680   -9.523  5.822   1.00 26.05 ? 36  SER A C   1 
ATOM   302 O O   . SER A 1 41 ? 4.562   -8.831  5.313   1.00 27.36 ? 36  SER A O   1 
ATOM   303 C CB  . SER A 1 41 ? 4.102   -11.858 5.159   1.00 24.25 ? 36  SER A CB  1 
ATOM   304 O OG  . SER A 1 41 ? 3.524   -13.065 4.707   1.00 26.59 ? 36  SER A OG  1 
ATOM   305 N N   . HIS A 1 42 ? 3.186   -9.287  7.030   1.00 26.23 ? 37  HIS A N   1 
ATOM   306 C CA  . HIS A 1 42 ? 3.882   -8.399  7.949   1.00 29.07 ? 37  HIS A CA  1 
ATOM   307 C C   . HIS A 1 42 ? 3.670   -8.853  9.375   1.00 28.18 ? 37  HIS A C   1 
ATOM   308 O O   . HIS A 1 42 ? 2.543   -9.040  9.823   1.00 27.41 ? 37  HIS A O   1 
ATOM   309 C CB  . HIS A 1 42 ? 3.456   -6.949  7.806   1.00 31.95 ? 37  HIS A CB  1 
ATOM   310 C CG  . HIS A 1 42 ? 4.107   -6.054  8.813   1.00 34.91 ? 37  HIS A CG  1 
ATOM   311 N ND1 . HIS A 1 42 ? 5.474   -6.020  8.993   1.00 36.47 ? 37  HIS A ND1 1 
ATOM   312 C CD2 . HIS A 1 42 ? 3.583   -5.206  9.729   1.00 35.65 ? 37  HIS A CD2 1 
ATOM   313 C CE1 . HIS A 1 42 ? 5.766   -5.169  9.961   1.00 36.26 ? 37  HIS A CE1 1 
ATOM   314 N NE2 . HIS A 1 42 ? 4.637   -4.660  10.421  1.00 37.31 ? 37  HIS A NE2 1 
ATOM   315 N N   . GLY A 1 43 ? 4.771   -9.005  10.095  1.00 28.42 ? 38  GLY A N   1 
ATOM   316 C CA  . GLY A 1 43 ? 4.733   -9.658  11.376  1.00 28.08 ? 38  GLY A CA  1 
ATOM   317 C C   . GLY A 1 43 ? 4.283   -11.081 11.157  1.00 27.24 ? 38  GLY A C   1 
ATOM   318 O O   . GLY A 1 43 ? 4.707   -11.749 10.206  1.00 29.84 ? 38  GLY A O   1 
ATOM   319 N N   . LEU A 1 44 ? 3.401   -11.535 12.025  1.00 25.21 ? 39  LEU A N   1 
ATOM   320 C CA  . LEU A 1 44 ? 2.914   -12.898 11.980  1.00 24.19 ? 39  LEU A CA  1 
ATOM   321 C C   . LEU A 1 44 ? 1.525   -12.938 11.343  1.00 24.13 ? 39  LEU A C   1 
ATOM   322 O O   . LEU A 1 44 ? 0.749   -13.863 11.596  1.00 23.89 ? 39  LEU A O   1 
ATOM   323 C CB  . LEU A 1 44 ? 2.896   -13.467 13.394  1.00 24.41 ? 39  LEU A CB  1 
ATOM   324 C CG  . LEU A 1 44 ? 4.276   -13.419 14.067  1.00 24.06 ? 39  LEU A CG  1 
ATOM   325 C CD1 . LEU A 1 44 ? 4.138   -13.683 15.554  1.00 23.81 ? 39  LEU A CD1 1 
ATOM   326 C CD2 . LEU A 1 44 ? 5.247   -14.390 13.409  1.00 24.62 ? 39  LEU A CD2 1 
ATOM   327 N N   . GLU A 1 45 ? 1.235   -11.928 10.516  1.00 24.34 ? 40  GLU A N   1 
ATOM   328 C CA  . GLU A 1 45 ? -0.044  -11.801 9.814   1.00 24.62 ? 40  GLU A CA  1 
ATOM   329 C C   . GLU A 1 45 ? 0.212   -11.862 8.323   1.00 22.90 ? 40  GLU A C   1 
ATOM   330 O O   . GLU A 1 45 ? 1.191   -11.296 7.834   1.00 23.31 ? 40  GLU A O   1 
ATOM   331 C CB  . GLU A 1 45 ? -0.689  -10.444 10.122  1.00 27.17 ? 40  GLU A CB  1 
ATOM   332 C CG  . GLU A 1 45 ? -0.904  -10.150 11.599  1.00 30.44 ? 40  GLU A CG  1 
ATOM   333 C CD  . GLU A 1 45 ? -2.089  -10.889 12.183  1.00 32.65 ? 40  GLU A CD  1 
ATOM   334 O OE1 . GLU A 1 45 ? -1.960  -11.432 13.305  1.00 37.56 ? 40  GLU A OE1 1 
ATOM   335 O OE2 . GLU A 1 45 ? -3.157  -10.915 11.530  1.00 36.27 ? 40  GLU A OE2 1 
ATOM   336 N N   . ARG A 1 46 ? -0.651  -12.558 7.597   1.00 20.50 ? 41  ARG A N   1 
ATOM   337 C CA  . ARG A 1 46 ? -0.619  -12.471 6.154   1.00 20.13 ? 41  ARG A CA  1 
ATOM   338 C C   . ARG A 1 46 ? -1.985  -11.937 5.754   1.00 17.98 ? 41  ARG A C   1 
ATOM   339 O O   . ARG A 1 46 ? -3.011  -12.532 6.073   1.00 17.30 ? 41  ARG A O   1 
ATOM   340 C CB  . ARG A 1 46 ? -0.297  -13.822 5.517   1.00 22.57 ? 41  ARG A CB  1 
ATOM   341 C CG  . ARG A 1 46 ? 0.246   -13.693 4.102   1.00 25.30 ? 41  ARG A CG  1 
ATOM   342 C CD  . ARG A 1 46 ? 1.079   -14.893 3.696   1.00 27.61 ? 41  ARG A CD  1 
ATOM   343 N NE  . ARG A 1 46 ? 1.690   -14.656 2.392   1.00 30.15 ? 41  ARG A NE  1 
ATOM   344 C CZ  . ARG A 1 46 ? 1.211   -15.076 1.226   1.00 30.71 ? 41  ARG A CZ  1 
ATOM   345 N NH1 . ARG A 1 46 ? 0.088   -15.795 1.152   1.00 30.37 ? 41  ARG A NH1 1 
ATOM   346 N NH2 . ARG A 1 46 ? 1.872   -14.773 0.112   1.00 31.22 ? 41  ARG A NH2 1 
ATOM   347 N N   . LYS A 1 47 ? -1.978  -10.780 5.096   1.00 15.33 ? 42  LYS A N   1 
ATOM   348 C CA  . LYS A 1 47 ? -3.199  -10.024 4.875   1.00 15.32 ? 42  LYS A CA  1 
ATOM   349 C C   . LYS A 1 47 ? -3.423  -9.804  3.389   1.00 12.95 ? 42  LYS A C   1 
ATOM   350 O O   . LYS A 1 47 ? -2.507  -9.852  2.598   1.00 12.56 ? 42  LYS A O   1 
ATOM   351 C CB  . LYS A 1 47 ? -3.155  -8.700  5.635   1.00 17.29 ? 42  LYS A CB  1 
ATOM   352 C CG  . LYS A 1 47 ? -3.259  -8.855  7.160   1.00 19.16 ? 42  LYS A CG  1 
ATOM   353 C CD  . LYS A 1 47 ? -4.660  -9.294  7.589   1.00 22.30 ? 42  LYS A CD  1 
ATOM   354 C CE  . LYS A 1 47 ? -4.715  -9.945  8.961   1.00 24.60 ? 42  LYS A CE  1 
ATOM   355 N NZ  . LYS A 1 47 ? -4.374  -11.399 8.907   1.00 26.07 ? 42  LYS A NZ  1 
ATOM   356 N N   . CYS A 1 48 ? -4.681  -9.595  3.030   1.00 11.28 ? 43  CYS A N   1 
ATOM   357 C CA  . CYS A 1 48 ? -5.053  -9.345  1.643   1.00 10.59 ? 43  CYS A CA  1 
ATOM   358 C C   . CYS A 1 48 ? -4.993  -7.841  1.363   1.00 10.52 ? 43  CYS A C   1 
ATOM   359 O O   . CYS A 1 48 ? -5.622  -7.057  2.051   1.00 10.12 ? 43  CYS A O   1 
ATOM   360 C CB  . CYS A 1 48 ? -6.463  -9.888  1.411   1.00 10.76 ? 43  CYS A CB  1 
ATOM   361 S SG  . CYS A 1 48 ? -7.258  -9.361  -0.126  1.00 10.94 ? 43  CYS A SG  1 
ATOM   362 N N   . PHE A 1 49 ? -4.225  -7.455  0.346   1.00 9.99  ? 44  PHE A N   1 
ATOM   363 C CA  . PHE A 1 49 ? -4.115  -6.055  -0.088  1.00 10.15 ? 44  PHE A CA  1 
ATOM   364 C C   . PHE A 1 49 ? -4.701  -5.898  -1.463  1.00 10.20 ? 44  PHE A C   1 
ATOM   365 O O   . PHE A 1 49 ? -4.257  -6.541  -2.413  1.00 10.72 ? 44  PHE A O   1 
ATOM   366 C CB  . PHE A 1 49 ? -2.662  -5.587  -0.097  1.00 10.86 ? 44  PHE A CB  1 
ATOM   367 C CG  . PHE A 1 49 ? -2.116  -5.412  1.282   1.00 11.71 ? 44  PHE A CG  1 
ATOM   368 C CD1 . PHE A 1 49 ? -2.066  -4.166  1.870   1.00 12.54 ? 44  PHE A CD1 1 
ATOM   369 C CD2 . PHE A 1 49 ? -1.751  -6.525  2.028   1.00 12.68 ? 44  PHE A CD2 1 
ATOM   370 C CE1 . PHE A 1 49 ? -1.588  -4.018  3.166   1.00 13.49 ? 44  PHE A CE1 1 
ATOM   371 C CE2 . PHE A 1 49 ? -1.295  -6.379  3.330   1.00 13.52 ? 44  PHE A CE2 1 
ATOM   372 C CZ  . PHE A 1 49 ? -1.216  -5.128  3.890   1.00 13.66 ? 44  PHE A CZ  1 
ATOM   373 N N   . CYS A 1 50 ? -5.701  -5.032  -1.566  1.00 9.98  ? 45  CYS A N   1 
ATOM   374 C CA  . CYS A 1 50 ? -6.298  -4.727  -2.856  1.00 10.36 ? 45  CYS A CA  1 
ATOM   375 C C   . CYS A 1 50 ? -5.379  -3.802  -3.626  1.00 10.41 ? 45  CYS A C   1 
ATOM   376 O O   . CYS A 1 50 ? -4.622  -3.032  -3.044  1.00 10.54 ? 45  CYS A O   1 
ATOM   377 C CB  . CYS A 1 50 ? -7.678  -4.112  -2.665  1.00 10.76 ? 45  CYS A CB  1 
ATOM   378 S SG  . CYS A 1 50 ? -8.815  -5.183  -1.755  1.00 11.00 ? 45  CYS A SG  1 
ATOM   379 N N   . LYS A 1 51 ? -5.442  -3.905  -4.948  1.00 10.96 ? 46  LYS A N   1 
ATOM   380 C CA  . LYS A 1 51 ? -4.419  -3.322  -5.810  1.00 12.19 ? 46  LYS A CA  1 
ATOM   381 C C   . LYS A 1 51 ? -5.056  -2.666  -7.029  1.00 12.30 ? 46  LYS A C   1 
ATOM   382 O O   . LYS A 1 51 ? -5.867  -3.265  -7.723  1.00 12.38 ? 46  LYS A O   1 
ATOM   383 C CB  . LYS A 1 51 ? -3.434  -4.412  -6.229  1.00 12.94 ? 46  LYS A CB  1 
ATOM   384 C CG  . LYS A 1 51 ? -2.250  -3.922  -7.053  1.00 14.24 ? 46  LYS A CG  1 
ATOM   385 C CD  . LYS A 1 51 ? -1.252  -5.045  -7.311  1.00 16.00 ? 46  LYS A CD  1 
ATOM   386 C CE  . LYS A 1 51 ? 0.017   -4.538  -7.957  1.00 18.36 ? 46  LYS A CE  1 
ATOM   387 N NZ  . LYS A 1 51 ? 0.948   -5.668  -8.276  1.00 18.65 ? 46  LYS A NZ  1 
ATOM   388 N N   . LYS A 1 52 ? -4.683  -1.420  -7.258  1.00 12.78 ? 47  LYS A N   1 
ATOM   389 C CA  . LYS A 1 52 ? -5.158  -0.664  -8.418  1.00 13.45 ? 47  LYS A CA  1 
ATOM   390 C C   . LYS A 1 52 ? -4.035  0.209   -8.952  1.00 13.61 ? 47  LYS A C   1 
ATOM   391 O O   . LYS A 1 52 ? -2.980  0.329   -8.338  1.00 13.05 ? 47  LYS A O   1 
ATOM   392 C CB  . LYS A 1 52 ? -6.374  0.189   -8.033  1.00 14.17 ? 47  LYS A CB  1 
ATOM   393 C CG  . LYS A 1 52 ? -6.111  1.336   -7.069  1.00 14.78 ? 47  LYS A CG  1 
ATOM   394 C CD  . LYS A 1 52 ? -7.378  2.135   -6.761  1.00 16.73 ? 47  LYS A CD  1 
ATOM   395 C CE  . LYS A 1 52 ? -7.794  3.038   -7.913  1.00 17.66 ? 47  LYS A CE  1 
ATOM   396 N NZ  . LYS A 1 52 ? -6.915  4.224   -8.086  1.00 18.00 ? 47  LYS A NZ  1 
ATOM   397 N N   . VAL A 1 53 ? -4.258  0.821   -10.111 1.00 14.48 ? 48  VAL A N   1 
ATOM   398 C CA  . VAL A 1 53 ? -3.305  1.816   -10.608 1.00 15.79 ? 48  VAL A CA  1 
ATOM   399 C C   . VAL A 1 53 ? -3.501  3.069   -9.774  1.00 16.91 ? 48  VAL A C   1 
ATOM   400 O O   . VAL A 1 53 ? -4.636  3.465   -9.518  1.00 16.72 ? 48  VAL A O   1 
ATOM   401 C CB  . VAL A 1 53 ? -3.527  2.130   -12.106 1.00 16.33 ? 48  VAL A CB  1 
ATOM   402 C CG1 . VAL A 1 53 ? -2.559  3.204   -12.587 1.00 16.75 ? 48  VAL A CG1 1 
ATOM   403 C CG2 . VAL A 1 53 ? -3.338  0.883   -12.927 1.00 17.05 ? 48  VAL A CG2 1 
ATOM   404 N N   . CYS A 1 54 ? -2.418  3.690   -9.317  1.00 18.78 ? 49  CYS A N   1 
ATOM   405 C CA  . CYS A 1 54 ? -2.560  4.855   -8.444  1.00 21.48 ? 49  CYS A CA  1 
ATOM   406 C C   . CYS A 1 54 ? -3.413  5.954   -9.068  1.00 23.56 ? 49  CYS A C   1 
ATOM   407 O O   . CYS A 1 54 ? -3.347  6.215   -10.275 1.00 24.81 ? 49  CYS A O   1 
ATOM   408 C CB  . CYS A 1 54 ? -1.205  5.414   -8.045  1.00 21.80 ? 49  CYS A CB  1 
ATOM   409 S SG  . CYS A 1 54 ? -0.251  4.288   -7.024  1.00 23.66 ? 49  CYS A SG  1 
ATOM   410 O OXT . CYS A 1 54 ? -4.218  6.573   -8.362  1.00 24.10 ? 49  CYS A OXT 1 
ATOM   411 N N   . GLY B 1 1  ? -16.578 11.372  14.157  1.00 23.90 ? -4  GLY B N   1 
ATOM   412 C CA  . GLY B 1 1  ? -16.441 12.337  13.025  1.00 22.94 ? -4  GLY B CA  1 
ATOM   413 C C   . GLY B 1 1  ? -16.802 11.711  11.691  1.00 21.80 ? -4  GLY B C   1 
ATOM   414 O O   . GLY B 1 1  ? -17.277 10.565  11.643  1.00 22.02 ? -4  GLY B O   1 
ATOM   415 N N   . PRO B 1 2  ? -16.565 12.447  10.589  1.00 20.59 ? -3  PRO B N   1 
ATOM   416 C CA  . PRO B 1 2  ? -17.056 11.961  9.297   1.00 20.86 ? -3  PRO B CA  1 
ATOM   417 C C   . PRO B 1 2  ? -16.368 10.675  8.865   1.00 20.80 ? -3  PRO B C   1 
ATOM   418 O O   . PRO B 1 2  ? -15.226 10.420  9.243   1.00 20.58 ? -3  PRO B O   1 
ATOM   419 C CB  . PRO B 1 2  ? -16.744 13.107  8.321   1.00 20.59 ? -3  PRO B CB  1 
ATOM   420 C CG  . PRO B 1 2  ? -16.342 14.263  9.165   1.00 21.15 ? -3  PRO B CG  1 
ATOM   421 C CD  . PRO B 1 2  ? -15.840 13.722  10.466  1.00 21.26 ? -3  PRO B CD  1 
ATOM   422 N N   . LEU B 1 3  ? -17.085 9.876   8.085   1.00 21.27 ? -2  LEU B N   1 
ATOM   423 C CA  . LEU B 1 3  ? -16.570 8.638   7.550   1.00 22.87 ? -2  LEU B CA  1 
ATOM   424 C C   . LEU B 1 3  ? -15.491 8.997   6.542   1.00 23.96 ? -2  LEU B C   1 
ATOM   425 O O   . LEU B 1 3  ? -15.740 9.716   5.559   1.00 25.05 ? -2  LEU B O   1 
ATOM   426 C CB  . LEU B 1 3  ? -17.702 7.847   6.907   1.00 23.88 ? -2  LEU B CB  1 
ATOM   427 C CG  . LEU B 1 3  ? -17.409 6.433   6.416   1.00 25.08 ? -2  LEU B CG  1 
ATOM   428 C CD1 . LEU B 1 3  ? -16.739 5.601   7.501   1.00 25.74 ? -2  LEU B CD1 1 
ATOM   429 C CD2 . LEU B 1 3  ? -18.705 5.785   5.950   1.00 25.18 ? -2  LEU B CD2 1 
ATOM   430 N N   . GLY B 1 4  ? -14.287 8.521   6.820   1.00 24.45 ? -1  GLY B N   1 
ATOM   431 C CA  . GLY B 1 4  ? -13.114 8.911   6.071   1.00 25.98 ? -1  GLY B CA  1 
ATOM   432 C C   . GLY B 1 4  ? -12.968 8.191   4.756   1.00 26.77 ? -1  GLY B C   1 
ATOM   433 O O   . GLY B 1 4  ? -13.629 7.189   4.488   1.00 26.59 ? -1  GLY B O   1 
ATOM   434 N N   . SER B 1 5  ? -12.066 8.726   3.944   1.00 27.52 ? 0   SER B N   1 
ATOM   435 C CA  . SER B 1 5  ? -11.722 8.155   2.667   1.00 27.97 ? 0   SER B CA  1 
ATOM   436 C C   . SER B 1 5  ? -10.795 6.961   2.898   1.00 25.15 ? 0   SER B C   1 
ATOM   437 O O   . SER B 1 5  ? -10.072 6.900   3.888   1.00 26.27 ? 0   SER B O   1 
ATOM   438 C CB  . SER B 1 5  ? -11.021 9.210   1.809   1.00 30.07 ? 0   SER B CB  1 
ATOM   439 O OG  . SER B 1 5  ? -11.671 10.471  1.912   1.00 32.25 ? 0   SER B OG  1 
ATOM   440 N N   . ARG B 1 6  ? -10.843 6.015   1.974   1.00 22.63 ? 1   ARG B N   1 
ATOM   441 C CA  . ARG B 1 6  ? -9.961  4.855   1.993   1.00 20.86 ? 1   ARG B CA  1 
ATOM   442 C C   . ARG B 1 6  ? -8.619  5.269   1.410   1.00 19.27 ? 1   ARG B C   1 
ATOM   443 O O   . ARG B 1 6  ? -8.601  5.986   0.418   1.00 19.55 ? 1   ARG B O   1 
ATOM   444 C CB  . ARG B 1 6  ? -10.557 3.769   1.114   1.00 20.31 ? 1   ARG B CB  1 
ATOM   445 C CG  . ARG B 1 6  ? -9.778  2.485   1.158   1.00 18.70 ? 1   ARG B CG  1 
ATOM   446 C CD  . ARG B 1 6  ? -10.622 1.321   0.702   1.00 18.28 ? 1   ARG B CD  1 
ATOM   447 N NE  . ARG B 1 6  ? -9.850  0.085   0.706   1.00 17.20 ? 1   ARG B NE  1 
ATOM   448 C CZ  . ARG B 1 6  ? -10.343 -1.117  0.439   1.00 17.16 ? 1   ARG B CZ  1 
ATOM   449 N NH1 . ARG B 1 6  ? -11.631 -1.263  0.142   1.00 17.17 ? 1   ARG B NH1 1 
ATOM   450 N NH2 . ARG B 1 6  ? -9.548  -2.180  0.459   1.00 17.64 ? 1   ARG B NH2 1 
ATOM   451 N N   . HIS B 1 7  ? -7.515  4.798   2.006   1.00 18.21 ? 2   HIS B N   1 
ATOM   452 C CA  . HIS B 1 7  ? -6.163  5.175   1.552   1.00 18.71 ? 2   HIS B CA  1 
ATOM   453 C C   . HIS B 1 7  ? -5.385  4.063   0.874   1.00 16.52 ? 2   HIS B C   1 
ATOM   454 O O   . HIS B 1 7  ? -5.540  2.887   1.175   1.00 15.84 ? 2   HIS B O   1 
ATOM   455 C CB  . HIS B 1 7  ? -5.328  5.704   2.709   1.00 20.16 ? 2   HIS B CB  1 
ATOM   456 C CG  . HIS B 1 7  ? -5.880  6.955   3.290   1.00 21.35 ? 2   HIS B CG  1 
ATOM   457 N ND1 . HIS B 1 7  ? -5.700  8.184   2.695   1.00 22.03 ? 2   HIS B ND1 1 
ATOM   458 C CD2 . HIS B 1 7  ? -6.653  7.168   4.380   1.00 22.28 ? 2   HIS B CD2 1 
ATOM   459 C CE1 . HIS B 1 7  ? -6.316  9.107   3.410   1.00 22.99 ? 2   HIS B CE1 1 
ATOM   460 N NE2 . HIS B 1 7  ? -6.906  8.517   4.435   1.00 23.22 ? 2   HIS B NE2 1 
ATOM   461 N N   . CYS B 1 8  ? -4.537  4.497   -0.049  1.00 15.86 ? 3   CYS B N   1 
ATOM   462 C CA  . CYS B 1 8  ? -3.743  3.644   -0.904  1.00 16.22 ? 3   CYS B CA  1 
ATOM   463 C C   . CYS B 1 8  ? -2.249  3.986   -0.711  1.00 15.30 ? 3   CYS B C   1 
ATOM   464 O O   . CYS B 1 8  ? -1.889  5.159   -0.589  1.00 14.94 ? 3   CYS B O   1 
ATOM   465 C CB  . CYS B 1 8  ? -4.201  3.887   -2.349  1.00 18.76 ? 3   CYS B CB  1 
ATOM   466 S SG  . CYS B 1 8  ? -5.562  2.787   -2.865  1.00 22.06 ? 3   CYS B SG  1 
ATOM   467 N N   . LEU B 1 9  ? -1.388  2.968   -0.688  1.00 13.54 ? 4   LEU B N   1 
ATOM   468 C CA  . LEU B 1 9  ? 0.056   3.159   -0.521  1.00 13.29 ? 4   LEU B CA  1 
ATOM   469 C C   . LEU B 1 9  ? 0.849   2.655   -1.713  1.00 12.44 ? 4   LEU B C   1 
ATOM   470 O O   . LEU B 1 9  ? 0.507   1.635   -2.296  1.00 11.94 ? 4   LEU B O   1 
ATOM   471 C CB  . LEU B 1 9  ? 0.551   2.372   0.695   1.00 14.46 ? 4   LEU B CB  1 
ATOM   472 C CG  . LEU B 1 9  ? 0.077   2.764   2.092   1.00 16.21 ? 4   LEU B CG  1 
ATOM   473 C CD1 . LEU B 1 9  ? 0.607   1.788   3.123   1.00 16.83 ? 4   LEU B CD1 1 
ATOM   474 C CD2 . LEU B 1 9  ? 0.495   4.170   2.444   1.00 16.72 ? 4   LEU B CD2 1 
ATOM   475 N N   . SER B 1 10 ? 1.950   3.344   -2.007  1.00 11.24 ? 5   SER B N   1 
ATOM   476 C CA  . SER B 1 10 ? 2.856   2.954   -3.081  1.00 11.62 ? 5   SER B CA  1 
ATOM   477 C C   . SER B 1 10 ? 4.281   3.276   -2.660  1.00 12.07 ? 5   SER B C   1 
ATOM   478 O O   . SER B 1 10 ? 4.591   4.406   -2.311  1.00 11.57 ? 5   SER B O   1 
ATOM   479 C CB  . SER B 1 10 ? 2.498   3.681   -4.372  1.00 12.06 ? 5   SER B CB  1 
ATOM   480 O OG  . SER B 1 10 ? 3.363   3.291   -5.428  1.00 12.79 ? 5   SER B OG  1 
ATOM   481 N N   . GLN B 1 11 ? 5.159   2.287   -2.699  1.00 12.83 ? 6   GLN B N   1 
ATOM   482 C CA  . GLN B 1 11 ? 6.535   2.547   -2.291  1.00 13.91 ? 6   GLN B CA  1 
ATOM   483 C C   . GLN B 1 11 ? 7.127   3.720   -3.079  1.00 13.69 ? 6   GLN B C   1 
ATOM   484 O O   . GLN B 1 11 ? 6.951   3.818   -4.291  1.00 13.20 ? 6   GLN B O   1 
ATOM   485 C CB  . GLN B 1 11 ? 7.400   1.307   -2.474  1.00 15.96 ? 6   GLN B CB  1 
ATOM   486 C CG  . GLN B 1 11 ? 8.773   1.460   -1.851  1.00 17.78 ? 6   GLN B CG  1 
ATOM   487 C CD  . GLN B 1 11 ? 9.611   0.193   -1.934  1.00 20.86 ? 6   GLN B CD  1 
ATOM   488 O OE1 . GLN B 1 11 ? 9.084   -0.929  -1.966  1.00 24.28 ? 6   GLN B OE1 1 
ATOM   489 N NE2 . GLN B 1 11 ? 10.915  0.366   -1.936  1.00 22.29 ? 6   GLN B NE2 1 
ATOM   490 N N   . SER B 1 12 ? 7.850   4.593   -2.393  1.00 13.76 ? 7   SER B N   1 
ATOM   491 C CA  . SER B 1 12 ? 8.463   5.761   -3.032  1.00 14.11 ? 7   SER B CA  1 
ATOM   492 C C   . SER B 1 12 ? 9.442   5.384   -4.123  1.00 15.39 ? 7   SER B C   1 
ATOM   493 O O   . SER B 1 12 ? 10.224  4.465   -3.959  1.00 16.02 ? 7   SER B O   1 
ATOM   494 C CB  . SER B 1 12 ? 9.197   6.590   -1.998  1.00 13.73 ? 7   SER B CB  1 
ATOM   495 O OG  . SER B 1 12 ? 9.962   7.617   -2.610  1.00 14.03 ? 7   SER B OG  1 
ATOM   496 N N   . HIS B 1 13 ? 9.407   6.134   -5.214  1.00 16.39 ? 8   HIS B N   1 
ATOM   497 C CA  . HIS B 1 13 ? 10.378  5.960   -6.278  1.00 17.72 ? 8   HIS B CA  1 
ATOM   498 C C   . HIS B 1 13 ? 11.690  6.678   -5.977  1.00 17.92 ? 8   HIS B C   1 
ATOM   499 O O   . HIS B 1 13 ? 12.762  6.188   -6.363  1.00 19.37 ? 8   HIS B O   1 
ATOM   500 C CB  . HIS B 1 13 ? 9.764   6.423   -7.586  1.00 18.76 ? 8   HIS B CB  1 
ATOM   501 C CG  . HIS B 1 13 ? 8.757   5.459   -8.133  1.00 20.47 ? 8   HIS B CG  1 
ATOM   502 N ND1 . HIS B 1 13 ? 8.291   5.525   -9.424  1.00 21.69 ? 8   HIS B ND1 1 
ATOM   503 C CD2 . HIS B 1 13 ? 8.138   4.398   -7.564  1.00 21.20 ? 8   HIS B CD2 1 
ATOM   504 C CE1 . HIS B 1 13 ? 7.425   4.549   -9.630  1.00 21.78 ? 8   HIS B CE1 1 
ATOM   505 N NE2 . HIS B 1 13 ? 7.314   3.849   -8.517  1.00 21.39 ? 8   HIS B NE2 1 
ATOM   506 N N   . ARG B 1 14 ? 11.617  7.809   -5.287  1.00 17.34 ? 9   ARG B N   1 
ATOM   507 C CA  . ARG B 1 14 ? 12.785  8.673   -5.087  1.00 16.67 ? 9   ARG B CA  1 
ATOM   508 C C   . ARG B 1 14 ? 13.525  8.438   -3.784  1.00 14.70 ? 9   ARG B C   1 
ATOM   509 O O   . ARG B 1 14 ? 14.701  8.757   -3.688  1.00 13.55 ? 9   ARG B O   1 
ATOM   510 C CB  . ARG B 1 14 ? 12.367  10.147  -5.118  1.00 19.10 ? 9   ARG B CB  1 
ATOM   511 C CG  . ARG B 1 14 ? 11.754  10.610  -6.423  1.00 22.72 ? 9   ARG B CG  1 
ATOM   512 C CD  . ARG B 1 14 ? 11.388  12.080  -6.355  1.00 26.41 ? 9   ARG B CD  1 
ATOM   513 N NE  . ARG B 1 14 ? 11.441  12.705  -7.674  1.00 32.62 ? 9   ARG B NE  1 
ATOM   514 C CZ  . ARG B 1 14 ? 10.395  13.067  -8.419  1.00 35.63 ? 9   ARG B CZ  1 
ATOM   515 N NH1 . ARG B 1 14 ? 9.151   12.907  -7.996  1.00 39.90 ? 9   ARG B NH1 1 
ATOM   516 N NH2 . ARG B 1 14 ? 10.601  13.616  -9.612  1.00 39.77 ? 9   ARG B NH2 1 
ATOM   517 N N   . PHE B 1 15 ? 12.834  7.953   -2.759  1.00 12.93 ? 10  PHE B N   1 
ATOM   518 C CA  . PHE B 1 15 ? 13.412  7.935   -1.426  1.00 12.47 ? 10  PHE B CA  1 
ATOM   519 C C   . PHE B 1 15 ? 14.590  6.979   -1.383  1.00 13.08 ? 10  PHE B C   1 
ATOM   520 O O   . PHE B 1 15 ? 14.493  5.865   -1.905  1.00 13.99 ? 10  PHE B O   1 
ATOM   521 C CB  . PHE B 1 15 ? 12.370  7.521   -0.388  1.00 12.07 ? 10  PHE B CB  1 
ATOM   522 C CG  . PHE B 1 15 ? 12.802  7.763   1.022   1.00 12.19 ? 10  PHE B CG  1 
ATOM   523 C CD1 . PHE B 1 15 ? 12.412  8.917   1.694   1.00 12.32 ? 10  PHE B CD1 1 
ATOM   524 C CD2 . PHE B 1 15 ? 13.581  6.844   1.688   1.00 12.17 ? 10  PHE B CD2 1 
ATOM   525 C CE1 . PHE B 1 15 ? 12.800  9.148   2.999   1.00 12.67 ? 10  PHE B CE1 1 
ATOM   526 C CE2 . PHE B 1 15 ? 13.980  7.066   2.986   1.00 12.05 ? 10  PHE B CE2 1 
ATOM   527 C CZ  . PHE B 1 15 ? 13.584  8.220   3.650   1.00 12.61 ? 10  PHE B CZ  1 
ATOM   528 N N   . LYS B 1 16 ? 15.700  7.428   -0.791  1.00 14.15 ? 11  LYS B N   1 
ATOM   529 C CA  . LYS B 1 16 ? 16.918  6.638   -0.723  1.00 15.26 ? 11  LYS B CA  1 
ATOM   530 C C   . LYS B 1 16 ? 17.248  6.212   0.700   1.00 15.39 ? 11  LYS B C   1 
ATOM   531 O O   . LYS B 1 16 ? 17.123  6.990   1.661   1.00 15.25 ? 11  LYS B O   1 
ATOM   532 C CB  . LYS B 1 16 ? 18.101  7.468   -1.237  1.00 16.52 ? 11  LYS B CB  1 
ATOM   533 C CG  . LYS B 1 16 ? 17.976  7.982   -2.649  1.00 18.72 ? 11  LYS B CG  1 
ATOM   534 C CD  . LYS B 1 16 ? 17.820  6.848   -3.638  1.00 21.14 ? 11  LYS B CD  1 
ATOM   535 C CE  . LYS B 1 16 ? 18.367  7.215   -4.997  1.00 24.27 ? 11  LYS B CE  1 
ATOM   536 N NZ  . LYS B 1 16 ? 18.186  6.106   -5.965  1.00 26.32 ? 11  LYS B NZ  1 
ATOM   537 N N   . GLY B 1 17 ? 17.736  4.976   0.826   1.00 16.35 ? 12  GLY B N   1 
ATOM   538 C CA  . GLY B 1 17 ? 18.184  4.451   2.101   1.00 17.11 ? 12  GLY B CA  1 
ATOM   539 C C   . GLY B 1 17 ? 17.072  4.075   3.063   1.00 17.28 ? 12  GLY B C   1 
ATOM   540 O O   . GLY B 1 17 ? 15.881  4.038   2.692   1.00 17.80 ? 12  GLY B O   1 
ATOM   541 N N   . MET B 1 18 ? 17.453  3.808   4.308   1.00 18.81 ? 13  MET B N   1 
ATOM   542 C CA  . MET B 1 18 ? 16.490  3.448   5.347   1.00 19.99 ? 13  MET B CA  1 
ATOM   543 C C   . MET B 1 18 ? 15.566  4.615   5.638   1.00 19.15 ? 13  MET B C   1 
ATOM   544 O O   . MET B 1 18 ? 16.020  5.754   5.822   1.00 18.68 ? 13  MET B O   1 
ATOM   545 C CB  . MET B 1 18 ? 17.168  3.045   6.669   1.00 23.10 ? 13  MET B CB  1 
ATOM   546 C CG  . MET B 1 18 ? 17.868  1.695   6.690   1.00 26.14 ? 13  MET B CG  1 
ATOM   547 S SD  . MET B 1 18 ? 16.750  0.279   6.779   1.00 30.46 ? 13  MET B SD  1 
ATOM   548 C CE  . MET B 1 18 ? 16.695  -0.109  5.037   1.00 28.53 ? 13  MET B CE  1 
ATOM   549 N N   . CYS B 1 19 ? 14.272  4.325   5.697   1.00 17.90 ? 14  CYS B N   1 
ATOM   550 C CA  . CYS B 1 19 ? 13.280  5.319   6.072   1.00 17.54 ? 14  CYS B CA  1 
ATOM   551 C C   . CYS B 1 19 ? 13.173  5.372   7.588   1.00 17.90 ? 14  CYS B C   1 
ATOM   552 O O   . CYS B 1 19 ? 12.621  4.456   8.199   1.00 18.41 ? 14  CYS B O   1 
ATOM   553 C CB  . CYS B 1 19 ? 11.919  4.942   5.484   1.00 16.96 ? 14  CYS B CB  1 
ATOM   554 S SG  . CYS B 1 19 ? 10.704  6.281   5.522   1.00 16.57 ? 14  CYS B SG  1 
ATOM   555 N N   . VAL B 1 20 ? 13.696  6.434   8.195   1.00 18.77 ? 15  VAL B N   1 
ATOM   556 C CA  . VAL B 1 20 ? 13.574  6.580   9.650   1.00 19.90 ? 15  VAL B CA  1 
ATOM   557 C C   . VAL B 1 20 ? 12.901  7.869   10.089  1.00 19.92 ? 15  VAL B C   1 
ATOM   558 O O   . VAL B 1 20 ? 12.819  8.141   11.285  1.00 23.49 ? 15  VAL B O   1 
ATOM   559 C CB  . VAL B 1 20 ? 14.928  6.379   10.360  1.00 21.46 ? 15  VAL B CB  1 
ATOM   560 C CG1 . VAL B 1 20 ? 15.405  4.942   10.181  1.00 21.87 ? 15  VAL B CG1 1 
ATOM   561 C CG2 . VAL B 1 20 ? 15.962  7.366   9.844   1.00 20.57 ? 15  VAL B CG2 1 
ATOM   562 N N   . SER B 1 21 ? 12.394  8.656   9.139   1.00 18.34 ? 16  SER B N   1 
ATOM   563 C CA  . SER B 1 21 ? 11.548  9.800   9.464   1.00 17.91 ? 16  SER B CA  1 
ATOM   564 C C   . SER B 1 21 ? 10.359  9.793   8.534   1.00 17.03 ? 16  SER B C   1 
ATOM   565 O O   . SER B 1 21 ? 10.526  9.957   7.323   1.00 14.97 ? 16  SER B O   1 
ATOM   566 C CB  . SER B 1 21 ? 12.304  11.119  9.291   1.00 18.57 ? 16  SER B CB  1 
ATOM   567 O OG  . SER B 1 21 ? 11.385  12.201  9.254   1.00 20.20 ? 16  SER B OG  1 
ATOM   568 N N   . SER B 1 22 ? 9.165   9.589   9.079   1.00 16.38 ? 17  SER B N   1 
ATOM   569 C CA  . SER B 1 22 ? 7.962   9.623   8.238   1.00 16.25 ? 17  SER B CA  1 
ATOM   570 C C   . SER B 1 22 ? 7.697   11.023  7.669   1.00 15.73 ? 17  SER B C   1 
ATOM   571 O O   . SER B 1 22 ? 7.182   11.134  6.563   1.00 15.21 ? 17  SER B O   1 
ATOM   572 C CB  . SER B 1 22 ? 6.729   9.091   8.966   1.00 16.43 ? 17  SER B CB  1 
ATOM   573 O OG  . SER B 1 22 ? 6.820   7.688   9.126   1.00 16.99 ? 17  SER B OG  1 
ATOM   574 N N   . ASN B 1 23 ? 8.042   12.086  8.402   1.00 15.63 ? 18  ASN B N   1 
ATOM   575 C CA  . ASN B 1 23 ? 7.947   13.447  7.848   1.00 15.68 ? 18  ASN B CA  1 
ATOM   576 C C   . ASN B 1 23 ? 8.787   13.618  6.578   1.00 14.30 ? 18  ASN B C   1 
ATOM   577 O O   . ASN B 1 23 ? 8.329   14.187  5.569   1.00 13.13 ? 18  ASN B O   1 
ATOM   578 C CB  . ASN B 1 23 ? 8.398   14.492  8.876   1.00 18.21 ? 18  ASN B CB  1 
ATOM   579 C CG  . ASN B 1 23 ? 7.258   15.006  9.747   1.00 21.46 ? 18  ASN B CG  1 
ATOM   580 O OD1 . ASN B 1 23 ? 7.340   16.102  10.309  1.00 24.09 ? 18  ASN B OD1 1 
ATOM   581 N ND2 . ASN B 1 23 ? 6.192   14.226  9.856   1.00 24.05 ? 18  ASN B ND2 1 
ATOM   582 N N   . ASN B 1 24 ? 10.025  13.137  6.627   1.00 12.84 ? 19  ASN B N   1 
ATOM   583 C CA  . ASN B 1 24 ? 10.896  13.205  5.441   1.00 12.03 ? 19  ASN B CA  1 
ATOM   584 C C   . ASN B 1 24 ? 10.327  12.394  4.282   1.00 11.66 ? 19  ASN B C   1 
ATOM   585 O O   . ASN B 1 24 ? 10.307  12.842  3.132   1.00 10.94 ? 19  ASN B O   1 
ATOM   586 C CB  . ASN B 1 24 ? 12.316  12.713  5.738   1.00 12.17 ? 19  ASN B CB  1 
ATOM   587 C CG  . ASN B 1 24 ? 13.077  13.581  6.743   1.00 12.51 ? 19  ASN B CG  1 
ATOM   588 O OD1 . ASN B 1 24 ? 14.163  13.184  7.214   1.00 14.23 ? 19  ASN B OD1 1 
ATOM   589 N ND2 . ASN B 1 24 ? 12.522  14.706  7.096   1.00 11.41 ? 19  ASN B ND2 1 
ATOM   590 N N   . CYS B 1 25 ? 9.838   11.200  4.577   1.00 11.31 ? 20  CYS B N   1 
ATOM   591 C CA  . CYS B 1 25 ? 9.167   10.384  3.558   1.00 11.18 ? 20  CYS B CA  1 
ATOM   592 C C   . CYS B 1 25 ? 7.974   11.126  2.942   1.00 11.21 ? 20  CYS B C   1 
ATOM   593 O O   . CYS B 1 25 ? 7.831   11.150  1.717   1.00 11.70 ? 20  CYS B O   1 
ATOM   594 C CB  . CYS B 1 25 ? 8.727   9.068   4.185   1.00 11.76 ? 20  CYS B CB  1 
ATOM   595 S SG  . CYS B 1 25 ? 7.704   8.037   3.141   1.00 12.40 ? 20  CYS B SG  1 
ATOM   596 N N   . ALA B 1 26 ? 7.132   11.727  3.776   1.00 11.19 ? 21  ALA B N   1 
ATOM   597 C CA  . ALA B 1 26 ? 5.959   12.460  3.275   1.00 11.31 ? 21  ALA B CA  1 
ATOM   598 C C   . ALA B 1 26 ? 6.374   13.577  2.325   1.00 11.22 ? 21  ALA B C   1 
ATOM   599 O O   . ALA B 1 26 ? 5.768   13.766  1.266   1.00 11.00 ? 21  ALA B O   1 
ATOM   600 C CB  . ALA B 1 26 ? 5.129   13.016  4.425   1.00 11.75 ? 21  ALA B CB  1 
ATOM   601 N N   . ASN B 1 27 ? 7.404   14.336  2.691   1.00 11.07 ? 22  ASN B N   1 
ATOM   602 C CA  . ASN B 1 27 ? 7.899   15.388  1.792   1.00 11.35 ? 22  ASN B CA  1 
ATOM   603 C C   . ASN B 1 27 ? 8.510   14.888  0.502   1.00 10.82 ? 22  ASN B C   1 
ATOM   604 O O   . ASN B 1 27 ? 8.259   15.443  -0.560  1.00 10.90 ? 22  ASN B O   1 
ATOM   605 C CB  . ASN B 1 27 ? 8.834   16.337  2.516   1.00 11.72 ? 22  ASN B CB  1 
ATOM   606 C CG  . ASN B 1 27 ? 8.081   17.259  3.436   1.00 12.49 ? 22  ASN B CG  1 
ATOM   607 O OD1 . ASN B 1 27 ? 7.080   17.853  3.036   1.00 13.00 ? 22  ASN B OD1 1 
ATOM   608 N ND2 . ASN B 1 27 ? 8.532   17.376  4.661   1.00 12.92 ? 22  ASN B ND2 1 
ATOM   609 N N   . VAL B 1 28 ? 9.288   13.811  0.552   1.00 10.69 ? 23  VAL B N   1 
ATOM   610 C CA  . VAL B 1 28 ? 9.761   13.211  -0.697  1.00 11.25 ? 23  VAL B CA  1 
ATOM   611 C C   . VAL B 1 28 ? 8.584   12.751  -1.571  1.00 11.25 ? 23  VAL B C   1 
ATOM   612 O O   . VAL B 1 28 ? 8.565   12.957  -2.784  1.00 11.89 ? 23  VAL B O   1 
ATOM   613 C CB  . VAL B 1 28 ? 10.728  12.025  -0.417  1.00 11.34 ? 23  VAL B CB  1 
ATOM   614 C CG1 . VAL B 1 28 ? 11.066  11.277  -1.695  1.00 11.58 ? 23  VAL B CG1 1 
ATOM   615 C CG2 . VAL B 1 28 ? 12.004  12.526  0.253   1.00 12.01 ? 23  VAL B CG2 1 
ATOM   616 N N   . CYS B 1 29 ? 7.581   12.173  -0.936  1.00 11.68 ? 24  CYS B N   1 
ATOM   617 C CA  . CYS B 1 29 ? 6.361   11.747  -1.630  1.00 11.43 ? 24  CYS B CA  1 
ATOM   618 C C   . CYS B 1 29 ? 5.602   12.902  -2.266  1.00 12.06 ? 24  CYS B C   1 
ATOM   619 O O   . CYS B 1 29 ? 4.932   12.698  -3.280  1.00 12.10 ? 24  CYS B O   1 
ATOM   620 C CB  . CYS B 1 29 ? 5.465   10.954  -0.681  1.00 11.57 ? 24  CYS B CB  1 
ATOM   621 S SG  . CYS B 1 29 ? 6.170   9.307   -0.351  1.00 11.68 ? 24  CYS B SG  1 
ATOM   622 N N   . ARG B 1 30 ? 5.671   14.095  -1.676  1.00 12.58 ? 25  ARG B N   1 
ATOM   623 C CA  . ARG B 1 30 ? 5.023   15.275  -2.277  1.00 13.58 ? 25  ARG B CA  1 
ATOM   624 C C   . ARG B 1 30 ? 5.679   15.626  -3.597  1.00 13.43 ? 25  ARG B C   1 
ATOM   625 O O   . ARG B 1 30 ? 5.018   16.153  -4.504  1.00 13.80 ? 25  ARG B O   1 
ATOM   626 C CB  . ARG B 1 30 ? 5.016   16.460  -1.308  1.00 14.90 ? 25  ARG B CB  1 
ATOM   627 C CG  . ARG B 1 30 ? 4.043   16.192  -0.181  1.00 17.29 ? 25  ARG B CG  1 
ATOM   628 C CD  . ARG B 1 30 ? 4.011   17.150  0.993   1.00 19.38 ? 25  ARG B CD  1 
ATOM   629 N NE  . ARG B 1 30 ? 3.082   16.585  1.976   1.00 21.21 ? 25  ARG B NE  1 
ATOM   630 C CZ  . ARG B 1 30 ? 3.356   16.274  3.247   1.00 21.31 ? 25  ARG B CZ  1 
ATOM   631 N NH1 . ARG B 1 30 ? 4.541   16.546  3.809   1.00 21.22 ? 25  ARG B NH1 1 
ATOM   632 N NH2 . ARG B 1 30 ? 2.402   15.738  3.998   1.00 22.90 ? 25  ARG B NH2 1 
ATOM   633 N N   . THR B 1 31 ? 6.962   15.307  -3.741  1.00 12.97 ? 26  THR B N   1 
ATOM   634 C CA  . THR B 1 31 ? 7.650   15.500  -5.035  1.00 13.58 ? 26  THR B CA  1 
ATOM   635 C C   . THR B 1 31 ? 7.191   14.489  -6.096  1.00 14.62 ? 26  THR B C   1 
ATOM   636 O O   . THR B 1 31 ? 7.410   14.710  -7.301  1.00 16.04 ? 26  THR B O   1 
ATOM   637 C CB  . THR B 1 31 ? 9.197   15.486  -4.945  1.00 13.86 ? 26  THR B CB  1 
ATOM   638 O OG1 . THR B 1 31 ? 9.688   14.142  -4.788  1.00 14.27 ? 26  THR B OG1 1 
ATOM   639 C CG2 . THR B 1 31 ? 9.691   16.363  -3.832  1.00 13.57 ? 26  THR B CG2 1 
ATOM   640 N N   . GLU B 1 32 ? 6.562   13.408  -5.635  1.00 14.50 ? 27  GLU B N   1 
ATOM   641 C CA  . GLU B 1 32 ? 5.991   12.359  -6.487  1.00 15.37 ? 27  GLU B CA  1 
ATOM   642 C C   . GLU B 1 32 ? 4.474   12.524  -6.648  1.00 15.43 ? 27  GLU B C   1 
ATOM   643 O O   . GLU B 1 32 ? 3.789   11.609  -7.118  1.00 15.86 ? 27  GLU B O   1 
ATOM   644 C CB  . GLU B 1 32 ? 6.319   10.975  -5.905  1.00 15.22 ? 27  GLU B CB  1 
ATOM   645 C CG  . GLU B 1 32 ? 7.800   10.704  -5.754  1.00 15.85 ? 27  GLU B CG  1 
ATOM   646 C CD  . GLU B 1 32 ? 8.125   9.348   -5.152  1.00 15.87 ? 27  GLU B CD  1 
ATOM   647 O OE1 . GLU B 1 32 ? 7.531   8.317   -5.543  1.00 16.59 ? 27  GLU B OE1 1 
ATOM   648 O OE2 . GLU B 1 32 ? 9.022   9.292   -4.311  1.00 16.38 ? 27  GLU B OE2 1 
ATOM   649 N N   . SER B 1 33 ? 3.951   13.674  -6.229  1.00 16.85 ? 28  SER B N   1 
ATOM   650 C CA  . SER B 1 33 ? 2.520   14.013  -6.361  1.00 17.83 ? 28  SER B CA  1 
ATOM   651 C C   . SER B 1 33 ? 1.563   13.213  -5.458  1.00 17.14 ? 28  SER B C   1 
ATOM   652 O O   . SER B 1 33 ? 0.385   13.075  -5.774  1.00 18.95 ? 28  SER B O   1 
ATOM   653 C CB  . SER B 1 33 ? 2.068   13.953  -7.828  1.00 19.61 ? 28  SER B CB  1 
ATOM   654 O OG  . SER B 1 33 ? 2.772   14.918  -8.594  1.00 22.29 ? 28  SER B OG  1 
ATOM   655 N N   . PHE B 1 34 ? 2.066   12.690  -4.342  1.00 15.61 ? 29  PHE B N   1 
ATOM   656 C CA  . PHE B 1 34 ? 1.221   12.151  -3.280  1.00 15.60 ? 29  PHE B CA  1 
ATOM   657 C C   . PHE B 1 34 ? 1.147   13.192  -2.162  1.00 16.97 ? 29  PHE B C   1 
ATOM   658 O O   . PHE B 1 34 ? 2.134   13.891  -1.893  1.00 17.05 ? 29  PHE B O   1 
ATOM   659 C CB  . PHE B 1 34 ? 1.772   10.848  -2.683  1.00 15.19 ? 29  PHE B CB  1 
ATOM   660 C CG  . PHE B 1 34 ? 1.750   9.671   -3.611  1.00 14.38 ? 29  PHE B CG  1 
ATOM   661 C CD1 . PHE B 1 34 ? 0.823   8.650   -3.444  1.00 13.55 ? 29  PHE B CD1 1 
ATOM   662 C CD2 . PHE B 1 34 ? 2.687   9.558   -4.625  1.00 14.12 ? 29  PHE B CD2 1 
ATOM   663 C CE1 . PHE B 1 34 ? 0.832   7.547   -4.291  1.00 14.17 ? 29  PHE B CE1 1 
ATOM   664 C CE2 . PHE B 1 34 ? 2.693   8.473   -5.477  1.00 14.49 ? 29  PHE B CE2 1 
ATOM   665 C CZ  . PHE B 1 34 ? 1.761   7.459   -5.306  1.00 13.80 ? 29  PHE B CZ  1 
ATOM   666 N N   . PRO B 1 35 ? -0.001  13.276  -1.479  1.00 16.15 ? 30  PRO B N   1 
ATOM   667 C CA  . PRO B 1 35 ? -0.166  14.247  -0.401  1.00 17.41 ? 30  PRO B CA  1 
ATOM   668 C C   . PRO B 1 35 ? 0.519   13.871  0.923   1.00 17.03 ? 30  PRO B C   1 
ATOM   669 O O   . PRO B 1 35 ? 0.718   14.743  1.770   1.00 17.65 ? 30  PRO B O   1 
ATOM   670 C CB  . PRO B 1 35 ? -1.680  14.315  -0.228  1.00 17.61 ? 30  PRO B CB  1 
ATOM   671 C CG  . PRO B 1 35 ? -2.195  13.007  -0.721  1.00 17.74 ? 30  PRO B CG  1 
ATOM   672 C CD  . PRO B 1 35 ? -1.253  12.560  -1.790  1.00 17.60 ? 30  PRO B CD  1 
ATOM   673 N N   . ASP B 1 36 ? 0.886   12.598  1.089   1.00 16.07 ? 31  ASP B N   1 
ATOM   674 C CA  . ASP B 1 36 ? 1.388   12.094  2.346   1.00 16.07 ? 31  ASP B CA  1 
ATOM   675 C C   . ASP B 1 36 ? 2.324   10.915  2.094   1.00 14.48 ? 31  ASP B C   1 
ATOM   676 O O   . ASP B 1 36 ? 2.528   10.466  0.955   1.00 13.63 ? 31  ASP B O   1 
ATOM   677 C CB  . ASP B 1 36 ? 0.198   11.676  3.227   1.00 17.31 ? 31  ASP B CB  1 
ATOM   678 C CG  . ASP B 1 36 ? 0.524   11.595  4.733   1.00 19.88 ? 31  ASP B CG  1 
ATOM   679 O OD1 . ASP B 1 36 ? 1.618   11.995  5.196   1.00 19.48 ? 31  ASP B OD1 1 
ATOM   680 O OD2 . ASP B 1 36 ? -0.377  11.144  5.481   1.00 24.54 ? 31  ASP B OD2 1 
ATOM   681 N N   . GLY B 1 37 ? 2.923   10.442  3.168   1.00 14.04 ? 32  GLY B N   1 
ATOM   682 C CA  . GLY B 1 37 ? 3.764   9.256   3.095   1.00 14.08 ? 32  GLY B CA  1 
ATOM   683 C C   . GLY B 1 37 ? 4.180   8.844   4.492   1.00 14.66 ? 32  GLY B C   1 
ATOM   684 O O   . GLY B 1 37 ? 4.094   9.639   5.429   1.00 14.58 ? 32  GLY B O   1 
ATOM   685 N N   . GLU B 1 38 ? 4.615   7.603   4.639   1.00 15.23 ? 33  GLU B N   1 
ATOM   686 C CA  . GLU B 1 38 ? 5.036   7.092   5.943   1.00 16.63 ? 33  GLU B CA  1 
ATOM   687 C C   . GLU B 1 38 ? 6.060   5.986   5.774   1.00 15.78 ? 33  GLU B C   1 
ATOM   688 O O   . GLU B 1 38 ? 6.079   5.286   4.749   1.00 14.16 ? 33  GLU B O   1 
ATOM   689 C CB  . GLU B 1 38 ? 3.831   6.577   6.721   1.00 18.72 ? 33  GLU B CB  1 
ATOM   690 C CG  . GLU B 1 38 ? 3.115   5.412   6.055   1.00 21.14 ? 33  GLU B CG  1 
ATOM   691 C CD  . GLU B 1 38 ? 1.675   5.224   6.501   1.00 24.30 ? 33  GLU B CD  1 
ATOM   692 O OE1 . GLU B 1 38 ? 1.122   6.097   7.213   1.00 27.01 ? 33  GLU B OE1 1 
ATOM   693 O OE2 . GLU B 1 38 ? 1.094   4.184   6.128   1.00 26.32 ? 33  GLU B OE2 1 
ATOM   694 N N   . CYS B 1 39 ? 6.918   5.836   6.781   1.00 15.97 ? 34  CYS B N   1 
ATOM   695 C CA  . CYS B 1 39 ? 7.838   4.714   6.815   1.00 16.60 ? 34  CYS B CA  1 
ATOM   696 C C   . CYS B 1 39 ? 7.120   3.429   7.248   1.00 17.61 ? 34  CYS B C   1 
ATOM   697 O O   . CYS B 1 39 ? 6.256   3.462   8.125   1.00 18.12 ? 34  CYS B O   1 
ATOM   698 C CB  . CYS B 1 39 ? 8.994   4.975   7.766   1.00 17.28 ? 34  CYS B CB  1 
ATOM   699 S SG  . CYS B 1 39 ? 9.997   6.433   7.427   1.00 18.20 ? 34  CYS B SG  1 
ATOM   700 N N   . LYS B 1 40 ? 7.475   2.302   6.633   1.00 17.95 ? 35  LYS B N   1 
ATOM   701 C CA  . LYS B 1 40 ? 6.973   0.992   7.079   1.00 19.11 ? 35  LYS B CA  1 
ATOM   702 C C   . LYS B 1 40 ? 8.104   -0.011  7.078   1.00 18.80 ? 35  LYS B C   1 
ATOM   703 O O   . LYS B 1 40 ? 8.987   0.056   6.237   1.00 18.36 ? 35  LYS B O   1 
ATOM   704 C CB  . LYS B 1 40 ? 5.869   0.494   6.162   1.00 21.30 ? 35  LYS B CB  1 
ATOM   705 C CG  . LYS B 1 40 ? 4.691   1.439   6.079   1.00 23.28 ? 35  LYS B CG  1 
ATOM   706 C CD  . LYS B 1 40 ? 3.488   0.821   5.396   1.00 26.41 ? 35  LYS B CD  1 
ATOM   707 C CE  . LYS B 1 40 ? 2.588   0.107   6.381   1.00 27.54 ? 35  LYS B CE  1 
ATOM   708 N NZ  . LYS B 1 40 ? 1.689   1.044   7.111   1.00 28.94 ? 35  LYS B NZ  1 
ATOM   709 N N   . SER B 1 41 ? 8.061   -0.946  8.022   1.00 19.53 ? 36  SER B N   1 
ATOM   710 C CA  . SER B 1 41 ? 9.093   -1.964  8.144   1.00 20.31 ? 36  SER B CA  1 
ATOM   711 C C   . SER B 1 41 ? 8.635   -3.284  7.541   1.00 21.45 ? 36  SER B C   1 
ATOM   712 O O   . SER B 1 41 ? 7.480   -3.682  7.682   1.00 22.22 ? 36  SER B O   1 
ATOM   713 C CB  . SER B 1 41 ? 9.434   -2.189  9.615   1.00 21.34 ? 36  SER B CB  1 
ATOM   714 O OG  . SER B 1 41 ? 9.936   -1.013  10.219  1.00 22.72 ? 36  SER B OG  1 
ATOM   715 N N   . HIS B 1 42 ? 9.537   -3.954  6.842   1.00 22.06 ? 37  HIS B N   1 
ATOM   716 C CA  . HIS B 1 42 ? 9.335   -5.353  6.505   1.00 23.61 ? 37  HIS B CA  1 
ATOM   717 C C   . HIS B 1 42 ? 10.679  -6.016  6.708   1.00 22.03 ? 37  HIS B C   1 
ATOM   718 O O   . HIS B 1 42 ? 11.680  -5.624  6.112   1.00 20.87 ? 37  HIS B O   1 
ATOM   719 C CB  . HIS B 1 42 ? 8.800   -5.546  5.088   1.00 26.76 ? 37  HIS B CB  1 
ATOM   720 C CG  . HIS B 1 42 ? 8.503   -6.979  4.750   1.00 30.09 ? 37  HIS B CG  1 
ATOM   721 N ND1 . HIS B 1 42 ? 7.834   -7.826  5.610   1.00 32.75 ? 37  HIS B ND1 1 
ATOM   722 C CD2 . HIS B 1 42 ? 8.785   -7.711  3.647   1.00 32.53 ? 37  HIS B CD2 1 
ATOM   723 C CE1 . HIS B 1 42 ? 7.724   -9.020  5.056   1.00 33.13 ? 37  HIS B CE1 1 
ATOM   724 N NE2 . HIS B 1 42 ? 8.293   -8.977  3.863   1.00 33.14 ? 37  HIS B NE2 1 
ATOM   725 N N   . GLY B 1 43 ? 10.696  -6.998  7.599   1.00 22.11 ? 38  GLY B N   1 
ATOM   726 C CA  . GLY B 1 43 ? 11.941  -7.511  8.115   1.00 20.94 ? 38  GLY B CA  1 
ATOM   727 C C   . GLY B 1 43 ? 12.779  -6.384  8.671   1.00 20.21 ? 38  GLY B C   1 
ATOM   728 O O   . GLY B 1 43 ? 12.274  -5.531  9.405   1.00 20.21 ? 38  GLY B O   1 
ATOM   729 N N   . LEU B 1 44 ? 14.041  -6.338  8.265   1.00 20.39 ? 39  LEU B N   1 
ATOM   730 C CA  . LEU B 1 44 ? 14.967  -5.332  8.762   1.00 20.83 ? 39  LEU B CA  1 
ATOM   731 C C   . LEU B 1 44 ? 15.022  -4.096  7.857   1.00 22.10 ? 39  LEU B C   1 
ATOM   732 O O   . LEU B 1 44 ? 15.751  -3.149  8.149   1.00 24.87 ? 39  LEU B O   1 
ATOM   733 C CB  . LEU B 1 44 ? 16.351  -5.958  8.938   1.00 21.79 ? 39  LEU B CB  1 
ATOM   734 C CG  . LEU B 1 44 ? 16.335  -7.110  9.946   1.00 22.62 ? 39  LEU B CG  1 
ATOM   735 C CD1 . LEU B 1 44 ? 17.640  -7.883  9.899   1.00 23.28 ? 39  LEU B CD1 1 
ATOM   736 C CD2 . LEU B 1 44 ? 16.051  -6.583  11.345  1.00 22.86 ? 39  LEU B CD2 1 
ATOM   737 N N   . GLU B 1 45 ? 14.214  -4.097  6.797   1.00 21.21 ? 40  GLU B N   1 
ATOM   738 C CA  . GLU B 1 45 ? 14.173  -2.986  5.844   1.00 22.36 ? 40  GLU B CA  1 
ATOM   739 C C   . GLU B 1 45 ? 13.093  -1.993  6.246   1.00 21.07 ? 40  GLU B C   1 
ATOM   740 O O   . GLU B 1 45 ? 11.973  -2.383  6.557   1.00 22.93 ? 40  GLU B O   1 
ATOM   741 C CB  . GLU B 1 45 ? 13.893  -3.517  4.432   1.00 24.90 ? 40  GLU B CB  1 
ATOM   742 C CG  . GLU B 1 45 ? 15.098  -4.161  3.768   1.00 28.51 ? 40  GLU B CG  1 
ATOM   743 C CD  . GLU B 1 45 ? 16.119  -3.134  3.290   1.00 32.27 ? 40  GLU B CD  1 
ATOM   744 O OE1 . GLU B 1 45 ? 15.694  -2.101  2.720   1.00 37.21 ? 40  GLU B OE1 1 
ATOM   745 O OE2 . GLU B 1 45 ? 17.338  -3.352  3.482   1.00 36.52 ? 40  GLU B OE2 1 
ATOM   746 N N   . ARG B 1 46 ? 13.430  -0.709  6.246   1.00 18.39 ? 41  ARG B N   1 
ATOM   747 C CA  . ARG B 1 46 ? 12.460  0.337   6.529   1.00 18.22 ? 41  ARG B CA  1 
ATOM   748 C C   . ARG B 1 46 ? 12.376  1.184   5.282   1.00 16.50 ? 41  ARG B C   1 
ATOM   749 O O   . ARG B 1 46 ? 13.382  1.746   4.850   1.00 15.52 ? 41  ARG B O   1 
ATOM   750 C CB  . ARG B 1 46 ? 12.904  1.185   7.705   1.00 19.44 ? 41  ARG B CB  1 
ATOM   751 C CG  . ARG B 1 46 ? 12.901  0.438   9.025   1.00 20.66 ? 41  ARG B CG  1 
ATOM   752 C CD  . ARG B 1 46 ? 13.677  1.168   10.102  1.00 21.90 ? 41  ARG B CD  1 
ATOM   753 N NE  . ARG B 1 46 ? 13.670  0.384   11.343  1.00 23.43 ? 41  ARG B NE  1 
ATOM   754 C CZ  . ARG B 1 46 ? 12.795  0.532   12.343  1.00 24.92 ? 41  ARG B CZ  1 
ATOM   755 N NH1 . ARG B 1 46 ? 11.848  1.469   12.298  1.00 25.66 ? 41  ARG B NH1 1 
ATOM   756 N NH2 . ARG B 1 46 ? 12.879  -0.254  13.415  1.00 25.01 ? 41  ARG B NH2 1 
ATOM   757 N N   . LYS B 1 47 ? 11.191  1.247   4.694   1.00 15.48 ? 42  LYS B N   1 
ATOM   758 C CA  . LYS B 1 47 ? 11.034  1.914   3.405   1.00 16.21 ? 42  LYS B CA  1 
ATOM   759 C C   . LYS B 1 47 ? 9.968   2.984   3.479   1.00 14.26 ? 42  LYS B C   1 
ATOM   760 O O   . LYS B 1 47 ? 9.130   2.984   4.375   1.00 13.48 ? 42  LYS B O   1 
ATOM   761 C CB  . LYS B 1 47 ? 10.719  0.888   2.322   1.00 18.69 ? 42  LYS B CB  1 
ATOM   762 C CG  . LYS B 1 47 ? 11.822  -0.153  2.177   1.00 21.53 ? 42  LYS B CG  1 
ATOM   763 C CD  . LYS B 1 47 ? 11.643  -1.047  0.962   1.00 24.90 ? 42  LYS B CD  1 
ATOM   764 C CE  . LYS B 1 47 ? 10.542  -2.084  1.129   1.00 27.05 ? 42  LYS B CE  1 
ATOM   765 N NZ  . LYS B 1 47 ? 10.948  -3.256  1.966   1.00 29.27 ? 42  LYS B NZ  1 
ATOM   766 N N   . CYS B 1 48 ? 10.030  3.903   2.524   1.00 12.55 ? 43  CYS B N   1 
ATOM   767 C CA  . CYS B 1 48 ? 9.112   5.035   2.444   1.00 11.72 ? 43  CYS B CA  1 
ATOM   768 C C   . CYS B 1 48 ? 7.968   4.687   1.514   1.00 11.06 ? 43  CYS B C   1 
ATOM   769 O O   . CYS B 1 48 ? 8.203   4.349   0.338   1.00 11.33 ? 43  CYS B O   1 
ATOM   770 C CB  . CYS B 1 48 ? 9.865   6.260   1.930   1.00 11.20 ? 43  CYS B CB  1 
ATOM   771 S SG  . CYS B 1 48 ? 8.809   7.663   1.498   1.00 11.27 ? 43  CYS B SG  1 
ATOM   772 N N   . PHE B 1 49 ? 6.736   4.787   2.025   1.00 11.72 ? 44  PHE B N   1 
ATOM   773 C CA  . PHE B 1 49 ? 5.530   4.526   1.241   1.00 11.79 ? 44  PHE B CA  1 
ATOM   774 C C   . PHE B 1 49 ? 4.721   5.791   1.100   1.00 11.58 ? 44  PHE B C   1 
ATOM   775 O O   . PHE B 1 49 ? 4.374   6.418   2.092   1.00 11.85 ? 44  PHE B O   1 
ATOM   776 C CB  . PHE B 1 49 ? 4.672   3.446   1.891   1.00 12.88 ? 44  PHE B CB  1 
ATOM   777 C CG  . PHE B 1 49 ? 5.249   2.077   1.749   1.00 13.46 ? 44  PHE B CG  1 
ATOM   778 C CD1 . PHE B 1 49 ? 4.860   1.242   0.713   1.00 14.70 ? 44  PHE B CD1 1 
ATOM   779 C CD2 . PHE B 1 49 ? 6.239   1.659   2.624   1.00 14.93 ? 44  PHE B CD2 1 
ATOM   780 C CE1 . PHE B 1 49 ? 5.411   -0.021  0.582   1.00 15.52 ? 44  PHE B CE1 1 
ATOM   781 C CE2 . PHE B 1 49 ? 6.802   0.408   2.494   1.00 15.32 ? 44  PHE B CE2 1 
ATOM   782 C CZ  . PHE B 1 49 ? 6.386   -0.428  1.471   1.00 15.44 ? 44  PHE B CZ  1 
ATOM   783 N N   . CYS B 1 50 ? 4.471   6.178   -0.147  1.00 11.28 ? 45  CYS B N   1 
ATOM   784 C CA  . CYS B 1 50 ? 3.639   7.333   -0.427  1.00 11.65 ? 45  CYS B CA  1 
ATOM   785 C C   . CYS B 1 50 ? 2.170   6.956   -0.258  1.00 11.85 ? 45  CYS B C   1 
ATOM   786 O O   . CYS B 1 50 ? 1.768   5.814   -0.475  1.00 11.56 ? 45  CYS B O   1 
ATOM   787 C CB  . CYS B 1 50 ? 3.940   7.858   -1.831  1.00 11.78 ? 45  CYS B CB  1 
ATOM   788 S SG  . CYS B 1 50 ? 5.680   8.307   -2.071  1.00 12.18 ? 45  CYS B SG  1 
ATOM   789 N N   . LYS B 1 51 ? 1.367   7.935   0.143   1.00 12.19 ? 46  LYS B N   1 
ATOM   790 C CA  . LYS B 1 51 ? 0.007   7.678   0.593   1.00 13.89 ? 46  LYS B CA  1 
ATOM   791 C C   . LYS B 1 51 ? -0.943  8.688   -0.009  1.00 13.83 ? 46  LYS B C   1 
ATOM   792 O O   . LYS B 1 51 ? -0.678  9.888   0.026   1.00 14.44 ? 46  LYS B O   1 
ATOM   793 C CB  . LYS B 1 51 ? -0.040  7.751   2.117   1.00 14.92 ? 46  LYS B CB  1 
ATOM   794 C CG  . LYS B 1 51 ? -1.375  7.385   2.740   1.00 17.17 ? 46  LYS B CG  1 
ATOM   795 C CD  . LYS B 1 51 ? -1.241  7.245   4.249   1.00 18.96 ? 46  LYS B CD  1 
ATOM   796 C CE  . LYS B 1 51 ? -2.547  6.856   4.897   1.00 21.25 ? 46  LYS B CE  1 
ATOM   797 N NZ  . LYS B 1 51 ? -2.398  6.946   6.376   1.00 22.23 ? 46  LYS B NZ  1 
ATOM   798 N N   . LYS B 1 52 ? -2.025  8.196   -0.602  1.00 14.42 ? 47  LYS B N   1 
ATOM   799 C CA  . LYS B 1 52 ? -3.083  9.063   -1.153  1.00 14.83 ? 47  LYS B CA  1 
ATOM   800 C C   . LYS B 1 52 ? -4.431  8.415   -0.895  1.00 15.26 ? 47  LYS B C   1 
ATOM   801 O O   . LYS B 1 52 ? -4.514  7.270   -0.479  1.00 14.94 ? 47  LYS B O   1 
ATOM   802 C CB  . LYS B 1 52 ? -2.909  9.298   -2.664  1.00 15.47 ? 47  LYS B CB  1 
ATOM   803 C CG  . LYS B 1 52 ? -3.030  8.044   -3.523  1.00 16.87 ? 47  LYS B CG  1 
ATOM   804 C CD  . LYS B 1 52 ? -2.729  8.281   -4.999  1.00 17.93 ? 47  LYS B CD  1 
ATOM   805 C CE  . LYS B 1 52 ? -3.891  8.904   -5.763  1.00 19.44 ? 47  LYS B CE  1 
ATOM   806 N NZ  . LYS B 1 52 ? -5.067  8.002   -5.865  1.00 20.84 ? 47  LYS B NZ  1 
ATOM   807 N N   . VAL B 1 53 ? -5.510  9.158   -1.128  1.00 16.22 ? 48  VAL B N   1 
ATOM   808 C CA  . VAL B 1 53 ? -6.834  8.543   -1.140  1.00 17.36 ? 48  VAL B CA  1 
ATOM   809 C C   . VAL B 1 53 ? -6.941  7.683   -2.388  1.00 18.96 ? 48  VAL B C   1 
ATOM   810 O O   . VAL B 1 53 ? -6.499  8.069   -3.479  1.00 19.97 ? 48  VAL B O   1 
ATOM   811 C CB  . VAL B 1 53 ? -7.960  9.612   -1.105  1.00 18.21 ? 48  VAL B CB  1 
ATOM   812 C CG1 . VAL B 1 53 ? -9.296  9.008   -1.517  1.00 18.83 ? 48  VAL B CG1 1 
ATOM   813 C CG2 . VAL B 1 53 ? -8.045  10.215  0.287   1.00 19.09 ? 48  VAL B CG2 1 
ATOM   814 N N   . CYS B 1 54 ? -7.496  6.490   -2.239  1.00 20.35 ? 49  CYS B N   1 
ATOM   815 C CA  . CYS B 1 54 ? -7.533  5.572   -3.375  1.00 22.94 ? 49  CYS B CA  1 
ATOM   816 C C   . CYS B 1 54 ? -8.182  6.207   -4.609  1.00 24.87 ? 49  CYS B C   1 
ATOM   817 O O   . CYS B 1 54 ? -7.743  6.004   -5.759  1.00 25.86 ? 49  CYS B O   1 
ATOM   818 C CB  . CYS B 1 54 ? -8.220  4.276   -2.990  1.00 22.83 ? 49  CYS B CB  1 
ATOM   819 S SG  . CYS B 1 54 ? -7.253  3.323   -1.813  1.00 23.33 ? 49  CYS B SG  1 
ATOM   820 O OXT . CYS B 1 54 ? -9.142  6.969   -4.475  1.00 26.52 ? 49  CYS B OXT 1 
HETATM 821 P P   . PO4 C 2 .  ? 3.731   -3.299  -9.508  1.00 38.94 ? 101 PO4 A P   1 
HETATM 822 O O1  . PO4 C 2 .  ? 3.432   -2.085  -10.365 1.00 33.75 ? 101 PO4 A O1  1 
HETATM 823 O O2  . PO4 C 2 .  ? 3.111   -4.525  -10.142 1.00 38.36 ? 101 PO4 A O2  1 
HETATM 824 O O3  . PO4 C 2 .  ? 5.226   -3.487  -9.362  1.00 38.95 ? 101 PO4 A O3  1 
HETATM 825 O O4  . PO4 C 2 .  ? 3.128   -3.105  -8.127  1.00 37.18 ? 101 PO4 A O4  1 
HETATM 826 P P   . PO4 D 2 .  ? 8.356   -8.885  9.492   1.00 38.75 ? 102 PO4 A P   1 
HETATM 827 O O1  . PO4 D 2 .  ? 7.653   -8.021  8.476   1.00 37.85 ? 102 PO4 A O1  1 
HETATM 828 O O2  . PO4 D 2 .  ? 9.590   -8.189  9.991   1.00 40.98 ? 102 PO4 A O2  1 
HETATM 829 O O3  . PO4 D 2 .  ? 8.727   -10.207 8.866   1.00 38.09 ? 102 PO4 A O3  1 
HETATM 830 O O4  . PO4 D 2 .  ? 7.476   -9.123  10.683  1.00 40.03 ? 102 PO4 A O4  1 
HETATM 831 O O   . HOH E 3 .  ? 8.651   -1.278  -16.059 1.00 35.28 ? 201 HOH A O   1 
HETATM 832 O O   . HOH E 3 .  ? -17.754 -2.291  -4.377  1.00 33.33 ? 202 HOH A O   1 
HETATM 833 O O   . HOH E 3 .  ? -14.948 -0.015  -2.510  1.00 35.86 ? 203 HOH A O   1 
HETATM 834 O O   . HOH E 3 .  ? -2.703  -11.165 -7.500  1.00 31.77 ? 204 HOH A O   1 
HETATM 835 O O   . HOH E 3 .  ? 3.757   -0.345  -20.068 1.00 24.81 ? 205 HOH A O   1 
HETATM 836 O O   . HOH E 3 .  ? -7.926  -0.396  4.053   1.00 28.53 ? 206 HOH A O   1 
HETATM 837 O O   . HOH E 3 .  ? -18.199 -2.242  -7.918  1.00 38.49 ? 207 HOH A O   1 
HETATM 838 O O   . HOH E 3 .  ? 2.329   -9.875  13.786  1.00 29.20 ? 208 HOH A O   1 
HETATM 839 O O   . HOH E 3 .  ? 9.847   -5.685  10.864  1.00 25.33 ? 209 HOH A O   1 
HETATM 840 O O   . HOH E 3 .  ? -7.801  -6.874  5.988   1.00 33.28 ? 210 HOH A O   1 
HETATM 841 O O   . HOH E 3 .  ? -15.838 -0.834  3.695   1.00 37.23 ? 211 HOH A O   1 
HETATM 842 O O   . HOH E 3 .  ? -7.232  -18.380 5.856   1.00 19.24 ? 212 HOH A O   1 
HETATM 843 O O   . HOH E 3 .  ? -17.595 -4.970  -7.414  1.00 31.52 ? 213 HOH A O   1 
HETATM 844 O O   . HOH E 3 .  ? 4.946   -7.315  3.102   1.00 35.33 ? 214 HOH A O   1 
HETATM 845 O O   . HOH E 3 .  ? 5.462   3.095   -12.714 1.00 26.03 ? 215 HOH A O   1 
HETATM 846 O O   . HOH E 3 .  ? -16.388 -9.995  5.130   1.00 25.92 ? 216 HOH A O   1 
HETATM 847 O O   . HOH E 3 .  ? -13.182 -12.395 -10.951 1.00 21.84 ? 217 HOH A O   1 
HETATM 848 O O   . HOH E 3 .  ? 3.616   -13.513 8.425   1.00 35.40 ? 218 HOH A O   1 
HETATM 849 O O   . HOH E 3 .  ? 2.337   -11.710 -2.836  1.00 42.87 ? 219 HOH A O   1 
HETATM 850 O O   . HOH E 3 .  ? -10.029 -17.143 -6.193  1.00 13.12 ? 220 HOH A O   1 
HETATM 851 O O   . HOH E 3 .  ? 3.950   0.266   -8.936  1.00 18.41 ? 221 HOH A O   1 
HETATM 852 O O   . HOH E 3 .  ? 0.581   2.645   -17.915 1.00 25.43 ? 222 HOH A O   1 
HETATM 853 O O   . HOH E 3 .  ? -5.543  6.231   -12.055 1.00 32.03 ? 223 HOH A O   1 
HETATM 854 O O   . HOH E 3 .  ? -6.765  -9.045  4.889   1.00 18.10 ? 224 HOH A O   1 
HETATM 855 O O   . HOH E 3 .  ? -9.620  -17.251 5.773   1.00 30.53 ? 225 HOH A O   1 
HETATM 856 O O   . HOH E 3 .  ? -0.475  -14.279 14.139  1.00 28.09 ? 226 HOH A O   1 
HETATM 857 O O   . HOH E 3 .  ? 5.259   -4.796  -12.008 1.00 51.17 ? 227 HOH A O   1 
HETATM 858 O O   . HOH E 3 .  ? -0.765  6.323   -11.508 1.00 29.22 ? 228 HOH A O   1 
HETATM 859 O O   . HOH E 3 .  ? -1.463  -0.784  1.784   1.00 20.37 ? 229 HOH A O   1 
HETATM 860 O O   . HOH E 3 .  ? -7.129  -17.601 9.200   1.00 27.77 ? 230 HOH A O   1 
HETATM 861 O O   . HOH E 3 .  ? 5.156   7.957   -10.132 1.00 21.60 ? 231 HOH A O   1 
HETATM 862 O O   . HOH E 3 .  ? -7.926  -10.548 7.066   1.00 22.28 ? 232 HOH A O   1 
HETATM 863 O O   . HOH E 3 .  ? 0.519   4.845   -13.340 1.00 26.32 ? 233 HOH A O   1 
HETATM 864 O O   . HOH E 3 .  ? -6.812  0.565   -11.448 1.00 22.75 ? 234 HOH A O   1 
HETATM 865 O O   . HOH E 3 .  ? -2.591  -5.154  -10.907 1.00 27.10 ? 235 HOH A O   1 
HETATM 866 O O   . HOH E 3 .  ? 5.884   4.026   -17.214 1.00 24.29 ? 236 HOH A O   1 
HETATM 867 O O   . HOH E 3 .  ? -19.564 -5.628  -5.269  1.00 32.48 ? 237 HOH A O   1 
HETATM 868 O O   . HOH E 3 .  ? -8.009  -14.005 -8.844  1.00 25.06 ? 238 HOH A O   1 
HETATM 869 O O   . HOH E 3 .  ? -10.709 -8.708  8.547   1.00 34.56 ? 239 HOH A O   1 
HETATM 870 O O   . HOH E 3 .  ? -9.993  2.469   4.974   1.00 30.57 ? 240 HOH A O   1 
HETATM 871 O O   . HOH E 3 .  ? -9.653  -16.040 -10.231 1.00 20.60 ? 241 HOH A O   1 
HETATM 872 O O   . HOH E 3 .  ? 3.999   -15.751 5.969   1.00 41.23 ? 242 HOH A O   1 
HETATM 873 O O   . HOH E 3 .  ? -4.969  -12.410 13.505  1.00 43.43 ? 243 HOH A O   1 
HETATM 874 O O   . HOH E 3 .  ? -4.138  -3.289  -10.264 1.00 19.24 ? 244 HOH A O   1 
HETATM 875 O O   . HOH E 3 .  ? -1.012  -17.251 5.273   1.00 34.34 ? 245 HOH A O   1 
HETATM 876 O O   . HOH E 3 .  ? -10.135 -11.411 10.149  1.00 34.31 ? 246 HOH A O   1 
HETATM 877 O O   . HOH E 3 .  ? -5.361  -13.731 -9.717  1.00 38.70 ? 247 HOH A O   1 
HETATM 878 O O   . HOH E 3 .  ? 0.379   -7.969  6.291   1.00 32.05 ? 248 HOH A O   1 
HETATM 879 O O   . HOH E 3 .  ? 0.118   -5.666  -11.280 1.00 38.33 ? 249 HOH A O   1 
HETATM 880 O O   . HOH E 3 .  ? -6.968  -17.397 0.943   1.00 5.98  ? 250 HOH A O   1 
HETATM 881 O O   . HOH E 3 .  ? 0.685   -18.760 3.422   1.00 35.09 ? 251 HOH A O   1 
HETATM 882 O O   . HOH E 3 .  ? 2.301   -5.838  4.547   1.00 32.74 ? 252 HOH A O   1 
HETATM 883 O O   . HOH E 3 .  ? -7.711  -19.239 3.347   1.00 20.44 ? 253 HOH A O   1 
HETATM 884 O O   . HOH E 3 .  ? -15.597 -2.287  0.519   1.00 37.80 ? 254 HOH A O   1 
HETATM 885 O O   . HOH E 3 .  ? -17.246 -0.974  -1.403  1.00 44.19 ? 255 HOH A O   1 
HETATM 886 O O   . HOH E 3 .  ? -5.007  -2.706  -12.892 1.00 24.66 ? 256 HOH A O   1 
HETATM 887 O O   . HOH E 3 .  ? 1.720   -4.440  2.004   1.00 33.38 ? 257 HOH A O   1 
HETATM 888 O O   . HOH F 3 .  ? -13.696 8.934   10.700  1.00 34.98 ? 101 HOH B O   1 
HETATM 889 O O   . HOH F 3 .  ? 9.142   -1.169  12.674  1.00 38.52 ? 102 HOH B O   1 
HETATM 890 O O   . HOH F 3 .  ? 11.717  3.306   -2.179  1.00 36.69 ? 103 HOH B O   1 
HETATM 891 O O   . HOH F 3 .  ? -13.550 6.785   8.649   1.00 36.66 ? 104 HOH B O   1 
HETATM 892 O O   . HOH F 3 .  ? 9.681   12.350  11.340  1.00 43.29 ? 105 HOH B O   1 
HETATM 893 O O   . HOH F 3 .  ? 10.566  16.461  6.468   1.00 14.63 ? 106 HOH B O   1 
HETATM 894 O O   . HOH F 3 .  ? 9.274   1.493   9.452   1.00 28.68 ? 107 HOH B O   1 
HETATM 895 O O   . HOH F 3 .  ? 18.521  6.741   6.169   1.00 20.85 ? 108 HOH B O   1 
HETATM 896 O O   . HOH F 3 .  ? 3.193   10.524  7.832   1.00 32.17 ? 109 HOH B O   1 
HETATM 897 O O   . HOH F 3 .  ? -10.834 11.077  4.545   1.00 38.55 ? 110 HOH B O   1 
HETATM 898 O O   . HOH F 3 .  ? 20.169  3.730   4.485   1.00 34.40 ? 111 HOH B O   1 
HETATM 899 O O   . HOH F 3 .  ? 7.971   17.023  -8.631  1.00 28.08 ? 112 HOH B O   1 
HETATM 900 O O   . HOH F 3 .  ? 16.323  9.816   -5.609  1.00 21.95 ? 113 HOH B O   1 
HETATM 901 O O   . HOH F 3 .  ? 4.325   14.643  7.896   1.00 32.22 ? 114 HOH B O   1 
HETATM 902 O O   . HOH F 3 .  ? -9.042  9.536   -5.450  1.00 29.35 ? 115 HOH B O   1 
HETATM 903 O O   . HOH F 3 .  ? 15.328  -1.686  10.623  1.00 27.15 ? 116 HOH B O   1 
HETATM 904 O O   . HOH F 3 .  ? -19.154 10.421  14.017  1.00 26.52 ? 117 HOH B O   1 
HETATM 905 O O   . HOH F 3 .  ? 19.291  7.438   3.325   1.00 23.08 ? 118 HOH B O   1 
HETATM 906 O O   . HOH F 3 .  ? -15.657 12.904  16.287  1.00 35.68 ? 119 HOH B O   1 
HETATM 907 O O   . HOH F 3 .  ? 15.124  0.454   1.776   1.00 32.40 ? 120 HOH B O   1 
HETATM 908 O O   . HOH F 3 .  ? 4.495   10.779  -9.689  1.00 22.11 ? 121 HOH B O   1 
HETATM 909 O O   . HOH F 3 .  ? 0.078   8.698   7.181   1.00 48.34 ? 122 HOH B O   1 
HETATM 910 O O   . HOH F 3 .  ? -5.452  11.750  -2.204  1.00 21.72 ? 123 HOH B O   1 
HETATM 911 O O   . HOH F 3 .  ? 12.591  -2.995  10.567  1.00 34.92 ? 124 HOH B O   1 
HETATM 912 O O   . HOH F 3 .  ? 6.318   2.129   -6.527  1.00 22.54 ? 125 HOH B O   1 
HETATM 913 O O   . HOH F 3 .  ? 11.032  3.416   10.431  1.00 21.69 ? 126 HOH B O   1 
HETATM 914 O O   . HOH F 3 .  ? 15.129  -7.867  6.158   1.00 25.90 ? 127 HOH B O   1 
HETATM 915 O O   . HOH F 3 .  ? 11.867  3.701   0.391   1.00 16.90 ? 128 HOH B O   1 
HETATM 916 O O   . HOH F 3 .  ? 4.184   3.977   9.983   1.00 45.45 ? 129 HOH B O   1 
HETATM 917 O O   . HOH F 3 .  ? -0.780  17.168  1.924   1.00 33.93 ? 130 HOH B O   1 
HETATM 918 O O   . HOH F 3 .  ? -2.135  11.728  -5.756  1.00 29.81 ? 131 HOH B O   1 
HETATM 919 O O   . HOH F 3 .  ? 9.786   7.169   -11.222 1.00 46.32 ? 132 HOH B O   1 
HETATM 920 O O   . HOH F 3 .  ? 7.224   -11.528 3.124   1.00 38.38 ? 133 HOH B O   1 
HETATM 921 O O   . HOH F 3 .  ? 5.931   -0.815  9.951   1.00 27.73 ? 134 HOH B O   1 
HETATM 922 O O   . HOH F 3 .  ? 9.035   8.570   11.766  1.00 30.06 ? 135 HOH B O   1 
HETATM 923 O O   . HOH F 3 .  ? 4.682   -2.989  7.460   1.00 33.19 ? 136 HOH B O   1 
HETATM 924 O O   . HOH F 3 .  ? 5.525   14.796  -9.497  1.00 25.99 ? 137 HOH B O   1 
HETATM 925 O O   . HOH F 3 .  ? 10.776  2.192   -5.695  1.00 33.14 ? 138 HOH B O   1 
HETATM 926 O O   . HOH F 3 .  ? 18.031  3.240   -1.503  1.00 27.73 ? 139 HOH B O   1 
HETATM 927 O O   . HOH F 3 .  ? -14.423 9.491   13.537  1.00 25.41 ? 140 HOH B O   1 
HETATM 928 O O   . HOH F 3 .  ? 2.325   -0.366  -1.157  1.00 20.15 ? 141 HOH B O   1 
HETATM 929 O O   . HOH F 3 .  ? 6.105   15.960  6.310   1.00 22.12 ? 142 HOH B O   1 
HETATM 930 O O   . HOH F 3 .  ? 6.981   18.681  6.794   1.00 20.93 ? 143 HOH B O   1 
HETATM 931 O O   . HOH F 3 .  ? 14.732  3.555   0.020   1.00 25.98 ? 144 HOH B O   1 
HETATM 932 O O   . HOH F 3 .  ? 9.301   -1.924  4.060   1.00 27.26 ? 145 HOH B O   1 
HETATM 933 O O   . HOH F 3 .  ? 12.582  -7.685  4.175   1.00 40.46 ? 146 HOH B O   1 
HETATM 934 O O   . HOH F 3 .  ? -13.735 0.818   -0.129  1.00 34.68 ? 147 HOH B O   1 
HETATM 935 O O   . HOH F 3 .  ? 5.997   1.669   -10.181 1.00 30.03 ? 148 HOH B O   1 
HETATM 936 O O   . HOH F 3 .  ? 14.446  9.515   7.002   1.00 22.24 ? 149 HOH B O   1 
HETATM 937 O O   . HOH F 3 .  ? -1.445  15.123  -7.205  1.00 28.01 ? 150 HOH B O   1 
HETATM 938 O O   . HOH F 3 .  ? 11.173  10.046  13.202  1.00 35.54 ? 151 HOH B O   1 
HETATM 939 O O   . HOH F 3 .  ? 15.279  11.227  4.944   1.00 22.02 ? 152 HOH B O   1 
HETATM 940 O O   . HOH F 3 .  ? -3.150  10.557  1.954   1.00 24.45 ? 153 HOH B O   1 
HETATM 941 O O   . HOH F 3 .  ? -4.680  4.826   -5.586  1.00 31.48 ? 154 HOH B O   1 
HETATM 942 O O   . HOH F 3 .  ? -16.740 7.676   3.242   1.00 37.22 ? 155 HOH B O   1 
HETATM 943 O O   . HOH F 3 .  ? -15.658 7.492   11.442  1.00 33.39 ? 156 HOH B O   1 
HETATM 944 O O   . HOH F 3 .  ? 7.082   2.311   11.329  1.00 39.48 ? 157 HOH B O   1 
HETATM 945 O O   . HOH F 3 .  ? -6.904  12.039  3.480   1.00 29.88 ? 158 HOH B O   1 
HETATM 946 O O   . HOH F 3 .  ? -0.187  17.178  -8.620  1.00 41.66 ? 159 HOH B O   1 
HETATM 947 O O   . HOH F 3 .  ? 6.364   -2.844  4.185   1.00 30.06 ? 160 HOH B O   1 
HETATM 948 O O   . HOH F 3 .  ? -13.257 12.784  13.066  1.00 36.92 ? 161 HOH B O   1 
HETATM 949 O O   . HOH F 3 .  ? 13.114  0.619   -5.165  1.00 34.38 ? 162 HOH B O   1 
HETATM 950 O O   . HOH F 3 .  ? 20.295  1.295   2.854   1.00 39.73 ? 163 HOH B O   1 
HETATM 951 O O   . HOH F 3 .  ? 21.332  6.381   2.152   1.00 32.86 ? 164 HOH B O   1 
HETATM 952 O O   . HOH F 3 .  ? 9.596   5.598   11.487  1.00 40.57 ? 165 HOH B O   1 
HETATM 953 O O   . HOH F 3 .  ? 15.239  8.838   -8.307  1.00 34.20 ? 166 HOH B O   1 
HETATM 954 O O   . HOH F 3 .  ? -4.899  12.671  1.555   1.00 31.03 ? 167 HOH B O   1 
HETATM 955 O O   . HOH F 3 .  ? -3.443  15.376  -3.514  1.00 40.53 ? 168 HOH B O   1 
HETATM 956 O O   . HOH F 3 .  ? 10.277  -1.824  16.865  1.00 34.87 ? 169 HOH B O   1 
HETATM 957 O O   . HOH F 3 .  ? -3.845  15.242  2.951   1.00 38.27 ? 170 HOH B O   1 
# 
